data_8V2B
#
_entry.id   8V2B
#
_cell.length_a   1.00
_cell.length_b   1.00
_cell.length_c   1.00
_cell.angle_alpha   90.00
_cell.angle_beta   90.00
_cell.angle_gamma   90.00
#
_symmetry.space_group_name_H-M   'P 1'
#
loop_
_entity.id
_entity.type
_entity.pdbx_description
1 polymer Oncostatin-M
2 polymer 'Interleukin-6 receptor subunit beta'
3 polymer 'Oncostatin-M-specific receptor subunit beta'
4 branched 2-acetamido-2-deoxy-beta-D-glucopyranose-(1-4)-2-acetamido-2-deoxy-beta-D-glucopyranose
5 non-polymer 2-acetamido-2-deoxy-beta-D-glucopyranose
#
loop_
_entity_poly.entity_id
_entity_poly.type
_entity_poly.pdbx_seq_one_letter_code
_entity_poly.pdbx_strand_id
1 'polypeptide(L)'
;ANRGCSNSSSQLLSQLQNQANLTGNTESLLEPYIRLQNLNTPDLRAACTQHSVAFPSEDTLRQLSKPHFLSTVYTTLDRV
LYQLDALRQKFLKTPAFPKLDSARHNILGIRNNVFCMARLLNHSLEIPEPTQTDSGASRSTTTPDVFNTKIGSCGFLWGY
HRFMGSVGRVFREWDDGSTRSRR
;
A
2 'polypeptide(L)'
;QLLEPCGYIYPEFPVVQRGSNFTAICVLKEACLQHYYVNASYIVWKTNHAAVPREQVTVINRTTSSVTFTDVVLPSVQLT
CNILSFGQIEQNVYGVTMLSGFPPDKPTNLTCIVNEGKNMLCQWDPGRETYLETNYTLKSEWATEKFPDCQSKHGTSCMV
SYMPTYYVNIEVWVEAENALGKVSSESINFDPVDKVKPTPPYNLSVTNSEELSSILKLSWVSSGLGGLLDLKSDIQYRTK
DASTWIQVPLEDTMSPRTSFTVQDLKPFTEYVFRIRSIKDSGKGYWSDWSEEASGTTYEDRPSRPPSFWYKTNPSHGQEY
RSVRLIWKALPLSEANGKILDYEVILTQSKSVSQTYTVTGTELTVNLTNDRYVASLAARNKVGKSAAAVLTIPSPHVTAA
YSVVNLKAFPKDNLLWVEWTPPPKPVSKYILEWCVLSENAPCVEDWQQEDATVNRTHLRGRLLESKCYQITVTPVFATGP
GGSESLKAYLKQAAPARGPTVRTKKVGKNEAVLAWDQIPVDDQNGFIRNYSISYRTSVGKEMVVHVDSSHTEYTLSSLSS
DTLYMVRMAAYTDEGGKDGPEFTFTTPKFAQGEIEEQKLISEEDLGGEQKLISEEDLHHHHHH
;
B
3 'polypeptide(L)'
;EVLEEPLPLTPEIHKVSFQLKLQEVNLEWTVPALTHEELNMIFQIEISRLNISNTIWVENYSTTVKREEAVRWNWTSDIP
LECVKHFIRIRALVDDTKSLPQSSWGNWSSWKEVNAKVSVEPDKSLIFPKDKVLEEGSNVTICLMYGQNVYNVSCKLQDE
PIHGEQLDSHVSLLKLNNVVFLSDTGTNINCQATKGPKRIFGTVLFVSKVLEEPKNVSCETRDFKTLDCSWEPGVDTTLT
WRKQRFQNYTLCESFSKRCEVSNYRNSYTWQITEGSQEMYNFTLTAENQLRKRSVNINFNLTHRVHPKAPQDVTLKIIGA
TKANMTWKVHSHGNNYTLLCQVKLQYGEVIHEHNVSVHMSANYLFSDLDPDTKYKAFVRCASANHFWKWSDWTQKEFSTP
ETAPSQALDVWRQVWSENGRRIVTLFWKPLLKSQANGKIISYNIVVENEAKPTESEHYCVWAPALSTNLSLDLQPYKIRI
TTNNSMGASPESLMVLSNDSGHEEVKEKTIKGIKDAFNISWEPVSGDTMGYVVDWCAHSQDQRCDLQWKNLGPNTTSTTI
TSDDFKPGVRYNFRIFERSVEHKARLVEKQRGYTQELAPLVNPKVEIPYSTPNSFVLRWPDYDSDFQAGFIKGYLVYVKS
KEMQCNQPWERTLLPDNSVLCKYDINGSETKTLTVENLQPESLYEFFVTPYTSAGPGPNETFTKVTTPDARSHML
;
C
#
loop_
_chem_comp.id
_chem_comp.type
_chem_comp.name
_chem_comp.formula
NAG D-saccharide, beta linking 2-acetamido-2-deoxy-beta-D-glucopyranose 'C8 H15 N O6'
#
# COMPACT_ATOMS: atom_id res chain seq x y z
N ALA A 1 44.72 -24.69 1.07
CA ALA A 1 46.08 -24.51 0.57
C ALA A 1 46.10 -23.66 -0.69
N ASN A 2 46.02 -24.31 -1.84
CA ASN A 2 46.01 -23.63 -3.13
C ASN A 2 44.63 -23.13 -3.54
N ARG A 3 43.66 -23.14 -2.62
CA ARG A 3 42.30 -22.71 -2.91
C ARG A 3 42.06 -21.24 -2.55
N GLY A 4 43.11 -20.42 -2.59
CA GLY A 4 42.97 -19.02 -2.28
C GLY A 4 44.30 -18.32 -2.41
N CYS A 5 44.27 -16.99 -2.24
CA CYS A 5 45.46 -16.15 -2.26
C CYS A 5 46.19 -16.29 -3.60
N SER A 6 45.51 -15.82 -4.65
CA SER A 6 46.01 -15.94 -6.01
C SER A 6 47.38 -15.26 -6.18
N ASN A 7 48.00 -15.52 -7.32
CA ASN A 7 49.37 -15.10 -7.59
C ASN A 7 49.54 -13.59 -7.65
N SER A 8 48.46 -12.81 -7.60
CA SER A 8 48.57 -11.36 -7.64
C SER A 8 49.25 -10.86 -6.37
N SER A 9 50.28 -10.03 -6.54
CA SER A 9 51.05 -9.51 -5.43
C SER A 9 50.72 -8.06 -5.08
N SER A 10 50.48 -7.23 -6.10
CA SER A 10 50.15 -5.82 -5.83
C SER A 10 48.82 -5.70 -5.10
N GLN A 11 47.83 -6.53 -5.46
CA GLN A 11 46.56 -6.52 -4.75
C GLN A 11 46.74 -6.93 -3.30
N LEU A 12 47.59 -7.93 -3.05
CA LEU A 12 47.85 -8.35 -1.67
C LEU A 12 48.53 -7.25 -0.88
N LEU A 13 49.49 -6.56 -1.50
CA LEU A 13 50.15 -5.46 -0.81
C LEU A 13 49.19 -4.33 -0.50
N SER A 14 48.31 -4.00 -1.44
CA SER A 14 47.32 -2.95 -1.21
C SER A 14 46.35 -3.35 -0.10
N GLN A 15 45.93 -4.62 -0.08
CA GLN A 15 45.05 -5.08 0.99
C GLN A 15 45.74 -5.00 2.34
N LEU A 16 47.03 -5.38 2.39
CA LEU A 16 47.77 -5.29 3.65
C LEU A 16 47.88 -3.85 4.12
N GLN A 17 48.20 -2.92 3.21
CA GLN A 17 48.31 -1.52 3.60
C GLN A 17 46.97 -0.98 4.08
N ASN A 18 45.88 -1.34 3.40
CA ASN A 18 44.57 -0.86 3.82
C ASN A 18 44.17 -1.43 5.18
N GLN A 19 44.45 -2.71 5.41
CA GLN A 19 44.14 -3.30 6.70
C GLN A 19 44.97 -2.66 7.83
N ALA A 20 46.23 -2.38 7.56
CA ALA A 20 47.06 -1.72 8.56
C ALA A 20 46.56 -0.31 8.87
N ASN A 21 46.19 0.44 7.82
CA ASN A 21 45.66 1.79 8.04
C ASN A 21 44.33 1.76 8.77
N LEU A 22 43.52 0.72 8.54
CA LEU A 22 42.24 0.63 9.23
C LEU A 22 42.41 0.22 10.70
N THR A 23 43.35 -0.69 10.96
CA THR A 23 43.54 -1.17 12.34
C THR A 23 44.28 -0.15 13.19
N GLY A 24 45.25 0.56 12.63
CA GLY A 24 46.01 1.54 13.39
C GLY A 24 45.22 2.81 13.68
N ASN A 25 44.16 2.69 14.46
CA ASN A 25 43.30 3.82 14.79
C ASN A 25 42.79 3.65 16.21
N THR A 26 43.01 4.66 17.04
CA THR A 26 42.62 4.59 18.44
C THR A 26 41.11 4.49 18.64
N GLU A 27 40.33 4.95 17.67
CA GLU A 27 38.88 4.85 17.76
C GLU A 27 38.37 3.43 17.57
N SER A 28 39.22 2.49 17.20
CA SER A 28 38.77 1.13 16.91
C SER A 28 38.49 0.37 18.21
N LEU A 29 39.49 0.24 19.07
CA LEU A 29 39.37 -0.63 20.24
C LEU A 29 39.72 0.07 21.54
N LEU A 30 40.63 1.05 21.47
CA LEU A 30 41.12 1.68 22.70
C LEU A 30 40.08 2.63 23.29
N GLU A 31 39.53 3.51 22.45
CA GLU A 31 38.59 4.54 22.92
C GLU A 31 37.29 3.92 23.46
N PRO A 32 36.69 2.92 22.79
CA PRO A 32 35.50 2.30 23.39
C PRO A 32 35.80 1.63 24.72
N TYR A 33 36.95 0.97 24.85
CA TYR A 33 37.31 0.34 26.11
C TYR A 33 37.53 1.37 27.21
N ILE A 34 38.12 2.52 26.85
CA ILE A 34 38.33 3.57 27.85
C ILE A 34 37.01 4.18 28.29
N ARG A 35 36.12 4.44 27.34
CA ARG A 35 34.82 5.01 27.67
C ARG A 35 33.92 4.02 28.39
N LEU A 36 34.19 2.71 28.26
CA LEU A 36 33.35 1.72 28.92
C LEU A 36 33.77 1.49 30.37
N GLN A 37 35.08 1.44 30.62
CA GLN A 37 35.58 1.15 31.96
C GLN A 37 35.65 2.38 32.86
N ASN A 38 35.05 3.50 32.45
CA ASN A 38 35.04 4.73 33.24
C ASN A 38 36.45 5.21 33.54
N LEU A 39 37.25 5.36 32.48
CA LEU A 39 38.64 5.79 32.60
C LEU A 39 38.86 7.10 31.85
N ASN A 40 37.92 8.04 31.96
CA ASN A 40 38.01 9.31 31.26
C ASN A 40 38.74 10.38 32.06
N THR A 41 39.09 10.12 33.31
CA THR A 41 39.84 11.08 34.10
C THR A 41 41.26 11.24 33.54
N PRO A 42 41.76 12.48 33.44
CA PRO A 42 43.12 12.66 32.91
C PRO A 42 44.19 11.89 33.66
N ASP A 43 44.06 11.73 34.98
CA ASP A 43 45.03 10.93 35.73
C ASP A 43 44.96 9.46 35.30
N LEU A 44 43.76 8.96 35.02
CA LEU A 44 43.64 7.59 34.55
C LEU A 44 44.26 7.42 33.16
N ARG A 45 44.12 8.43 32.31
CA ARG A 45 44.77 8.36 31.00
C ARG A 45 46.29 8.43 31.12
N ALA A 46 46.79 9.22 32.08
CA ALA A 46 48.23 9.25 32.32
C ALA A 46 48.73 7.90 32.82
N ALA A 47 47.96 7.25 33.71
CA ALA A 47 48.33 5.91 34.16
C ALA A 47 48.28 4.91 33.01
N CYS A 48 47.32 5.08 32.10
CA CYS A 48 47.27 4.24 30.91
C CYS A 48 48.53 4.40 30.08
N THR A 49 48.90 5.65 29.77
CA THR A 49 50.07 5.89 28.94
C THR A 49 51.39 5.53 29.62
N GLN A 50 51.40 5.48 30.97
CA GLN A 50 52.64 5.16 31.67
C GLN A 50 52.99 3.68 31.50
N HIS A 51 52.11 2.79 31.93
CA HIS A 51 52.34 1.35 31.80
C HIS A 51 52.20 0.95 30.34
N SER A 52 53.30 0.55 29.71
CA SER A 52 53.30 0.17 28.31
C SER A 52 53.99 -1.18 28.15
N VAL A 53 53.39 -2.06 27.35
CA VAL A 53 53.96 -3.37 27.09
C VAL A 53 55.10 -3.23 26.08
N ALA A 54 56.17 -3.97 26.30
CA ALA A 54 57.35 -3.90 25.43
C ALA A 54 57.01 -4.49 24.07
N PHE A 55 56.89 -3.63 23.07
CA PHE A 55 56.63 -4.01 21.69
C PHE A 55 57.83 -3.64 20.82
N PRO A 56 58.03 -4.34 19.69
CA PRO A 56 59.16 -3.99 18.81
C PRO A 56 59.02 -2.56 18.28
N SER A 57 60.13 -1.83 18.35
CA SER A 57 60.13 -0.44 17.93
C SER A 57 60.12 -0.34 16.40
N GLU A 58 60.06 0.90 15.91
CA GLU A 58 60.01 1.13 14.47
C GLU A 58 61.36 0.91 13.81
N ASP A 59 62.44 1.35 14.47
CA ASP A 59 63.77 1.20 13.89
C ASP A 59 64.16 -0.28 13.80
N THR A 60 63.78 -1.08 14.79
CA THR A 60 64.08 -2.51 14.74
C THR A 60 63.36 -3.18 13.58
N LEU A 61 62.11 -2.80 13.33
CA LEU A 61 61.38 -3.37 12.20
C LEU A 61 61.94 -2.89 10.88
N ARG A 62 62.40 -1.64 10.82
CA ARG A 62 62.94 -1.12 9.57
C ARG A 62 64.32 -1.70 9.26
N GLN A 63 65.07 -2.08 10.29
CA GLN A 63 66.41 -2.61 10.06
C GLN A 63 66.39 -4.05 9.58
N LEU A 64 65.39 -4.83 9.97
CA LEU A 64 65.33 -6.23 9.59
C LEU A 64 65.00 -6.39 8.11
N SER A 65 65.31 -7.56 7.57
CA SER A 65 65.00 -7.89 6.19
C SER A 65 63.52 -8.23 6.05
N LYS A 66 63.12 -8.68 4.86
CA LYS A 66 61.71 -8.94 4.62
C LYS A 66 61.22 -10.22 5.30
N PRO A 67 61.87 -11.38 5.14
CA PRO A 67 61.35 -12.58 5.82
C PRO A 67 61.38 -12.50 7.32
N HIS A 68 62.44 -11.93 7.89
CA HIS A 68 62.51 -11.75 9.34
C HIS A 68 61.40 -10.83 9.83
N PHE A 69 61.13 -9.76 9.06
CA PHE A 69 60.05 -8.85 9.42
C PHE A 69 58.69 -9.55 9.38
N LEU A 70 58.46 -10.37 8.35
CA LEU A 70 57.21 -11.11 8.28
C LEU A 70 57.06 -12.08 9.44
N SER A 71 58.16 -12.77 9.80
CA SER A 71 58.09 -13.70 10.93
C SER A 71 57.82 -12.98 12.24
N THR A 72 58.46 -11.82 12.45
CA THR A 72 58.20 -11.06 13.66
C THR A 72 56.77 -10.57 13.72
N VAL A 73 56.22 -10.12 12.58
CA VAL A 73 54.82 -9.70 12.55
C VAL A 73 53.91 -10.87 12.88
N TYR A 74 54.21 -12.05 12.34
CA TYR A 74 53.42 -13.24 12.63
C TYR A 74 53.42 -13.56 14.11
N THR A 75 54.61 -13.58 14.72
CA THR A 75 54.71 -13.92 16.14
C THR A 75 54.01 -12.88 17.01
N THR A 76 54.17 -11.59 16.68
CA THR A 76 53.52 -10.55 17.47
C THR A 76 52.00 -10.62 17.35
N LEU A 77 51.50 -10.92 16.15
CA LEU A 77 50.05 -11.08 15.99
C LEU A 77 49.55 -12.28 16.77
N ASP A 78 50.32 -13.36 16.81
CA ASP A 78 49.93 -14.52 17.62
C ASP A 78 49.84 -14.15 19.10
N ARG A 79 50.85 -13.42 19.60
CA ARG A 79 50.83 -13.01 21.00
C ARG A 79 49.64 -12.08 21.29
N VAL A 80 49.34 -11.18 20.35
CA VAL A 80 48.21 -10.27 20.54
C VAL A 80 46.90 -11.05 20.56
N LEU A 81 46.76 -12.06 19.69
CA LEU A 81 45.57 -12.90 19.71
C LEU A 81 45.43 -13.62 21.04
N TYR A 82 46.54 -14.15 21.56
CA TYR A 82 46.49 -14.84 22.85
C TYR A 82 46.06 -13.88 23.96
N GLN A 83 46.62 -12.67 23.97
CA GLN A 83 46.26 -11.71 25.02
C GLN A 83 44.79 -11.29 24.91
N LEU A 84 44.30 -11.12 23.68
CA LEU A 84 42.90 -10.76 23.51
C LEU A 84 41.98 -11.90 23.95
N ASP A 85 42.37 -13.15 23.68
CA ASP A 85 41.59 -14.28 24.15
C ASP A 85 41.56 -14.33 25.67
N ALA A 86 42.70 -14.03 26.31
CA ALA A 86 42.74 -14.00 27.77
C ALA A 86 41.82 -12.90 28.32
N LEU A 87 41.86 -11.71 27.70
CA LEU A 87 40.99 -10.63 28.14
C LEU A 87 39.53 -10.99 27.96
N ARG A 88 39.19 -11.69 26.86
CA ARG A 88 37.81 -12.11 26.65
C ARG A 88 37.38 -13.14 27.69
N GLN A 89 38.27 -14.09 28.01
CA GLN A 89 37.95 -15.09 29.02
C GLN A 89 37.95 -14.52 30.44
N LYS A 90 38.49 -13.32 30.63
CA LYS A 90 38.45 -12.68 31.93
C LYS A 90 37.29 -11.69 32.10
N PHE A 91 36.82 -11.07 31.01
CA PHE A 91 35.78 -10.05 31.12
C PHE A 91 34.42 -10.67 31.40
N LEU A 92 34.11 -11.79 30.76
CA LEU A 92 32.86 -12.53 30.98
C LEU A 92 31.63 -11.73 30.55
N LYS A 93 31.75 -10.99 29.44
CA LYS A 93 30.59 -10.32 28.87
C LYS A 93 30.86 -10.09 27.38
N THR A 94 30.30 -10.95 26.54
CA THR A 94 30.44 -10.83 25.09
C THR A 94 29.50 -9.80 24.46
N PRO A 95 28.21 -9.73 24.83
CA PRO A 95 27.30 -8.85 24.08
C PRO A 95 27.59 -7.37 24.26
N ALA A 96 28.17 -6.97 25.39
CA ALA A 96 28.42 -5.55 25.66
C ALA A 96 29.72 -5.05 25.05
N PHE A 97 30.36 -5.82 24.19
CA PHE A 97 31.67 -5.41 23.67
C PHE A 97 31.99 -6.17 22.38
N PRO A 98 31.36 -5.82 21.26
CA PRO A 98 31.64 -6.54 20.00
C PRO A 98 32.91 -6.07 19.30
N LYS A 99 33.46 -4.92 19.70
CA LYS A 99 34.73 -4.48 19.12
C LYS A 99 35.83 -5.52 19.31
N LEU A 100 35.73 -6.35 20.35
CA LEU A 100 36.70 -7.42 20.54
C LEU A 100 36.61 -8.44 19.40
N ASP A 101 35.40 -8.88 19.06
CA ASP A 101 35.24 -9.82 17.96
C ASP A 101 35.66 -9.18 16.64
N SER A 102 35.34 -7.90 16.45
CA SER A 102 35.74 -7.22 15.22
C SER A 102 37.26 -7.18 15.08
N ALA A 103 37.96 -6.79 16.15
CA ALA A 103 39.41 -6.73 16.11
C ALA A 103 40.01 -8.12 15.95
N ARG A 104 39.39 -9.14 16.56
CA ARG A 104 39.89 -10.51 16.42
C ARG A 104 39.80 -10.97 14.97
N HIS A 105 38.66 -10.70 14.32
CA HIS A 105 38.51 -11.06 12.91
C HIS A 105 39.50 -10.29 12.03
N ASN A 106 39.71 -9.01 12.33
CA ASN A 106 40.66 -8.21 11.56
C ASN A 106 42.07 -8.76 11.71
N ILE A 107 42.46 -9.16 12.93
CA ILE A 107 43.79 -9.70 13.15
C ILE A 107 43.94 -11.05 12.44
N LEU A 108 42.88 -11.87 12.45
CA LEU A 108 42.93 -13.13 11.72
C LEU A 108 43.10 -12.89 10.22
N GLY A 109 42.41 -11.88 9.69
CA GLY A 109 42.57 -11.55 8.28
C GLY A 109 43.98 -11.08 7.96
N ILE A 110 44.55 -10.23 8.82
CA ILE A 110 45.91 -9.75 8.61
C ILE A 110 46.89 -10.92 8.68
N ARG A 111 46.66 -11.87 9.58
CA ARG A 111 47.52 -13.04 9.67
C ARG A 111 47.44 -13.88 8.41
N ASN A 112 46.23 -14.09 7.88
CA ASN A 112 46.08 -14.83 6.63
C ASN A 112 46.79 -14.12 5.49
N ASN A 113 46.66 -12.79 5.41
CA ASN A 113 47.29 -12.05 4.34
C ASN A 113 48.81 -12.13 4.43
N VAL A 114 49.37 -11.99 5.63
CA VAL A 114 50.82 -12.04 5.75
C VAL A 114 51.34 -13.45 5.51
N PHE A 115 50.56 -14.48 5.87
CA PHE A 115 50.98 -15.84 5.55
C PHE A 115 50.99 -16.08 4.05
N CYS A 116 49.97 -15.58 3.35
CA CYS A 116 49.95 -15.74 1.89
C CYS A 116 51.10 -14.96 1.24
N MET A 117 51.39 -13.76 1.75
CA MET A 117 52.50 -12.99 1.21
C MET A 117 53.83 -13.70 1.44
N ALA A 118 54.00 -14.32 2.62
CA ALA A 118 55.22 -15.07 2.88
C ALA A 118 55.31 -16.30 1.98
N ARG A 119 54.18 -16.95 1.71
CA ARG A 119 54.19 -18.10 0.81
C ARG A 119 54.52 -17.69 -0.62
N LEU A 120 54.11 -16.49 -1.02
CA LEU A 120 54.39 -16.03 -2.39
C LEU A 120 55.87 -15.79 -2.62
N LEU A 121 56.61 -15.42 -1.58
CA LEU A 121 58.04 -15.16 -1.68
C LEU A 121 58.87 -16.42 -1.48
N ASN A 122 58.25 -17.60 -1.49
CA ASN A 122 58.96 -18.88 -1.32
C ASN A 122 59.72 -18.92 0.01
N HIS A 123 59.12 -18.36 1.05
CA HIS A 123 59.70 -18.34 2.38
C HIS A 123 58.82 -19.14 3.34
N SER A 124 59.45 -19.90 4.22
CA SER A 124 58.75 -20.74 5.18
C SER A 124 58.71 -20.02 6.54
N LEU A 125 57.51 -19.79 7.04
CA LEU A 125 57.34 -19.12 8.32
C LEU A 125 57.73 -20.06 9.47
N GLU A 126 58.09 -19.45 10.59
CA GLU A 126 58.48 -20.21 11.77
C GLU A 126 57.23 -20.75 12.47
N ILE A 127 57.19 -22.05 12.68
CA ILE A 127 56.06 -22.73 13.31
C ILE A 127 56.48 -23.13 14.71
N PRO A 128 55.73 -22.74 15.76
CA PRO A 128 56.05 -23.08 17.14
C PRO A 128 55.82 -24.56 17.45
N ARG A 139 47.80 -19.49 34.00
CA ARG A 139 46.46 -19.43 33.42
C ARG A 139 45.40 -19.51 34.51
N SER A 140 44.84 -18.36 34.88
CA SER A 140 43.80 -18.28 35.91
C SER A 140 42.70 -17.36 35.42
N THR A 141 41.46 -17.86 35.46
CA THR A 141 40.33 -17.05 35.02
C THR A 141 39.99 -15.96 36.03
N THR A 142 40.00 -16.30 37.32
CA THR A 142 39.69 -15.31 38.34
C THR A 142 40.80 -14.27 38.45
N THR A 143 40.42 -13.07 38.90
CA THR A 143 41.36 -11.96 39.02
C THR A 143 41.33 -11.45 40.45
N PRO A 144 42.49 -11.37 41.12
CA PRO A 144 42.49 -10.81 42.49
C PRO A 144 42.08 -9.36 42.54
N ASP A 145 42.71 -8.51 41.73
CA ASP A 145 42.39 -7.09 41.67
C ASP A 145 41.87 -6.74 40.27
N VAL A 146 41.11 -5.64 40.21
CA VAL A 146 40.53 -5.20 38.96
C VAL A 146 41.21 -3.94 38.42
N PHE A 147 41.68 -3.04 39.29
CA PHE A 147 42.32 -1.82 38.82
C PHE A 147 43.60 -2.13 38.05
N ASN A 148 44.44 -3.03 38.59
CA ASN A 148 45.66 -3.40 37.90
C ASN A 148 45.37 -4.07 36.58
N THR A 149 44.31 -4.90 36.52
CA THR A 149 43.93 -5.54 35.27
C THR A 149 43.50 -4.50 34.24
N LYS A 150 42.71 -3.51 34.67
CA LYS A 150 42.29 -2.45 33.76
C LYS A 150 43.49 -1.69 33.22
N ILE A 151 44.43 -1.33 34.10
CA ILE A 151 45.61 -0.59 33.68
C ILE A 151 46.45 -1.41 32.70
N GLY A 152 46.62 -2.70 32.99
CA GLY A 152 47.40 -3.54 32.09
C GLY A 152 46.75 -3.69 30.73
N SER A 153 45.43 -3.89 30.70
CA SER A 153 44.73 -3.99 29.42
C SER A 153 44.82 -2.68 28.64
N CYS A 154 44.70 -1.55 29.32
CA CYS A 154 44.83 -0.25 28.66
C CYS A 154 46.21 -0.09 28.04
N GLY A 155 47.26 -0.41 28.80
CA GLY A 155 48.60 -0.30 28.27
C GLY A 155 48.86 -1.24 27.11
N PHE A 156 48.31 -2.47 27.19
CA PHE A 156 48.47 -3.41 26.10
C PHE A 156 47.78 -2.92 24.84
N LEU A 157 46.58 -2.35 24.98
CA LEU A 157 45.87 -1.83 23.82
C LEU A 157 46.63 -0.65 23.20
N TRP A 158 47.19 0.23 24.04
CA TRP A 158 47.97 1.34 23.51
C TRP A 158 49.19 0.85 22.75
N GLY A 159 49.93 -0.12 23.33
CA GLY A 159 51.07 -0.67 22.64
C GLY A 159 50.70 -1.37 21.35
N TYR A 160 49.55 -2.05 21.34
CA TYR A 160 49.11 -2.72 20.13
C TYR A 160 48.76 -1.73 19.03
N HIS A 161 48.11 -0.62 19.38
CA HIS A 161 47.81 0.40 18.37
C HIS A 161 49.09 1.03 17.83
N ARG A 162 50.06 1.30 18.71
CA ARG A 162 51.33 1.85 18.24
C ARG A 162 52.05 0.87 17.31
N PHE A 163 52.03 -0.42 17.65
CA PHE A 163 52.67 -1.43 16.82
C PHE A 163 51.97 -1.53 15.46
N MET A 164 50.64 -1.43 15.44
CA MET A 164 49.92 -1.47 14.18
C MET A 164 50.27 -0.27 13.31
N GLY A 165 50.36 0.91 13.92
CA GLY A 165 50.79 2.08 13.16
C GLY A 165 52.18 1.93 12.58
N SER A 166 53.11 1.39 13.38
CA SER A 166 54.47 1.18 12.89
C SER A 166 54.48 0.18 11.74
N VAL A 167 53.70 -0.89 11.85
CA VAL A 167 53.64 -1.89 10.79
C VAL A 167 53.05 -1.28 9.52
N GLY A 168 52.05 -0.41 9.66
CA GLY A 168 51.51 0.27 8.51
C GLY A 168 52.53 1.18 7.83
N ARG A 169 53.32 1.89 8.63
CA ARG A 169 54.37 2.73 8.06
C ARG A 169 55.42 1.90 7.35
N VAL A 170 55.76 0.74 7.92
CA VAL A 170 56.74 -0.13 7.27
C VAL A 170 56.19 -0.69 5.97
N PHE A 171 54.90 -1.04 5.94
CA PHE A 171 54.28 -1.48 4.69
C PHE A 171 54.30 -0.37 3.65
N ARG A 172 54.06 0.87 4.07
CA ARG A 172 54.10 1.99 3.13
C ARG A 172 55.52 2.18 2.58
N GLU A 173 56.52 2.04 3.43
CA GLU A 173 57.91 2.13 2.96
C GLU A 173 58.24 1.00 2.00
N TRP A 174 57.72 -0.21 2.28
CA TRP A 174 57.94 -1.33 1.38
C TRP A 174 57.28 -1.09 0.02
N ASP A 175 56.06 -0.54 0.02
CA ASP A 175 55.39 -0.22 -1.24
C ASP A 175 56.12 0.87 -2.00
N ASP A 176 56.71 1.84 -1.27
CA ASP A 176 57.48 2.89 -1.93
C ASP A 176 58.75 2.33 -2.55
N GLY A 177 59.42 1.41 -1.85
CA GLY A 177 60.63 0.79 -2.37
C GLY A 177 60.36 -0.13 -3.54
N SER A 178 59.68 -1.24 -3.28
CA SER A 178 59.30 -2.20 -4.31
C SER A 178 60.52 -2.69 -5.10
N THR A 179 61.57 -3.02 -4.37
CA THR A 179 62.81 -3.51 -4.98
C THR A 179 62.64 -4.93 -5.51
N PRO B 5 5.51 -60.31 9.92
CA PRO B 5 5.22 -60.61 8.51
C PRO B 5 6.16 -61.67 7.94
N CYS B 6 6.12 -61.85 6.61
CA CYS B 6 6.98 -62.83 5.97
C CYS B 6 8.39 -62.29 5.69
N GLY B 7 8.59 -60.99 5.81
CA GLY B 7 9.92 -60.44 5.56
C GLY B 7 9.82 -58.99 5.11
N TYR B 8 10.70 -58.64 4.17
CA TYR B 8 10.78 -57.29 3.64
C TYR B 8 11.05 -57.36 2.14
N ILE B 9 11.22 -56.19 1.52
CA ILE B 9 11.51 -56.08 0.11
C ILE B 9 12.86 -55.37 -0.04
N TYR B 10 13.78 -55.99 -0.76
CA TYR B 10 15.10 -55.44 -0.97
C TYR B 10 15.28 -55.02 -2.42
N PRO B 11 15.65 -53.76 -2.70
CA PRO B 11 15.92 -52.72 -1.69
C PRO B 11 14.64 -52.09 -1.15
N GLU B 12 14.72 -51.51 0.05
CA GLU B 12 13.54 -50.91 0.68
C GLU B 12 13.16 -49.60 -0.02
N PHE B 13 14.14 -48.83 -0.47
CA PHE B 13 13.92 -47.56 -1.15
C PHE B 13 14.56 -47.63 -2.53
N PRO B 14 13.86 -48.23 -3.51
CA PRO B 14 14.42 -48.38 -4.85
C PRO B 14 14.35 -47.06 -5.61
N VAL B 15 15.50 -46.55 -6.03
CA VAL B 15 15.60 -45.32 -6.81
C VAL B 15 16.48 -45.63 -8.02
N VAL B 16 15.87 -45.73 -9.19
CA VAL B 16 16.58 -46.07 -10.42
C VAL B 16 16.41 -44.94 -11.42
N GLN B 17 17.50 -44.62 -12.14
CA GLN B 17 17.45 -43.59 -13.16
C GLN B 17 16.59 -44.05 -14.33
N ARG B 18 15.83 -43.12 -14.90
CA ARG B 18 14.97 -43.44 -16.04
C ARG B 18 15.80 -43.88 -17.22
N GLY B 19 15.46 -45.03 -17.79
CA GLY B 19 16.19 -45.58 -18.91
C GLY B 19 17.15 -46.70 -18.56
N SER B 20 16.93 -47.44 -17.48
CA SER B 20 17.80 -48.52 -17.07
C SER B 20 16.96 -49.69 -16.60
N ASN B 21 17.63 -50.73 -16.11
CA ASN B 21 16.97 -51.92 -15.62
C ASN B 21 16.74 -51.84 -14.11
N PHE B 22 15.96 -52.78 -13.60
CA PHE B 22 15.68 -52.86 -12.17
C PHE B 22 15.20 -54.26 -11.83
N THR B 23 15.60 -54.74 -10.66
CA THR B 23 15.19 -56.07 -10.19
C THR B 23 15.07 -56.03 -8.67
N ALA B 24 13.94 -56.48 -8.15
CA ALA B 24 13.68 -56.51 -6.72
C ALA B 24 13.36 -57.93 -6.27
N ILE B 25 13.47 -58.15 -4.96
CA ILE B 25 13.22 -59.44 -4.36
C ILE B 25 12.21 -59.28 -3.24
N CYS B 26 11.62 -60.40 -2.82
CA CYS B 26 10.64 -60.43 -1.74
C CYS B 26 10.83 -61.75 -0.99
N VAL B 27 11.59 -61.72 0.11
CA VAL B 27 11.91 -62.92 0.86
C VAL B 27 10.77 -63.25 1.80
N LEU B 28 10.48 -64.55 1.93
CA LEU B 28 9.44 -65.04 2.82
C LEU B 28 10.07 -65.81 3.97
N LYS B 29 9.63 -65.51 5.19
CA LYS B 29 10.14 -66.20 6.36
C LYS B 29 9.57 -67.61 6.45
N GLU B 30 10.23 -68.44 7.26
CA GLU B 30 9.79 -69.83 7.41
C GLU B 30 8.55 -69.95 8.28
N ALA B 31 8.32 -68.99 9.18
CA ALA B 31 7.14 -69.03 10.04
C ALA B 31 5.86 -69.02 9.22
N CYS B 32 5.67 -67.95 8.43
CA CYS B 32 4.49 -67.88 7.57
C CYS B 32 4.54 -68.92 6.46
N LEU B 33 5.73 -69.37 6.06
CA LEU B 33 5.83 -70.45 5.09
C LEU B 33 5.20 -71.73 5.61
N GLN B 34 5.44 -72.06 6.88
CA GLN B 34 4.83 -73.24 7.47
C GLN B 34 3.39 -72.99 7.89
N HIS B 35 3.04 -71.74 8.19
CA HIS B 35 1.69 -71.43 8.63
C HIS B 35 0.70 -71.47 7.47
N TYR B 36 1.05 -70.86 6.34
CA TYR B 36 0.15 -70.77 5.20
C TYR B 36 0.40 -71.84 4.14
N TYR B 37 1.56 -72.49 4.15
CA TYR B 37 1.91 -73.51 3.17
C TYR B 37 1.90 -72.96 1.75
N VAL B 38 2.31 -71.70 1.59
CA VAL B 38 2.37 -71.03 0.29
C VAL B 38 3.82 -70.73 0.00
N ASN B 39 4.39 -71.43 -0.98
CA ASN B 39 5.79 -71.25 -1.34
C ASN B 39 5.94 -70.02 -2.24
N ALA B 40 7.14 -69.83 -2.80
CA ALA B 40 7.41 -68.69 -3.66
C ALA B 40 6.86 -68.84 -5.06
N SER B 41 6.08 -69.88 -5.33
CA SER B 41 5.49 -70.08 -6.65
C SER B 41 4.13 -69.42 -6.81
N TYR B 42 3.37 -69.27 -5.73
CA TYR B 42 2.04 -68.67 -5.77
C TYR B 42 2.07 -67.16 -5.54
N ILE B 43 3.24 -66.54 -5.60
CA ILE B 43 3.35 -65.09 -5.42
C ILE B 43 2.85 -64.39 -6.68
N VAL B 44 2.14 -63.29 -6.49
CA VAL B 44 1.60 -62.49 -7.58
C VAL B 44 2.02 -61.06 -7.34
N TRP B 45 3.03 -60.60 -8.07
CA TRP B 45 3.50 -59.22 -7.91
C TRP B 45 2.48 -58.25 -8.48
N LYS B 46 2.28 -57.14 -7.77
CA LYS B 46 1.30 -56.14 -8.16
C LYS B 46 1.96 -54.77 -8.21
N THR B 47 1.81 -54.09 -9.34
CA THR B 47 2.31 -52.73 -9.53
C THR B 47 1.11 -51.81 -9.72
N ASN B 48 0.81 -51.01 -8.69
CA ASN B 48 -0.34 -50.12 -8.69
C ASN B 48 -1.64 -50.90 -8.90
N HIS B 49 -1.78 -51.99 -8.15
CA HIS B 49 -2.97 -52.84 -8.18
C HIS B 49 -3.22 -53.39 -9.59
N ALA B 50 -2.16 -53.77 -10.28
CA ALA B 50 -2.24 -54.33 -11.62
C ALA B 50 -1.46 -55.63 -11.67
N ALA B 51 -2.01 -56.62 -12.37
CA ALA B 51 -1.34 -57.91 -12.50
C ALA B 51 -0.17 -57.80 -13.47
N VAL B 52 0.97 -58.35 -13.06
CA VAL B 52 2.18 -58.31 -13.88
C VAL B 52 2.25 -59.58 -14.73
N PRO B 53 2.87 -59.54 -15.91
CA PRO B 53 2.99 -60.75 -16.71
C PRO B 53 3.94 -61.77 -16.08
N ARG B 54 3.74 -63.03 -16.45
CA ARG B 54 4.56 -64.12 -15.93
C ARG B 54 5.91 -64.22 -16.61
N GLU B 55 6.13 -63.50 -17.71
CA GLU B 55 7.41 -63.57 -18.40
C GLU B 55 8.52 -62.93 -17.58
N GLN B 56 8.23 -61.80 -16.93
CA GLN B 56 9.22 -61.08 -16.14
C GLN B 56 9.35 -61.62 -14.73
N VAL B 57 8.48 -62.53 -14.31
CA VAL B 57 8.54 -63.11 -12.97
C VAL B 57 9.37 -64.39 -13.03
N THR B 58 10.40 -64.46 -12.19
CA THR B 58 11.28 -65.62 -12.14
C THR B 58 11.66 -65.89 -10.69
N VAL B 59 11.60 -67.16 -10.31
CA VAL B 59 11.94 -67.59 -8.96
C VAL B 59 13.35 -68.17 -8.97
N ILE B 60 14.12 -67.87 -7.93
CA ILE B 60 15.51 -68.30 -7.83
C ILE B 60 15.69 -69.40 -6.77
N ASN B 61 15.06 -69.21 -5.61
CA ASN B 61 15.16 -70.21 -4.54
C ASN B 61 13.80 -70.47 -3.93
N ARG B 62 13.77 -71.27 -2.85
CA ARG B 62 12.49 -71.64 -2.25
C ARG B 62 11.79 -70.45 -1.61
N THR B 63 12.55 -69.46 -1.13
CA THR B 63 11.98 -68.34 -0.40
C THR B 63 12.34 -67.00 -1.02
N THR B 64 12.66 -66.96 -2.32
CA THR B 64 13.02 -65.71 -2.97
C THR B 64 12.54 -65.74 -4.41
N SER B 65 11.89 -64.66 -4.83
CA SER B 65 11.43 -64.49 -6.20
C SER B 65 11.83 -63.10 -6.69
N SER B 66 12.10 -63.00 -8.00
CA SER B 66 12.59 -61.78 -8.60
C SER B 66 11.78 -61.42 -9.84
N VAL B 67 11.62 -60.12 -10.07
CA VAL B 67 10.97 -59.60 -11.26
C VAL B 67 11.87 -58.52 -11.87
N THR B 68 11.71 -58.29 -13.16
CA THR B 68 12.53 -57.35 -13.89
C THR B 68 11.67 -56.27 -14.53
N PHE B 69 12.29 -55.12 -14.78
CA PHE B 69 11.64 -53.99 -15.42
C PHE B 69 12.63 -53.33 -16.37
N THR B 70 12.18 -52.99 -17.57
CA THR B 70 13.02 -52.40 -18.60
C THR B 70 12.48 -51.01 -18.94
N ASP B 71 13.27 -49.98 -18.64
CA ASP B 71 12.98 -48.60 -19.00
C ASP B 71 11.62 -48.16 -18.42
N VAL B 72 11.56 -48.12 -17.08
CA VAL B 72 10.36 -47.64 -16.41
C VAL B 72 10.17 -46.16 -16.69
N VAL B 73 8.91 -45.77 -16.95
CA VAL B 73 8.59 -44.38 -17.28
C VAL B 73 7.72 -43.79 -16.19
N LEU B 74 6.95 -44.64 -15.52
CA LEU B 74 6.06 -44.17 -14.47
C LEU B 74 6.89 -43.71 -13.26
N PRO B 75 6.70 -42.48 -12.78
CA PRO B 75 7.57 -41.99 -11.70
C PRO B 75 7.30 -42.65 -10.36
N SER B 76 6.04 -42.84 -9.99
CA SER B 76 5.66 -43.43 -8.70
C SER B 76 5.13 -44.83 -8.94
N VAL B 77 5.96 -45.83 -8.70
CA VAL B 77 5.60 -47.24 -8.90
C VAL B 77 5.46 -47.88 -7.54
N GLN B 78 4.26 -48.36 -7.22
CA GLN B 78 3.99 -49.05 -5.96
C GLN B 78 4.16 -50.54 -6.19
N LEU B 79 5.31 -51.07 -5.77
CA LEU B 79 5.63 -52.48 -5.95
C LEU B 79 5.23 -53.24 -4.69
N THR B 80 4.35 -54.23 -4.85
CA THR B 80 3.87 -55.04 -3.74
C THR B 80 3.96 -56.52 -4.12
N CYS B 81 4.56 -57.31 -3.23
CA CYS B 81 4.64 -58.76 -3.42
C CYS B 81 3.59 -59.43 -2.54
N ASN B 82 2.66 -60.14 -3.18
CA ASN B 82 1.56 -60.78 -2.49
C ASN B 82 1.49 -62.25 -2.87
N ILE B 83 1.16 -63.10 -1.90
CA ILE B 83 1.05 -64.53 -2.10
C ILE B 83 -0.41 -64.92 -2.21
N LEU B 84 -0.68 -66.01 -2.91
CA LEU B 84 -2.04 -66.52 -3.09
C LEU B 84 -2.22 -67.76 -2.21
N SER B 85 -3.05 -67.64 -1.19
CA SER B 85 -3.30 -68.74 -0.27
C SER B 85 -4.35 -69.68 -0.87
N PHE B 86 -4.80 -70.66 -0.10
CA PHE B 86 -5.81 -71.58 -0.57
C PHE B 86 -7.16 -70.89 -0.69
N GLY B 87 -7.95 -71.33 -1.67
CA GLY B 87 -9.24 -70.72 -1.92
C GLY B 87 -9.19 -69.45 -2.72
N GLN B 88 -8.11 -69.21 -3.47
CA GLN B 88 -7.93 -68.01 -4.29
C GLN B 88 -8.03 -66.74 -3.44
N ILE B 89 -7.55 -66.79 -2.20
CA ILE B 89 -7.57 -65.65 -1.30
C ILE B 89 -6.22 -64.95 -1.38
N GLU B 90 -6.24 -63.68 -1.77
CA GLU B 90 -5.02 -62.89 -1.91
C GLU B 90 -4.69 -62.20 -0.60
N GLN B 91 -3.43 -62.28 -0.17
CA GLN B 91 -2.97 -61.67 1.07
C GLN B 91 -1.74 -60.83 0.79
N ASN B 92 -1.67 -59.67 1.42
CA ASN B 92 -0.56 -58.74 1.22
C ASN B 92 0.56 -59.05 2.21
N VAL B 93 1.80 -58.97 1.72
CA VAL B 93 2.99 -59.23 2.52
C VAL B 93 3.77 -57.96 2.79
N TYR B 94 4.18 -57.25 1.75
CA TYR B 94 4.95 -56.02 1.90
C TYR B 94 4.74 -55.14 0.68
N GLY B 95 4.92 -53.84 0.88
CA GLY B 95 4.76 -52.88 -0.20
C GLY B 95 5.70 -51.70 -0.11
N VAL B 96 6.31 -51.34 -1.24
CA VAL B 96 7.24 -50.22 -1.31
C VAL B 96 6.91 -49.39 -2.56
N THR B 97 7.47 -48.19 -2.60
CA THR B 97 7.26 -47.26 -3.69
C THR B 97 8.59 -46.98 -4.39
N MET B 98 8.60 -47.16 -5.71
CA MET B 98 9.79 -46.94 -6.52
C MET B 98 9.71 -45.57 -7.19
N LEU B 99 10.79 -44.80 -7.12
CA LEU B 99 10.87 -43.50 -7.75
C LEU B 99 11.75 -43.58 -8.99
N SER B 100 11.50 -42.67 -9.94
CA SER B 100 12.23 -42.64 -11.21
C SER B 100 12.64 -41.19 -11.50
N GLY B 101 13.94 -40.95 -11.54
CA GLY B 101 14.46 -39.62 -11.83
C GLY B 101 15.91 -39.70 -12.25
N PHE B 102 16.35 -38.64 -12.95
CA PHE B 102 17.73 -38.65 -13.41
C PHE B 102 18.59 -37.75 -12.51
N PRO B 103 19.88 -38.03 -12.40
CA PRO B 103 20.75 -37.24 -11.52
C PRO B 103 20.86 -35.80 -11.98
N PRO B 104 21.23 -34.88 -11.09
CA PRO B 104 21.31 -33.47 -11.48
C PRO B 104 22.52 -33.16 -12.36
N ASP B 105 22.66 -31.90 -12.74
CA ASP B 105 23.75 -31.45 -13.59
C ASP B 105 24.67 -30.52 -12.79
N LYS B 106 25.72 -30.06 -13.45
CA LYS B 106 26.69 -29.17 -12.82
C LYS B 106 26.13 -27.76 -12.76
N PRO B 107 25.94 -27.18 -11.58
CA PRO B 107 25.41 -25.82 -11.50
C PRO B 107 26.37 -24.80 -12.11
N THR B 108 25.81 -23.69 -12.57
CA THR B 108 26.58 -22.62 -13.18
C THR B 108 26.05 -21.29 -12.65
N ASN B 109 26.53 -20.19 -13.24
CA ASN B 109 26.10 -18.84 -12.90
C ASN B 109 26.26 -18.56 -11.40
N LEU B 110 27.44 -18.89 -10.88
CA LEU B 110 27.73 -18.70 -9.46
C LEU B 110 28.18 -17.26 -9.24
N THR B 111 27.27 -16.44 -8.72
CA THR B 111 27.56 -15.03 -8.42
C THR B 111 27.11 -14.72 -7.01
N CYS B 112 27.78 -13.73 -6.40
CA CYS B 112 27.48 -13.34 -5.04
C CYS B 112 27.42 -11.81 -4.96
N ILE B 113 26.52 -11.30 -4.13
CA ILE B 113 26.35 -9.87 -3.93
C ILE B 113 26.34 -9.60 -2.43
N VAL B 114 26.99 -8.52 -2.01
CA VAL B 114 27.09 -8.12 -0.62
C VAL B 114 26.38 -6.78 -0.46
N ASN B 115 25.20 -6.81 0.16
CA ASN B 115 24.47 -5.58 0.43
C ASN B 115 25.08 -4.85 1.62
N GLU B 116 24.99 -3.53 1.59
CA GLU B 116 25.55 -2.72 2.66
C GLU B 116 24.74 -2.92 3.94
N GLY B 117 25.40 -3.40 4.99
CA GLY B 117 24.75 -3.66 6.25
C GLY B 117 24.12 -5.02 6.39
N LYS B 118 24.38 -5.94 5.46
CA LYS B 118 23.82 -7.28 5.50
C LYS B 118 24.91 -8.28 5.16
N ASN B 119 24.58 -9.56 5.30
CA ASN B 119 25.51 -10.63 5.00
C ASN B 119 25.58 -10.87 3.49
N MET B 120 26.54 -11.71 3.09
CA MET B 120 26.75 -12.01 1.69
C MET B 120 25.67 -12.95 1.17
N LEU B 121 25.10 -12.62 0.02
CA LEU B 121 24.06 -13.42 -0.62
C LEU B 121 24.56 -13.93 -1.96
N CYS B 122 24.45 -15.24 -2.17
CA CYS B 122 24.89 -15.88 -3.40
C CYS B 122 23.71 -16.56 -4.08
N GLN B 123 23.74 -16.57 -5.41
CA GLN B 123 22.67 -17.17 -6.20
C GLN B 123 23.27 -17.96 -7.35
N TRP B 124 22.51 -18.93 -7.84
CA TRP B 124 22.94 -19.78 -8.95
C TRP B 124 21.70 -20.39 -9.59
N ASP B 125 21.90 -20.99 -10.76
CA ASP B 125 20.74 -21.63 -11.37
C ASP B 125 20.81 -23.13 -11.21
N PRO B 126 19.69 -23.79 -10.95
CA PRO B 126 19.72 -25.25 -10.75
C PRO B 126 19.87 -26.02 -12.05
N GLY B 127 19.24 -25.54 -13.11
CA GLY B 127 19.28 -26.22 -14.38
C GLY B 127 17.99 -26.94 -14.73
N ARG B 128 18.01 -28.27 -14.71
CA ARG B 128 16.86 -29.09 -15.03
C ARG B 128 16.20 -29.62 -13.77
N GLU B 129 14.95 -30.05 -13.91
CA GLU B 129 14.20 -30.62 -12.80
C GLU B 129 14.58 -32.09 -12.62
N THR B 130 14.97 -32.45 -11.39
CA THR B 130 15.42 -33.80 -11.08
C THR B 130 14.29 -34.71 -10.62
N TYR B 131 13.13 -34.15 -10.27
CA TYR B 131 11.97 -34.91 -9.79
C TYR B 131 12.28 -35.68 -8.51
N LEU B 132 13.31 -35.27 -7.77
CA LEU B 132 13.69 -35.94 -6.53
C LEU B 132 14.11 -34.88 -5.53
N GLU B 133 14.21 -35.29 -4.26
CA GLU B 133 14.65 -34.40 -3.21
C GLU B 133 16.13 -34.11 -3.36
N THR B 134 16.47 -32.84 -3.59
CA THR B 134 17.85 -32.42 -3.81
C THR B 134 18.17 -31.24 -2.91
N ASN B 135 19.27 -31.34 -2.17
CA ASN B 135 19.72 -30.29 -1.28
C ASN B 135 20.93 -29.59 -1.87
N TYR B 136 20.95 -28.26 -1.77
CA TYR B 136 22.05 -27.44 -2.25
C TYR B 136 22.75 -26.79 -1.06
N THR B 137 24.04 -27.08 -0.90
CA THR B 137 24.84 -26.56 0.19
C THR B 137 25.93 -25.64 -0.36
N LEU B 138 26.03 -24.45 0.21
CA LEU B 138 27.02 -23.46 -0.23
C LEU B 138 28.22 -23.51 0.70
N LYS B 139 29.38 -23.78 0.14
CA LYS B 139 30.64 -23.84 0.89
C LYS B 139 31.36 -22.50 0.81
N SER B 140 32.21 -22.26 1.81
CA SER B 140 32.98 -21.02 1.88
C SER B 140 34.15 -21.23 2.82
N GLU B 141 35.32 -20.73 2.42
CA GLU B 141 36.53 -20.89 3.23
C GLU B 141 37.57 -19.88 2.79
N TRP B 142 38.45 -19.53 3.70
CA TRP B 142 39.60 -18.68 3.41
C TRP B 142 40.75 -19.56 2.93
N ALA B 143 41.95 -18.98 2.85
CA ALA B 143 43.13 -19.76 2.55
C ALA B 143 43.64 -20.54 3.74
N THR B 144 43.24 -20.17 4.96
CA THR B 144 43.68 -20.86 6.16
C THR B 144 42.57 -21.14 7.17
N GLU B 145 41.33 -20.75 6.88
CA GLU B 145 40.22 -20.96 7.80
C GLU B 145 38.97 -21.32 7.01
N LYS B 146 38.07 -22.06 7.65
CA LYS B 146 36.82 -22.50 7.05
C LYS B 146 35.64 -21.84 7.75
N PHE B 147 34.56 -21.67 7.02
CA PHE B 147 33.35 -21.03 7.51
C PHE B 147 32.18 -21.99 7.53
N PRO B 148 31.14 -21.72 8.33
CA PRO B 148 29.98 -22.61 8.36
C PRO B 148 29.30 -22.68 7.00
N ASP B 149 28.52 -23.74 6.81
CA ASP B 149 27.88 -24.01 5.53
C ASP B 149 26.54 -23.30 5.43
N CYS B 150 26.17 -22.94 4.20
CA CYS B 150 24.91 -22.27 3.90
C CYS B 150 24.01 -23.31 3.23
N GLN B 151 23.07 -23.85 4.00
CA GLN B 151 22.12 -24.83 3.47
C GLN B 151 20.89 -24.10 2.95
N SER B 152 20.59 -24.30 1.66
CA SER B 152 19.46 -23.63 1.02
C SER B 152 18.16 -24.13 1.63
N LYS B 153 17.44 -23.25 2.33
CA LYS B 153 16.17 -23.64 2.92
C LYS B 153 15.09 -23.78 1.86
N HIS B 154 15.11 -22.93 0.84
CA HIS B 154 14.13 -22.98 -0.23
C HIS B 154 14.69 -22.26 -1.44
N GLY B 155 14.45 -22.84 -2.63
CA GLY B 155 14.90 -22.23 -3.86
C GLY B 155 16.39 -22.41 -4.14
N THR B 156 17.04 -21.34 -4.57
CA THR B 156 18.45 -21.37 -4.92
C THR B 156 19.32 -20.38 -4.17
N SER B 157 18.74 -19.29 -3.67
CA SER B 157 19.52 -18.30 -2.93
C SER B 157 19.74 -18.75 -1.49
N CYS B 158 20.91 -18.42 -0.94
CA CYS B 158 21.22 -18.76 0.44
C CYS B 158 22.04 -17.62 1.05
N MET B 159 21.61 -17.16 2.21
CA MET B 159 22.26 -16.05 2.90
C MET B 159 23.14 -16.59 4.02
N VAL B 160 24.43 -16.21 3.99
CA VAL B 160 25.36 -16.70 5.00
C VAL B 160 25.03 -16.11 6.36
N SER B 161 25.59 -16.71 7.41
CA SER B 161 25.32 -16.31 8.77
C SER B 161 26.42 -15.46 9.39
N TYR B 162 27.64 -15.52 8.86
CA TYR B 162 28.76 -14.78 9.40
C TYR B 162 28.83 -13.39 8.78
N MET B 163 29.59 -12.51 9.45
CA MET B 163 29.76 -11.16 8.94
C MET B 163 30.87 -11.11 7.91
N PRO B 164 30.70 -10.32 6.84
CA PRO B 164 31.73 -10.30 5.79
C PRO B 164 32.97 -9.54 6.25
N THR B 165 34.14 -10.11 5.95
CA THR B 165 35.42 -9.50 6.23
C THR B 165 36.04 -9.01 4.94
N TYR B 166 36.42 -7.74 4.90
CA TYR B 166 36.93 -7.12 3.68
C TYR B 166 38.43 -7.32 3.55
N TYR B 167 38.93 -7.08 2.34
CA TYR B 167 40.36 -7.16 2.01
C TYR B 167 40.93 -8.56 2.23
N VAL B 168 40.10 -9.59 2.17
CA VAL B 168 40.53 -10.97 2.33
C VAL B 168 39.86 -11.81 1.25
N ASN B 169 40.66 -12.43 0.39
CA ASN B 169 40.11 -13.25 -0.68
C ASN B 169 39.41 -14.48 -0.11
N ILE B 170 38.22 -14.78 -0.64
CA ILE B 170 37.42 -15.90 -0.21
C ILE B 170 37.02 -16.72 -1.43
N GLU B 171 36.98 -18.04 -1.28
CA GLU B 171 36.62 -18.95 -2.35
C GLU B 171 35.37 -19.71 -1.95
N VAL B 172 34.34 -19.65 -2.80
CA VAL B 172 33.05 -20.27 -2.51
C VAL B 172 32.66 -21.17 -3.67
N TRP B 173 31.86 -22.19 -3.35
CA TRP B 173 31.34 -23.11 -4.36
C TRP B 173 30.17 -23.87 -3.75
N VAL B 174 29.26 -24.32 -4.62
CA VAL B 174 28.05 -25.01 -4.20
C VAL B 174 28.09 -26.44 -4.71
N GLU B 175 27.62 -27.38 -3.89
CA GLU B 175 27.59 -28.79 -4.23
C GLU B 175 26.14 -29.26 -4.28
N ALA B 176 25.79 -29.96 -5.36
CA ALA B 176 24.44 -30.49 -5.55
C ALA B 176 24.46 -31.99 -5.26
N GLU B 177 23.63 -32.42 -4.29
CA GLU B 177 23.57 -33.81 -3.89
C GLU B 177 22.12 -34.27 -3.85
N ASN B 178 21.88 -35.46 -4.36
CA ASN B 178 20.56 -36.09 -4.34
C ASN B 178 20.74 -37.58 -4.07
N ALA B 179 19.68 -38.35 -4.30
CA ALA B 179 19.71 -39.78 -4.07
C ALA B 179 20.39 -40.56 -5.18
N LEU B 180 21.04 -39.88 -6.14
CA LEU B 180 21.69 -40.56 -7.25
C LEU B 180 23.09 -40.07 -7.56
N GLY B 181 23.57 -39.01 -6.92
CA GLY B 181 24.91 -38.53 -7.18
C GLY B 181 25.16 -37.20 -6.51
N LYS B 182 26.45 -36.86 -6.43
CA LYS B 182 26.89 -35.60 -5.83
C LYS B 182 27.86 -34.92 -6.80
N VAL B 183 27.54 -33.69 -7.18
CA VAL B 183 28.38 -32.92 -8.09
C VAL B 183 28.48 -31.49 -7.57
N SER B 184 29.68 -30.92 -7.65
CA SER B 184 29.94 -29.57 -7.18
C SER B 184 30.32 -28.69 -8.36
N SER B 185 29.87 -27.43 -8.31
CA SER B 185 30.14 -26.48 -9.37
C SER B 185 31.58 -25.95 -9.27
N GLU B 186 31.91 -25.02 -10.15
CA GLU B 186 33.23 -24.41 -10.13
C GLU B 186 33.32 -23.35 -9.04
N SER B 187 34.52 -23.18 -8.50
CA SER B 187 34.76 -22.23 -7.43
C SER B 187 35.22 -20.89 -8.01
N ILE B 188 34.83 -19.81 -7.33
CA ILE B 188 35.22 -18.46 -7.70
C ILE B 188 36.00 -17.83 -6.56
N ASN B 189 37.03 -17.07 -6.90
CA ASN B 189 37.87 -16.38 -5.93
C ASN B 189 37.70 -14.88 -6.14
N PHE B 190 37.13 -14.19 -5.14
CA PHE B 190 36.83 -12.78 -5.26
C PHE B 190 37.08 -12.10 -3.91
N ASP B 191 37.00 -10.76 -3.93
CA ASP B 191 37.16 -9.92 -2.76
C ASP B 191 35.81 -9.40 -2.32
N PRO B 192 35.42 -9.56 -1.05
CA PRO B 192 34.12 -9.06 -0.61
C PRO B 192 33.96 -7.55 -0.73
N VAL B 193 35.05 -6.81 -0.89
CA VAL B 193 34.95 -5.36 -1.05
C VAL B 193 34.57 -4.96 -2.47
N ASP B 194 34.78 -5.85 -3.45
CA ASP B 194 34.45 -5.57 -4.84
C ASP B 194 33.03 -6.00 -5.20
N LYS B 195 32.24 -6.47 -4.25
CA LYS B 195 30.86 -6.88 -4.48
C LYS B 195 29.88 -6.11 -3.60
N VAL B 196 30.28 -4.94 -3.09
CA VAL B 196 29.45 -4.18 -2.18
C VAL B 196 28.45 -3.35 -2.98
N LYS B 197 27.17 -3.43 -2.59
CA LYS B 197 26.13 -2.60 -3.17
C LYS B 197 25.76 -1.52 -2.17
N PRO B 198 26.25 -0.29 -2.33
CA PRO B 198 26.00 0.73 -1.31
C PRO B 198 24.54 1.16 -1.28
N THR B 199 24.17 1.81 -0.18
CA THR B 199 22.84 2.38 -0.04
C THR B 199 22.75 3.71 -0.76
N PRO B 200 21.58 4.07 -1.29
CA PRO B 200 21.43 5.34 -1.99
C PRO B 200 21.63 6.52 -1.05
N PRO B 201 22.32 7.57 -1.49
CA PRO B 201 22.53 8.72 -0.63
C PRO B 201 21.21 9.40 -0.27
N TYR B 202 21.18 9.97 0.93
CA TYR B 202 19.99 10.62 1.47
C TYR B 202 20.30 12.08 1.80
N ASN B 203 19.25 12.79 2.22
CA ASN B 203 19.34 14.21 2.57
C ASN B 203 19.88 15.05 1.41
N LEU B 204 19.40 14.75 0.21
CA LEU B 204 19.79 15.51 -0.97
C LEU B 204 19.11 16.87 -0.95
N SER B 205 19.92 17.93 -0.98
CA SER B 205 19.42 19.30 -0.93
C SER B 205 19.92 20.09 -2.13
N VAL B 206 19.03 20.87 -2.73
CA VAL B 206 19.34 21.70 -3.89
C VAL B 206 19.29 23.16 -3.44
N THR B 207 20.40 23.87 -3.63
CA THR B 207 20.51 25.27 -3.23
C THR B 207 20.84 26.12 -4.44
N ASN B 208 20.22 27.29 -4.52
CA ASN B 208 20.46 28.22 -5.61
C ASN B 208 21.55 29.21 -5.23
N SER B 209 21.85 30.13 -6.14
CA SER B 209 22.86 31.16 -5.92
C SER B 209 22.30 32.51 -6.34
N GLU B 210 22.45 33.51 -5.46
CA GLU B 210 21.93 34.84 -5.77
C GLU B 210 22.73 35.52 -6.86
N GLU B 211 24.05 35.28 -6.91
CA GLU B 211 24.89 35.94 -7.90
C GLU B 211 24.72 35.30 -9.28
N LEU B 212 24.79 33.97 -9.34
CA LEU B 212 24.67 33.24 -10.59
C LEU B 212 23.34 32.50 -10.60
N SER B 213 22.40 32.97 -11.41
CA SER B 213 21.07 32.36 -11.50
C SER B 213 21.06 31.11 -12.37
N SER B 214 22.09 30.88 -13.17
CA SER B 214 22.14 29.75 -14.10
C SER B 214 22.84 28.52 -13.50
N ILE B 215 23.04 28.49 -12.19
CA ILE B 215 23.71 27.38 -11.54
C ILE B 215 22.83 26.84 -10.42
N LEU B 216 23.11 25.60 -10.03
CA LEU B 216 22.39 24.95 -8.94
C LEU B 216 23.37 24.01 -8.23
N LYS B 217 23.77 24.39 -7.02
CA LYS B 217 24.72 23.58 -6.25
C LYS B 217 23.99 22.45 -5.54
N LEU B 218 24.51 21.24 -5.68
CA LEU B 218 23.94 20.07 -5.02
C LEU B 218 24.68 19.77 -3.74
N SER B 219 23.99 19.14 -2.79
CA SER B 219 24.56 18.79 -1.50
C SER B 219 23.92 17.51 -1.01
N TRP B 220 24.73 16.50 -0.74
CA TRP B 220 24.23 15.23 -0.25
C TRP B 220 25.29 14.60 0.65
N VAL B 221 24.87 13.57 1.38
CA VAL B 221 25.74 12.82 2.28
C VAL B 221 25.70 11.36 1.88
N SER B 222 26.82 10.67 2.07
CA SER B 222 26.94 9.25 1.74
C SER B 222 27.39 8.47 2.96
N SER B 223 26.95 7.22 3.05
CA SER B 223 27.34 6.37 4.16
C SER B 223 28.79 5.93 4.01
N GLY B 224 29.11 5.23 2.93
CA GLY B 224 30.47 4.81 2.68
C GLY B 224 31.06 3.89 3.72
N LEU B 225 30.21 3.17 4.47
CA LEU B 225 30.65 2.25 5.52
C LEU B 225 31.50 2.97 6.56
N GLY B 226 31.12 4.21 6.88
CA GLY B 226 31.88 5.01 7.83
C GLY B 226 33.13 5.63 7.25
N GLY B 227 33.14 5.91 5.95
CA GLY B 227 34.31 6.50 5.32
C GLY B 227 35.34 5.52 4.81
N LEU B 228 34.94 4.29 4.48
CA LEU B 228 35.86 3.27 4.03
C LEU B 228 35.96 3.18 2.51
N LEU B 229 34.87 3.43 1.80
CA LEU B 229 34.83 3.29 0.34
C LEU B 229 34.70 4.66 -0.31
N ASP B 230 35.60 4.95 -1.24
CA ASP B 230 35.51 6.16 -2.05
C ASP B 230 34.47 5.93 -3.15
N LEU B 231 33.31 6.56 -3.02
CA LEU B 231 32.18 6.31 -3.90
C LEU B 231 32.06 7.44 -4.92
N LYS B 232 31.99 7.07 -6.20
CA LYS B 232 31.65 8.01 -7.27
C LYS B 232 30.17 7.93 -7.57
N SER B 233 29.60 9.04 -8.02
CA SER B 233 28.16 9.18 -8.15
C SER B 233 27.77 9.46 -9.59
N ASP B 234 26.48 9.26 -9.87
CA ASP B 234 25.88 9.55 -11.16
C ASP B 234 24.67 10.45 -10.92
N ILE B 235 24.67 11.64 -11.52
CA ILE B 235 23.65 12.65 -11.28
C ILE B 235 22.81 12.81 -12.53
N GLN B 236 21.49 12.75 -12.37
CA GLN B 236 20.54 12.98 -13.45
C GLN B 236 19.59 14.10 -13.06
N TYR B 237 19.32 15.00 -14.00
CA TYR B 237 18.45 16.14 -13.75
C TYR B 237 17.45 16.29 -14.89
N ARG B 238 16.32 16.90 -14.57
CA ARG B 238 15.25 17.13 -15.54
C ARG B 238 14.34 18.23 -15.03
N THR B 239 13.49 18.73 -15.91
CA THR B 239 12.52 19.75 -15.55
C THR B 239 11.33 19.10 -14.86
N LYS B 240 10.26 19.87 -14.66
CA LYS B 240 9.06 19.35 -14.02
C LYS B 240 8.01 18.89 -15.01
N ASP B 241 8.07 19.33 -16.27
CA ASP B 241 7.09 18.96 -17.27
C ASP B 241 7.57 17.86 -18.21
N ALA B 242 8.88 17.65 -18.32
CA ALA B 242 9.43 16.65 -19.22
C ALA B 242 9.57 15.30 -18.50
N SER B 243 9.50 14.23 -19.29
CA SER B 243 9.62 12.88 -18.75
C SER B 243 11.01 12.28 -18.93
N THR B 244 11.75 12.71 -19.96
CA THR B 244 13.09 12.19 -20.18
C THR B 244 14.08 12.81 -19.19
N TRP B 245 15.11 12.05 -18.89
CA TRP B 245 16.15 12.47 -17.94
C TRP B 245 17.44 12.74 -18.70
N ILE B 246 18.04 13.91 -18.45
CA ILE B 246 19.31 14.28 -19.04
C ILE B 246 20.42 13.97 -18.05
N GLN B 247 21.40 13.18 -18.48
CA GLN B 247 22.49 12.74 -17.63
C GLN B 247 23.72 13.59 -17.90
N VAL B 248 24.37 14.05 -16.84
CA VAL B 248 25.60 14.82 -16.94
C VAL B 248 26.73 13.87 -17.36
N PRO B 249 27.81 14.36 -17.96
CA PRO B 249 28.93 13.47 -18.32
C PRO B 249 29.50 12.79 -17.08
N LEU B 250 29.64 11.47 -17.16
CA LEU B 250 30.11 10.69 -16.02
C LEU B 250 31.56 10.99 -15.66
N GLU B 251 32.33 11.54 -16.61
CA GLU B 251 33.73 11.86 -16.32
C GLU B 251 33.84 12.99 -15.30
N ASP B 252 32.86 13.89 -15.26
CA ASP B 252 32.91 15.02 -14.35
C ASP B 252 32.62 14.64 -12.90
N THR B 253 32.01 13.48 -12.67
CA THR B 253 31.63 13.04 -11.33
C THR B 253 32.37 11.76 -10.95
N MET B 254 33.67 11.70 -11.28
CA MET B 254 34.48 10.53 -10.94
C MET B 254 35.20 10.68 -9.61
N SER B 255 35.56 11.90 -9.23
CA SER B 255 36.28 12.10 -7.97
C SER B 255 35.32 12.00 -6.79
N PRO B 256 35.77 11.44 -5.66
CA PRO B 256 34.90 11.35 -4.47
C PRO B 256 34.59 12.74 -3.94
N ARG B 257 33.30 13.06 -3.86
CA ARG B 257 32.87 14.37 -3.40
C ARG B 257 31.44 14.27 -2.88
N THR B 258 31.03 15.28 -2.13
CA THR B 258 29.68 15.35 -1.58
C THR B 258 28.91 16.55 -2.10
N SER B 259 29.39 17.21 -3.15
CA SER B 259 28.72 18.38 -3.71
C SER B 259 29.10 18.54 -5.17
N PHE B 260 28.18 19.08 -5.95
CA PHE B 260 28.41 19.32 -7.37
C PHE B 260 27.59 20.52 -7.81
N THR B 261 28.15 21.29 -8.73
CA THR B 261 27.53 22.52 -9.23
C THR B 261 27.13 22.32 -10.68
N VAL B 262 25.83 22.20 -10.92
CA VAL B 262 25.30 22.05 -12.28
C VAL B 262 25.18 23.44 -12.90
N GLN B 263 25.71 23.59 -14.12
CA GLN B 263 25.69 24.85 -14.83
C GLN B 263 24.83 24.73 -16.09
N ASP B 264 24.69 25.85 -16.80
CA ASP B 264 23.92 25.95 -18.03
C ASP B 264 22.46 25.52 -17.81
N LEU B 265 21.78 26.28 -16.95
CA LEU B 265 20.38 26.03 -16.63
C LEU B 265 19.55 27.29 -16.96
N LYS B 266 18.26 27.07 -17.15
CA LYS B 266 17.36 28.16 -17.50
C LYS B 266 17.01 28.96 -16.23
N PRO B 267 17.04 30.29 -16.29
CA PRO B 267 16.71 31.08 -15.10
C PRO B 267 15.24 30.97 -14.74
N PHE B 268 14.96 30.95 -13.44
CA PHE B 268 13.60 30.91 -12.91
C PHE B 268 12.84 29.68 -13.40
N THR B 269 13.46 28.51 -13.26
CA THR B 269 12.86 27.25 -13.63
C THR B 269 13.17 26.20 -12.57
N GLU B 270 12.19 25.36 -12.27
CA GLU B 270 12.34 24.32 -11.26
C GLU B 270 12.92 23.05 -11.88
N TYR B 271 13.60 22.26 -11.05
CA TYR B 271 14.23 21.03 -11.50
C TYR B 271 14.07 19.96 -10.43
N VAL B 272 14.25 18.70 -10.86
CA VAL B 272 14.20 17.54 -9.98
C VAL B 272 15.50 16.77 -10.17
N PHE B 273 16.05 16.27 -9.06
CA PHE B 273 17.35 15.60 -9.07
C PHE B 273 17.24 14.23 -8.41
N ARG B 274 18.15 13.34 -8.82
CA ARG B 274 18.29 12.02 -8.22
C ARG B 274 19.72 11.54 -8.45
N ILE B 275 20.21 10.71 -7.53
CA ILE B 275 21.61 10.31 -7.52
C ILE B 275 21.73 8.85 -7.09
N ARG B 276 22.83 8.23 -7.50
CA ARG B 276 23.16 6.87 -7.10
C ARG B 276 24.68 6.73 -7.12
N SER B 277 25.20 5.90 -6.22
CA SER B 277 26.63 5.81 -5.98
C SER B 277 27.15 4.42 -6.30
N ILE B 278 28.46 4.36 -6.58
CA ILE B 278 29.17 3.11 -6.86
C ILE B 278 30.63 3.33 -6.50
N LYS B 279 31.36 2.22 -6.33
CA LYS B 279 32.76 2.30 -5.94
C LYS B 279 33.58 3.01 -7.01
N ASP B 280 34.69 3.62 -6.57
CA ASP B 280 35.52 4.40 -7.49
C ASP B 280 36.15 3.53 -8.57
N SER B 281 36.57 2.31 -8.22
CA SER B 281 37.25 1.43 -9.16
C SER B 281 36.32 0.90 -10.24
N GLY B 282 35.06 1.31 -10.27
CA GLY B 282 34.13 0.82 -11.26
C GLY B 282 33.58 -0.57 -10.99
N LYS B 283 34.03 -1.24 -9.95
CA LYS B 283 33.55 -2.57 -9.61
C LYS B 283 32.33 -2.46 -8.70
N GLY B 284 31.77 -3.61 -8.32
CA GLY B 284 30.58 -3.63 -7.49
C GLY B 284 29.31 -3.53 -8.28
N TYR B 285 28.27 -2.94 -7.70
CA TYR B 285 26.98 -2.80 -8.34
C TYR B 285 26.42 -1.42 -8.08
N TRP B 286 25.72 -0.87 -9.06
CA TRP B 286 25.12 0.45 -8.94
C TRP B 286 23.99 0.42 -7.92
N SER B 287 23.96 1.43 -7.05
CA SER B 287 22.92 1.53 -6.04
C SER B 287 21.60 1.97 -6.66
N ASP B 288 20.54 1.89 -5.86
CA ASP B 288 19.23 2.33 -6.31
C ASP B 288 19.17 3.85 -6.36
N TRP B 289 18.13 4.36 -7.03
CA TRP B 289 17.96 5.79 -7.15
C TRP B 289 17.53 6.40 -5.81
N SER B 290 18.06 7.58 -5.51
CA SER B 290 17.76 8.27 -4.27
C SER B 290 16.38 8.91 -4.33
N GLU B 291 15.99 9.56 -3.24
CA GLU B 291 14.73 10.29 -3.21
C GLU B 291 14.84 11.57 -4.03
N GLU B 292 13.79 11.86 -4.80
CA GLU B 292 13.79 13.02 -5.68
C GLU B 292 13.74 14.31 -4.85
N ALA B 293 14.72 15.18 -5.05
CA ALA B 293 14.78 16.46 -4.37
C ALA B 293 14.49 17.58 -5.37
N SER B 294 13.70 18.56 -4.94
CA SER B 294 13.30 19.67 -5.79
C SER B 294 14.17 20.89 -5.52
N GLY B 295 14.29 21.74 -6.53
CA GLY B 295 15.07 22.96 -6.42
C GLY B 295 14.72 23.98 -7.49
N THR B 296 14.53 25.23 -7.08
CA THR B 296 14.16 26.31 -7.98
C THR B 296 15.34 27.25 -8.17
N THR B 297 15.64 27.57 -9.42
CA THR B 297 16.73 28.49 -9.71
C THR B 297 16.39 29.91 -9.27
N TYR B 298 17.43 30.70 -9.04
CA TYR B 298 17.25 32.09 -8.65
C TYR B 298 16.83 32.94 -9.84
N GLU B 299 16.18 34.06 -9.54
CA GLU B 299 15.71 34.96 -10.58
C GLU B 299 16.88 35.67 -11.25
N ASP B 300 16.58 36.39 -12.33
CA ASP B 300 17.59 37.13 -13.07
C ASP B 300 16.92 38.30 -13.77
N ARG B 301 17.75 39.20 -14.30
CA ARG B 301 17.24 40.35 -15.01
C ARG B 301 16.53 39.91 -16.30
N PRO B 302 15.35 40.46 -16.59
CA PRO B 302 14.66 40.09 -17.82
C PRO B 302 15.47 40.48 -19.05
N SER B 303 15.25 39.74 -20.13
CA SER B 303 16.02 39.92 -21.36
C SER B 303 15.34 40.88 -22.33
N ARG B 304 14.10 40.57 -22.73
CA ARG B 304 13.46 41.42 -23.72
C ARG B 304 12.47 42.37 -23.05
N PRO B 305 12.48 43.64 -23.44
CA PRO B 305 11.50 44.58 -22.88
C PRO B 305 10.11 44.27 -23.39
N PRO B 306 9.07 44.57 -22.62
CA PRO B 306 7.71 44.25 -23.04
C PRO B 306 7.27 45.09 -24.23
N SER B 307 6.22 44.60 -24.90
CA SER B 307 5.67 45.31 -26.05
C SER B 307 4.97 46.59 -25.60
N PHE B 308 5.12 47.63 -26.41
CA PHE B 308 4.58 48.95 -26.08
C PHE B 308 3.83 49.50 -27.28
N TRP B 309 2.74 50.21 -27.00
CA TRP B 309 1.95 50.85 -28.04
C TRP B 309 1.11 51.96 -27.40
N TYR B 310 0.63 52.87 -28.24
CA TYR B 310 -0.17 53.99 -27.79
C TYR B 310 -1.34 54.21 -28.74
N LYS B 311 -2.43 54.74 -28.19
CA LYS B 311 -3.62 55.05 -28.97
C LYS B 311 -4.13 56.43 -28.58
N THR B 312 -4.48 57.23 -29.58
CA THR B 312 -4.95 58.59 -29.38
C THR B 312 -6.33 58.76 -29.98
N ASN B 313 -7.27 59.25 -29.17
CA ASN B 313 -8.63 59.51 -29.64
C ASN B 313 -8.73 60.90 -30.26
N PRO B 314 -9.60 61.09 -31.25
CA PRO B 314 -9.73 62.40 -31.89
C PRO B 314 -10.33 63.44 -30.98
N SER B 315 -9.55 64.45 -30.61
CA SER B 315 -9.99 65.55 -29.76
C SER B 315 -9.60 66.85 -30.45
N HIS B 316 -10.48 67.36 -31.30
CA HIS B 316 -10.22 68.56 -32.06
C HIS B 316 -10.69 69.79 -31.30
N GLY B 317 -9.86 70.83 -31.29
CA GLY B 317 -10.19 72.06 -30.61
C GLY B 317 -9.63 72.23 -29.22
N GLN B 318 -8.65 71.41 -28.83
CA GLN B 318 -8.05 71.49 -27.51
C GLN B 318 -6.54 71.51 -27.64
N GLU B 319 -5.88 72.21 -26.70
CA GLU B 319 -4.43 72.26 -26.69
C GLU B 319 -3.83 70.92 -26.27
N TYR B 320 -4.40 70.31 -25.24
CA TYR B 320 -3.92 69.02 -24.74
C TYR B 320 -4.66 67.87 -25.41
N ARG B 321 -3.92 66.82 -25.74
CA ARG B 321 -4.47 65.62 -26.35
C ARG B 321 -4.40 64.46 -25.36
N SER B 322 -5.44 63.64 -25.35
CA SER B 322 -5.51 62.49 -24.46
C SER B 322 -4.94 61.26 -25.17
N VAL B 323 -3.93 60.65 -24.57
CA VAL B 323 -3.26 59.49 -25.13
C VAL B 323 -3.31 58.36 -24.10
N ARG B 324 -3.67 57.17 -24.57
CA ARG B 324 -3.80 55.98 -23.72
C ARG B 324 -2.62 55.07 -24.00
N LEU B 325 -1.69 54.99 -23.03
CA LEU B 325 -0.52 54.12 -23.16
C LEU B 325 -0.91 52.69 -22.79
N ILE B 326 -0.65 51.75 -23.68
CA ILE B 326 -0.98 50.35 -23.45
C ILE B 326 0.29 49.52 -23.60
N TRP B 327 0.34 48.42 -22.85
CA TRP B 327 1.46 47.50 -22.92
C TRP B 327 1.06 46.18 -22.30
N LYS B 328 1.67 45.11 -22.77
CA LYS B 328 1.36 43.75 -22.32
C LYS B 328 2.45 43.23 -21.41
N ALA B 329 2.10 42.22 -20.62
CA ALA B 329 3.04 41.62 -19.69
C ALA B 329 3.94 40.62 -20.41
N LEU B 330 5.08 40.33 -19.78
CA LEU B 330 6.02 39.38 -20.37
C LEU B 330 5.69 37.97 -19.93
N PRO B 331 5.87 36.98 -20.80
CA PRO B 331 5.64 35.58 -20.41
C PRO B 331 6.67 35.13 -19.40
N LEU B 332 6.41 33.95 -18.82
CA LEU B 332 7.30 33.41 -17.81
C LEU B 332 8.65 32.96 -18.38
N SER B 333 8.76 32.88 -19.71
CA SER B 333 10.02 32.49 -20.33
C SER B 333 10.95 33.66 -20.58
N GLU B 334 10.42 34.88 -20.71
CA GLU B 334 11.23 36.07 -20.95
C GLU B 334 11.32 37.00 -19.75
N ALA B 335 10.33 36.97 -18.85
CA ALA B 335 10.38 37.85 -17.68
C ALA B 335 11.41 37.38 -16.67
N ASN B 336 11.69 36.08 -16.62
CA ASN B 336 12.68 35.50 -15.71
C ASN B 336 12.35 35.80 -14.25
N GLY B 337 11.07 35.96 -13.94
CA GLY B 337 10.66 36.26 -12.59
C GLY B 337 9.30 36.93 -12.57
N LYS B 338 8.94 37.41 -11.39
CA LYS B 338 7.65 38.06 -11.18
C LYS B 338 7.79 39.57 -11.42
N ILE B 339 7.07 40.08 -12.42
CA ILE B 339 7.10 41.50 -12.71
C ILE B 339 6.41 42.26 -11.59
N LEU B 340 7.07 43.32 -11.09
CA LEU B 340 6.54 44.11 -9.99
C LEU B 340 5.75 45.31 -10.49
N ASP B 341 6.38 46.15 -11.31
CA ASP B 341 5.73 47.34 -11.82
C ASP B 341 6.42 47.77 -13.11
N TYR B 342 5.79 48.71 -13.81
CA TYR B 342 6.28 49.24 -15.08
C TYR B 342 6.53 50.73 -14.94
N GLU B 343 7.71 51.17 -15.36
CA GLU B 343 8.13 52.56 -15.24
C GLU B 343 8.05 53.24 -16.60
N VAL B 344 7.49 54.45 -16.62
CA VAL B 344 7.40 55.24 -17.85
C VAL B 344 8.10 56.58 -17.63
N ILE B 345 8.70 57.08 -18.71
CA ILE B 345 9.42 58.35 -18.70
C ILE B 345 9.05 59.12 -19.95
N LEU B 346 8.60 60.36 -19.77
CA LEU B 346 8.21 61.22 -20.89
C LEU B 346 9.01 62.51 -20.86
N THR B 347 9.41 62.97 -22.04
CA THR B 347 10.15 64.22 -22.18
C THR B 347 10.08 64.66 -23.64
N GLN B 348 9.86 65.95 -23.85
CA GLN B 348 9.75 66.49 -25.22
C GLN B 348 11.10 66.98 -25.73
N SER B 349 12.13 66.13 -25.57
CA SER B 349 13.46 66.35 -26.14
C SER B 349 14.17 67.57 -25.55
N LYS B 350 13.48 68.34 -24.71
CA LYS B 350 14.08 69.54 -24.12
C LYS B 350 13.76 69.74 -22.65
N SER B 351 12.78 69.06 -22.08
CA SER B 351 12.35 69.29 -20.71
C SER B 351 12.89 68.21 -19.78
N VAL B 352 12.47 68.25 -18.52
CA VAL B 352 12.89 67.27 -17.53
C VAL B 352 12.08 65.99 -17.71
N SER B 353 12.52 64.92 -17.07
CA SER B 353 11.86 63.62 -17.19
C SER B 353 10.78 63.48 -16.12
N GLN B 354 9.57 63.15 -16.55
CA GLN B 354 8.45 62.91 -15.66
C GLN B 354 8.28 61.41 -15.47
N THR B 355 8.50 60.94 -14.25
CA THR B 355 8.49 59.51 -13.94
C THR B 355 7.19 59.13 -13.25
N TYR B 356 6.62 57.99 -13.67
CA TYR B 356 5.44 57.43 -13.05
C TYR B 356 5.69 55.97 -12.72
N THR B 357 4.78 55.40 -11.92
CA THR B 357 4.86 54.00 -11.53
C THR B 357 3.46 53.40 -11.58
N VAL B 358 3.22 52.54 -12.56
CA VAL B 358 1.92 51.88 -12.75
C VAL B 358 2.14 50.38 -12.69
N THR B 359 1.44 49.71 -11.78
CA THR B 359 1.53 48.26 -11.66
C THR B 359 0.60 47.53 -12.63
N GLY B 360 -0.30 48.26 -13.30
CA GLY B 360 -1.21 47.67 -14.25
C GLY B 360 -0.59 47.55 -15.63
N THR B 361 -1.47 47.44 -16.63
CA THR B 361 -1.06 47.30 -18.02
C THR B 361 -1.41 48.52 -18.88
N GLU B 362 -2.08 49.51 -18.32
CA GLU B 362 -2.49 50.68 -19.09
C GLU B 362 -2.19 51.93 -18.27
N LEU B 363 -2.13 53.06 -18.98
CA LEU B 363 -1.89 54.36 -18.35
C LEU B 363 -2.37 55.45 -19.29
N THR B 364 -3.15 56.39 -18.76
CA THR B 364 -3.72 57.49 -19.52
C THR B 364 -3.23 58.81 -18.94
N VAL B 365 -2.53 59.59 -19.76
CA VAL B 365 -2.03 60.90 -19.36
C VAL B 365 -2.39 61.91 -20.43
N ASN B 366 -2.53 63.17 -20.01
CA ASN B 366 -2.87 64.27 -20.91
C ASN B 366 -1.60 64.97 -21.37
N LEU B 367 -1.32 64.90 -22.66
CA LEU B 367 -0.16 65.53 -23.26
C LEU B 367 -0.59 66.65 -24.20
N THR B 368 0.33 67.56 -24.47
CA THR B 368 0.06 68.67 -25.37
C THR B 368 0.42 68.26 -26.81
N ASN B 369 0.40 69.22 -27.73
CA ASN B 369 0.49 68.91 -29.15
C ASN B 369 1.91 68.70 -29.65
N ASP B 370 2.93 68.96 -28.83
CA ASP B 370 4.31 68.82 -29.30
C ASP B 370 4.71 67.34 -29.33
N ARG B 371 5.91 67.08 -29.85
CA ARG B 371 6.41 65.72 -29.95
C ARG B 371 6.95 65.24 -28.61
N TYR B 372 6.62 64.00 -28.26
CA TYR B 372 7.07 63.39 -27.02
C TYR B 372 7.99 62.22 -27.31
N VAL B 373 8.84 61.91 -26.32
CA VAL B 373 9.76 60.78 -26.40
C VAL B 373 9.54 59.95 -25.14
N ALA B 374 8.86 58.82 -25.28
CA ALA B 374 8.53 57.95 -24.16
C ALA B 374 9.56 56.83 -24.02
N SER B 375 9.55 56.20 -22.85
CA SER B 375 10.44 55.07 -22.57
C SER B 375 9.78 54.18 -21.54
N LEU B 376 9.78 52.87 -21.81
CA LEU B 376 9.17 51.89 -20.92
C LEU B 376 10.15 50.75 -20.67
N ALA B 377 10.18 50.26 -19.44
CA ALA B 377 11.06 49.16 -19.05
C ALA B 377 10.48 48.47 -17.83
N ALA B 378 10.32 47.15 -17.93
CA ALA B 378 9.79 46.39 -16.81
C ALA B 378 10.83 46.26 -15.71
N ARG B 379 10.38 46.38 -14.46
CA ARG B 379 11.26 46.28 -13.30
C ARG B 379 11.06 44.93 -12.62
N ASN B 380 12.15 44.30 -12.23
CA ASN B 380 12.15 43.02 -11.54
C ASN B 380 12.79 43.17 -10.16
N LYS B 381 12.94 42.04 -9.47
CA LYS B 381 13.51 42.06 -8.14
C LYS B 381 14.99 42.43 -8.17
N VAL B 382 15.71 41.98 -9.19
CA VAL B 382 17.15 42.22 -9.27
C VAL B 382 17.51 43.44 -10.11
N GLY B 383 16.63 43.86 -11.02
CA GLY B 383 16.94 45.01 -11.84
C GLY B 383 15.80 45.32 -12.79
N LYS B 384 16.07 46.25 -13.71
CA LYS B 384 15.10 46.66 -14.71
C LYS B 384 15.41 46.01 -16.05
N SER B 385 14.47 46.15 -16.98
CA SER B 385 14.61 45.58 -18.32
C SER B 385 15.22 46.62 -19.25
N ALA B 386 15.22 46.32 -20.54
CA ALA B 386 15.73 47.27 -21.53
C ALA B 386 14.74 48.40 -21.75
N ALA B 387 15.26 49.56 -22.14
CA ALA B 387 14.45 50.75 -22.33
C ALA B 387 13.98 50.80 -23.79
N ALA B 388 12.72 50.43 -24.00
CA ALA B 388 12.13 50.51 -25.33
C ALA B 388 11.57 51.91 -25.56
N VAL B 389 11.94 52.52 -26.67
CA VAL B 389 11.55 53.89 -26.98
C VAL B 389 10.39 53.87 -27.97
N LEU B 390 9.42 54.75 -27.75
CA LEU B 390 8.28 54.89 -28.65
C LEU B 390 7.82 56.34 -28.57
N THR B 391 8.18 57.13 -29.58
CA THR B 391 7.86 58.55 -29.59
C THR B 391 6.41 58.77 -30.01
N ILE B 392 5.91 59.96 -29.69
CA ILE B 392 4.55 60.36 -30.07
C ILE B 392 4.66 61.61 -30.95
N PRO B 393 4.39 61.50 -32.25
CA PRO B 393 4.48 62.67 -33.12
C PRO B 393 3.34 63.65 -32.88
N SER B 394 3.49 64.85 -33.44
CA SER B 394 2.47 65.87 -33.31
C SER B 394 1.27 65.51 -34.17
N PRO B 395 0.07 65.95 -33.79
CA PRO B 395 -1.13 65.61 -34.56
C PRO B 395 -1.16 66.20 -35.97
N HIS B 396 -0.29 67.15 -36.29
CA HIS B 396 -0.28 67.80 -37.60
C HIS B 396 0.76 67.18 -38.54
N VAL B 397 1.07 65.90 -38.37
CA VAL B 397 1.98 65.17 -39.24
C VAL B 397 1.19 64.12 -40.00
N THR B 398 1.34 64.09 -41.31
CA THR B 398 0.66 63.12 -42.16
C THR B 398 1.64 62.01 -42.55
N ALA B 399 1.16 60.77 -42.48
CA ALA B 399 2.01 59.63 -42.83
C ALA B 399 2.34 59.67 -44.32
N ALA B 400 3.64 59.56 -44.63
CA ALA B 400 4.09 59.61 -46.01
C ALA B 400 4.44 58.24 -46.58
N TYR B 401 4.67 57.25 -45.73
CA TYR B 401 5.03 55.90 -46.16
C TYR B 401 4.04 54.90 -45.57
N SER B 402 3.42 54.11 -46.44
CA SER B 402 2.47 53.10 -46.02
C SER B 402 2.88 51.76 -46.63
N VAL B 403 2.31 50.69 -46.09
CA VAL B 403 2.61 49.34 -46.56
C VAL B 403 1.75 49.03 -47.79
N VAL B 404 2.28 48.17 -48.66
CA VAL B 404 1.60 47.76 -49.87
C VAL B 404 1.61 46.24 -49.95
N ASN B 405 0.80 45.70 -50.86
CA ASN B 405 0.67 44.25 -51.08
C ASN B 405 0.26 43.55 -49.79
N LEU B 406 -0.92 43.90 -49.29
CA LEU B 406 -1.49 43.31 -48.09
C LEU B 406 -2.42 42.17 -48.47
N LYS B 407 -2.19 41.00 -47.89
CA LYS B 407 -2.99 39.82 -48.19
C LYS B 407 -2.96 38.88 -46.98
N ALA B 408 -4.10 38.24 -46.72
CA ALA B 408 -4.22 37.29 -45.63
C ALA B 408 -4.95 36.05 -46.12
N PHE B 409 -4.52 34.88 -45.65
CA PHE B 409 -5.11 33.63 -46.05
C PHE B 409 -5.02 32.64 -44.88
N PRO B 410 -6.10 31.92 -44.57
CA PRO B 410 -6.05 30.94 -43.47
C PRO B 410 -5.38 29.65 -43.92
N LYS B 411 -4.43 29.17 -43.12
CA LYS B 411 -3.72 27.94 -43.41
C LYS B 411 -3.50 27.18 -42.11
N ASP B 412 -3.93 25.92 -42.08
CA ASP B 412 -3.80 25.06 -40.90
C ASP B 412 -4.47 25.71 -39.69
N ASN B 413 -5.69 26.21 -39.90
CA ASN B 413 -6.49 26.88 -38.88
C ASN B 413 -5.81 28.13 -38.33
N LEU B 414 -4.83 28.67 -39.04
CA LEU B 414 -4.14 29.90 -38.65
C LEU B 414 -4.26 30.91 -39.78
N LEU B 415 -4.78 32.09 -39.45
CA LEU B 415 -4.95 33.15 -40.44
C LEU B 415 -3.62 33.88 -40.61
N TRP B 416 -2.85 33.46 -41.60
CA TRP B 416 -1.55 34.06 -41.88
C TRP B 416 -1.72 35.34 -42.71
N VAL B 417 -0.99 36.37 -42.33
CA VAL B 417 -1.00 37.65 -43.02
C VAL B 417 0.41 37.98 -43.47
N GLU B 418 0.56 38.36 -44.74
CA GLU B 418 1.85 38.71 -45.31
C GLU B 418 1.82 40.15 -45.80
N TRP B 419 3.00 40.76 -45.87
CA TRP B 419 3.13 42.13 -46.32
C TRP B 419 4.54 42.36 -46.84
N THR B 420 4.72 43.48 -47.53
CA THR B 420 6.01 43.88 -48.07
C THR B 420 6.56 45.05 -47.28
N PRO B 421 7.83 45.02 -46.88
CA PRO B 421 8.41 46.12 -46.11
C PRO B 421 8.49 47.39 -46.94
N PRO B 422 8.28 48.55 -46.33
CA PRO B 422 8.41 49.81 -47.05
C PRO B 422 9.86 50.07 -47.44
N PRO B 423 10.11 50.95 -48.41
CA PRO B 423 11.49 51.23 -48.82
C PRO B 423 12.29 52.02 -47.79
N LYS B 424 11.69 52.39 -46.65
CA LYS B 424 12.36 53.12 -45.59
C LYS B 424 12.66 52.19 -44.42
N PRO B 425 13.72 52.48 -43.66
CA PRO B 425 14.07 51.61 -42.52
C PRO B 425 13.02 51.69 -41.43
N VAL B 426 12.38 50.56 -41.14
CA VAL B 426 11.37 50.47 -40.11
C VAL B 426 11.99 49.88 -38.86
N SER B 427 11.40 50.19 -37.71
CA SER B 427 11.90 49.68 -36.43
C SER B 427 11.18 48.40 -36.02
N LYS B 428 9.85 48.39 -36.10
CA LYS B 428 9.07 47.22 -35.74
C LYS B 428 7.69 47.34 -36.37
N TYR B 429 7.00 46.21 -36.45
CA TYR B 429 5.67 46.13 -37.05
C TYR B 429 4.63 45.86 -35.98
N ILE B 430 3.48 46.52 -36.11
CA ILE B 430 2.38 46.40 -35.17
C ILE B 430 1.15 45.91 -35.92
N LEU B 431 0.52 44.86 -35.41
CA LEU B 431 -0.69 44.30 -35.99
C LEU B 431 -1.86 44.47 -35.04
N GLU B 432 -3.01 44.87 -35.57
CA GLU B 432 -4.21 45.08 -34.79
C GLU B 432 -5.40 44.48 -35.52
N TRP B 433 -6.28 43.82 -34.78
CA TRP B 433 -7.43 43.15 -35.36
C TRP B 433 -8.53 43.03 -34.33
N CYS B 434 -9.78 43.03 -34.80
CA CYS B 434 -10.93 42.84 -33.95
C CYS B 434 -12.11 42.41 -34.80
N VAL B 435 -13.13 41.85 -34.14
CA VAL B 435 -14.31 41.39 -34.84
C VAL B 435 -15.08 42.59 -35.39
N LEU B 436 -15.89 42.33 -36.41
CA LEU B 436 -16.73 43.36 -37.04
C LEU B 436 -18.19 43.05 -36.73
N SER B 437 -18.83 43.91 -35.95
CA SER B 437 -20.22 43.75 -35.56
C SER B 437 -20.92 45.09 -35.56
N GLU B 438 -22.16 45.10 -36.08
CA GLU B 438 -22.96 46.31 -36.14
C GLU B 438 -23.86 46.47 -34.93
N ASN B 439 -23.83 45.53 -33.98
CA ASN B 439 -24.65 45.62 -32.78
C ASN B 439 -23.86 46.08 -31.55
N ALA B 440 -22.54 45.95 -31.57
CA ALA B 440 -21.72 46.36 -30.43
C ALA B 440 -20.31 46.61 -30.94
N PRO B 441 -19.59 47.56 -30.34
CA PRO B 441 -18.21 47.81 -30.78
C PRO B 441 -17.29 46.66 -30.40
N CYS B 442 -16.14 46.62 -31.06
CA CYS B 442 -15.16 45.56 -30.85
C CYS B 442 -14.12 45.97 -29.81
N VAL B 443 -13.50 44.97 -29.21
CA VAL B 443 -12.44 45.18 -28.24
C VAL B 443 -11.12 45.31 -28.97
N GLU B 444 -10.18 46.05 -28.37
CA GLU B 444 -8.90 46.33 -29.00
C GLU B 444 -7.90 45.25 -28.64
N ASP B 445 -7.36 44.57 -29.66
CA ASP B 445 -6.32 43.57 -29.49
C ASP B 445 -5.17 43.89 -30.43
N TRP B 446 -3.95 43.72 -29.95
CA TRP B 446 -2.76 44.09 -30.71
C TRP B 446 -1.63 43.12 -30.42
N GLN B 447 -0.55 43.26 -31.18
CA GLN B 447 0.65 42.45 -31.00
C GLN B 447 1.81 43.13 -31.72
N GLN B 448 3.01 42.94 -31.17
CA GLN B 448 4.21 43.59 -31.67
C GLN B 448 5.13 42.56 -32.32
N GLU B 449 5.64 42.90 -33.50
CA GLU B 449 6.57 42.06 -34.23
C GLU B 449 7.79 42.87 -34.65
N ASP B 450 8.91 42.17 -34.84
CA ASP B 450 10.16 42.82 -35.19
C ASP B 450 10.11 43.32 -36.64
N ALA B 451 11.18 43.99 -37.06
CA ALA B 451 11.24 44.56 -38.39
C ALA B 451 11.59 43.51 -39.44
N THR B 452 12.25 42.43 -39.05
CA THR B 452 12.66 41.40 -40.01
C THR B 452 11.51 40.49 -40.42
N VAL B 453 10.43 40.44 -39.63
CA VAL B 453 9.31 39.55 -39.93
C VAL B 453 8.38 40.24 -40.91
N ASN B 454 8.01 39.53 -41.98
CA ASN B 454 7.09 40.04 -42.98
C ASN B 454 5.82 39.21 -43.12
N ARG B 455 5.74 38.05 -42.46
CA ARG B 455 4.56 37.21 -42.52
C ARG B 455 4.43 36.42 -41.24
N THR B 456 3.27 36.53 -40.59
CA THR B 456 3.02 35.83 -39.34
C THR B 456 1.53 35.62 -39.17
N HIS B 457 1.16 34.87 -38.15
CA HIS B 457 -0.24 34.56 -37.85
C HIS B 457 -0.69 35.34 -36.61
N LEU B 458 -2.01 35.46 -36.46
CA LEU B 458 -2.58 36.17 -35.33
C LEU B 458 -2.50 35.31 -34.09
N ARG B 459 -1.83 35.83 -33.05
CA ARG B 459 -1.67 35.12 -31.79
C ARG B 459 -2.80 35.55 -30.85
N GLY B 460 -3.87 34.77 -30.85
CA GLY B 460 -5.01 35.09 -30.01
C GLY B 460 -6.08 34.02 -30.15
N ARG B 461 -7.15 34.21 -29.40
CA ARG B 461 -8.29 33.29 -29.41
C ARG B 461 -9.33 33.83 -30.38
N LEU B 462 -9.24 33.40 -31.63
CA LEU B 462 -10.15 33.83 -32.67
C LEU B 462 -11.38 32.92 -32.72
N LEU B 463 -12.46 33.46 -33.27
CA LEU B 463 -13.72 32.74 -33.43
C LEU B 463 -14.02 32.57 -34.91
N GLU B 464 -14.54 31.40 -35.27
CA GLU B 464 -14.85 31.10 -36.66
C GLU B 464 -16.15 31.81 -37.07
N SER B 465 -16.34 31.91 -38.39
CA SER B 465 -17.51 32.54 -38.99
C SER B 465 -17.68 33.98 -38.52
N LYS B 466 -16.56 34.67 -38.27
CA LYS B 466 -16.57 36.06 -37.82
C LYS B 466 -15.56 36.86 -38.64
N CYS B 467 -15.97 38.06 -39.05
CA CYS B 467 -15.09 38.92 -39.82
C CYS B 467 -14.17 39.70 -38.89
N TYR B 468 -12.86 39.60 -39.16
CA TYR B 468 -11.85 40.25 -38.33
C TYR B 468 -11.21 41.37 -39.16
N GLN B 469 -11.40 42.61 -38.71
CA GLN B 469 -10.84 43.78 -39.39
C GLN B 469 -9.38 43.91 -39.01
N ILE B 470 -8.49 43.48 -39.89
CA ILE B 470 -7.05 43.51 -39.64
C ILE B 470 -6.47 44.83 -40.11
N THR B 471 -5.62 45.42 -39.29
CA THR B 471 -4.94 46.68 -39.61
C THR B 471 -3.46 46.55 -39.26
N VAL B 472 -2.60 46.94 -40.19
CA VAL B 472 -1.16 46.89 -40.00
C VAL B 472 -0.61 48.30 -40.06
N THR B 473 0.23 48.65 -39.08
CA THR B 473 0.82 49.98 -39.01
C THR B 473 2.32 49.89 -38.77
N PRO B 474 3.13 50.30 -39.74
CA PRO B 474 4.59 50.29 -39.52
C PRO B 474 5.03 51.44 -38.63
N VAL B 475 6.08 51.18 -37.85
CA VAL B 475 6.63 52.14 -36.91
C VAL B 475 8.01 52.54 -37.39
N PHE B 476 8.22 53.84 -37.60
CA PHE B 476 9.51 54.38 -38.00
C PHE B 476 10.22 54.98 -36.78
N ALA B 477 11.36 55.60 -37.04
CA ALA B 477 12.12 56.25 -35.98
C ALA B 477 11.53 57.60 -35.57
N THR B 478 10.69 58.20 -36.41
CA THR B 478 10.10 59.49 -36.13
C THR B 478 8.58 59.43 -35.94
N GLY B 479 7.98 58.25 -36.06
CA GLY B 479 6.55 58.11 -35.89
C GLY B 479 6.00 56.96 -36.68
N PRO B 480 4.72 56.65 -36.48
CA PRO B 480 4.10 55.55 -37.21
C PRO B 480 3.88 55.89 -38.67
N GLY B 481 3.70 54.84 -39.47
CA GLY B 481 3.47 54.97 -40.90
C GLY B 481 2.01 55.01 -41.27
N GLY B 482 1.70 54.45 -42.44
CA GLY B 482 0.33 54.43 -42.89
C GLY B 482 -0.52 53.37 -42.19
N SER B 483 -1.83 53.51 -42.35
CA SER B 483 -2.79 52.60 -41.75
C SER B 483 -3.80 52.16 -42.80
N GLU B 484 -3.90 50.86 -43.03
CA GLU B 484 -4.84 50.29 -43.98
C GLU B 484 -5.69 49.24 -43.29
N SER B 485 -6.93 49.12 -43.75
CA SER B 485 -7.91 48.20 -43.16
C SER B 485 -8.29 47.14 -44.16
N LEU B 486 -8.09 45.87 -43.79
CA LEU B 486 -8.44 44.73 -44.62
C LEU B 486 -9.37 43.80 -43.86
N LYS B 487 -10.00 42.88 -44.59
CA LYS B 487 -10.91 41.92 -44.03
C LYS B 487 -10.49 40.51 -44.42
N ALA B 488 -10.74 39.56 -43.53
CA ALA B 488 -10.38 38.16 -43.76
C ALA B 488 -11.27 37.28 -42.91
N TYR B 489 -11.17 35.96 -43.15
CA TYR B 489 -11.94 34.97 -42.42
C TYR B 489 -11.06 33.76 -42.12
N LEU B 490 -11.33 33.12 -40.99
CA LEU B 490 -10.58 31.93 -40.60
C LEU B 490 -11.22 30.66 -41.15
N LYS B 491 -12.52 30.48 -40.91
CA LYS B 491 -13.25 29.31 -41.39
C LYS B 491 -14.65 29.77 -41.78
N GLN B 492 -14.87 29.95 -43.08
CA GLN B 492 -16.15 30.42 -43.57
C GLN B 492 -17.22 29.33 -43.43
N ALA B 493 -18.48 29.76 -43.39
CA ALA B 493 -19.60 28.85 -43.25
C ALA B 493 -20.82 29.45 -43.94
N ALA B 494 -21.85 28.63 -44.09
CA ALA B 494 -23.08 29.11 -44.71
C ALA B 494 -23.76 30.14 -43.83
N PRO B 495 -24.41 31.15 -44.41
CA PRO B 495 -25.09 32.16 -43.59
C PRO B 495 -26.23 31.55 -42.80
N ALA B 496 -26.58 32.23 -41.70
CA ALA B 496 -27.65 31.74 -40.84
C ALA B 496 -29.02 31.95 -41.47
N ARG B 497 -29.25 33.11 -42.08
CA ARG B 497 -30.52 33.43 -42.68
C ARG B 497 -30.30 34.09 -44.04
N GLY B 498 -31.22 33.85 -44.96
CA GLY B 498 -31.15 34.44 -46.27
C GLY B 498 -31.58 35.90 -46.26
N PRO B 499 -31.24 36.59 -47.35
CA PRO B 499 -31.58 38.02 -47.43
C PRO B 499 -33.07 38.24 -47.64
N THR B 500 -33.57 39.35 -47.11
CA THR B 500 -34.96 39.72 -47.28
C THR B 500 -35.17 40.28 -48.68
N VAL B 501 -36.03 39.62 -49.46
CA VAL B 501 -36.26 39.99 -50.85
C VAL B 501 -37.56 40.78 -50.93
N ARG B 502 -37.50 41.94 -51.58
CA ARG B 502 -38.66 42.79 -51.78
C ARG B 502 -38.79 43.16 -53.25
N THR B 503 -39.99 43.60 -53.63
CA THR B 503 -40.28 43.99 -55.00
C THR B 503 -40.44 45.50 -55.06
N LYS B 504 -39.61 46.16 -55.88
CA LYS B 504 -39.68 47.60 -56.01
C LYS B 504 -40.77 48.03 -57.00
N LYS B 505 -40.99 47.25 -58.05
CA LYS B 505 -42.01 47.58 -59.04
C LYS B 505 -42.44 46.31 -59.75
N VAL B 506 -43.67 46.33 -60.26
CA VAL B 506 -44.22 45.22 -61.03
C VAL B 506 -44.78 45.77 -62.34
N GLY B 507 -44.62 45.00 -63.41
CA GLY B 507 -45.08 45.42 -64.71
C GLY B 507 -45.92 44.38 -65.43
N LYS B 508 -46.21 44.63 -66.71
CA LYS B 508 -47.02 43.68 -67.47
C LYS B 508 -46.24 42.41 -67.77
N ASN B 509 -44.98 42.54 -68.21
CA ASN B 509 -44.17 41.37 -68.51
C ASN B 509 -42.76 41.48 -67.94
N GLU B 510 -42.45 42.51 -67.17
CA GLU B 510 -41.13 42.67 -66.56
C GLU B 510 -41.30 43.03 -65.09
N ALA B 511 -40.29 42.69 -64.30
CA ALA B 511 -40.32 42.95 -62.87
C ALA B 511 -38.90 42.89 -62.32
N VAL B 512 -38.50 43.93 -61.62
CA VAL B 512 -37.19 43.99 -60.98
C VAL B 512 -37.30 43.39 -59.58
N LEU B 513 -36.19 42.85 -59.09
CA LEU B 513 -36.13 42.21 -57.78
C LEU B 513 -35.02 42.85 -56.96
N ALA B 514 -35.34 43.23 -55.73
CA ALA B 514 -34.39 43.86 -54.82
C ALA B 514 -34.22 42.99 -53.57
N TRP B 515 -33.16 43.29 -52.82
CA TRP B 515 -32.86 42.55 -51.61
C TRP B 515 -31.96 43.41 -50.73
N ASP B 516 -31.89 43.03 -49.46
CA ASP B 516 -31.07 43.74 -48.48
C ASP B 516 -29.79 42.96 -48.23
N GLN B 517 -28.75 43.68 -47.82
CA GLN B 517 -27.45 43.05 -47.59
C GLN B 517 -27.49 42.17 -46.36
N ILE B 518 -26.65 41.14 -46.37
CA ILE B 518 -26.52 40.25 -45.21
C ILE B 518 -25.59 40.91 -44.20
N PRO B 519 -25.99 41.02 -42.94
CA PRO B 519 -25.13 41.68 -41.94
C PRO B 519 -23.82 40.93 -41.76
N VAL B 520 -22.84 41.63 -41.19
CA VAL B 520 -21.52 41.06 -41.01
C VAL B 520 -21.56 39.88 -40.06
N ASP B 521 -22.38 39.96 -39.01
CA ASP B 521 -22.55 38.84 -38.10
C ASP B 521 -23.36 37.71 -38.69
N ASP B 522 -23.92 37.89 -39.90
CA ASP B 522 -24.72 36.87 -40.55
C ASP B 522 -24.08 36.34 -41.83
N GLN B 523 -23.07 37.03 -42.38
CA GLN B 523 -22.42 36.56 -43.60
C GLN B 523 -21.67 35.27 -43.36
N ASN B 524 -20.87 35.21 -42.29
CA ASN B 524 -20.07 34.03 -41.95
C ASN B 524 -19.09 33.68 -43.08
N GLY B 525 -18.64 34.67 -43.81
CA GLY B 525 -17.70 34.45 -44.90
C GLY B 525 -17.85 35.52 -45.94
N PHE B 526 -16.95 35.45 -46.93
CA PHE B 526 -16.96 36.40 -48.04
C PHE B 526 -17.98 35.95 -49.09
N ILE B 527 -18.95 36.82 -49.39
CA ILE B 527 -19.97 36.49 -50.36
C ILE B 527 -19.36 36.52 -51.76
N ARG B 528 -19.77 35.56 -52.60
CA ARG B 528 -19.25 35.43 -53.95
C ARG B 528 -20.27 35.75 -55.03
N ASN B 529 -21.50 35.27 -54.89
CA ASN B 529 -22.53 35.49 -55.88
C ASN B 529 -23.89 35.48 -55.19
N TYR B 530 -24.95 35.61 -55.97
CA TYR B 530 -26.32 35.57 -55.46
C TYR B 530 -27.18 34.79 -56.44
N SER B 531 -27.92 33.80 -55.93
CA SER B 531 -28.76 32.95 -56.74
C SER B 531 -30.21 33.36 -56.58
N ILE B 532 -30.89 33.60 -57.70
CA ILE B 532 -32.29 33.99 -57.72
C ILE B 532 -33.09 32.87 -58.38
N SER B 533 -34.00 32.26 -57.61
CA SER B 533 -34.82 31.16 -58.09
C SER B 533 -36.29 31.58 -58.04
N TYR B 534 -37.04 31.22 -59.08
CA TYR B 534 -38.44 31.59 -59.17
C TYR B 534 -39.18 30.54 -59.99
N ARG B 535 -40.44 30.32 -59.64
CA ARG B 535 -41.30 29.37 -60.33
C ARG B 535 -42.75 29.68 -60.01
N THR B 536 -43.61 29.54 -61.01
CA THR B 536 -45.04 29.74 -60.83
C THR B 536 -45.69 28.42 -60.40
N SER B 537 -47.03 28.39 -60.41
CA SER B 537 -47.74 27.23 -59.86
C SER B 537 -47.62 26.00 -60.74
N VAL B 538 -47.46 26.18 -62.05
CA VAL B 538 -47.45 25.04 -62.97
C VAL B 538 -46.19 25.08 -63.84
N GLY B 539 -45.39 26.12 -63.69
CA GLY B 539 -44.20 26.27 -64.50
C GLY B 539 -43.03 25.47 -63.98
N LYS B 540 -41.91 25.61 -64.67
CA LYS B 540 -40.67 24.92 -64.33
C LYS B 540 -39.76 25.82 -63.51
N GLU B 541 -38.86 25.19 -62.76
CA GLU B 541 -37.91 25.92 -61.93
C GLU B 541 -36.79 26.49 -62.79
N MET B 542 -36.59 27.80 -62.69
CA MET B 542 -35.53 28.49 -63.41
C MET B 542 -34.67 29.26 -62.41
N VAL B 543 -33.36 29.02 -62.44
CA VAL B 543 -32.42 29.61 -61.51
C VAL B 543 -31.44 30.49 -62.28
N VAL B 544 -31.26 31.73 -61.82
CA VAL B 544 -30.29 32.64 -62.39
C VAL B 544 -29.32 33.04 -61.28
N HIS B 545 -28.13 33.46 -61.69
CA HIS B 545 -27.07 33.82 -60.75
C HIS B 545 -26.58 35.23 -61.05
N VAL B 546 -26.49 36.05 -60.00
CA VAL B 546 -26.01 37.43 -60.12
C VAL B 546 -24.88 37.62 -59.12
N ASP B 547 -23.98 38.55 -59.44
CA ASP B 547 -22.84 38.82 -58.59
C ASP B 547 -23.27 39.53 -57.32
N SER B 548 -22.37 39.58 -56.34
CA SER B 548 -22.67 40.23 -55.06
C SER B 548 -22.65 41.74 -55.17
N SER B 549 -21.96 42.29 -56.17
CA SER B 549 -21.90 43.74 -56.33
C SER B 549 -23.21 44.34 -56.84
N HIS B 550 -24.15 43.51 -57.29
CA HIS B 550 -25.42 43.99 -57.79
C HIS B 550 -26.49 43.85 -56.73
N THR B 551 -27.39 44.84 -56.67
CA THR B 551 -28.52 44.83 -55.75
C THR B 551 -29.87 44.75 -56.46
N GLU B 552 -30.02 45.45 -57.58
CA GLU B 552 -31.23 45.39 -58.39
C GLU B 552 -31.00 44.51 -59.60
N TYR B 553 -31.98 43.68 -59.92
CA TYR B 553 -31.89 42.78 -61.07
C TYR B 553 -33.28 42.61 -61.67
N THR B 554 -33.39 42.88 -62.96
CA THR B 554 -34.67 42.78 -63.66
C THR B 554 -34.89 41.35 -64.12
N LEU B 555 -36.08 40.82 -63.84
CA LEU B 555 -36.43 39.46 -64.24
C LEU B 555 -37.23 39.50 -65.53
N SER B 556 -36.77 38.77 -66.54
CA SER B 556 -37.42 38.72 -67.84
C SER B 556 -38.22 37.43 -67.96
N SER B 557 -38.86 37.26 -69.13
CA SER B 557 -39.67 36.08 -69.44
C SER B 557 -40.78 35.89 -68.40
N LEU B 558 -41.44 36.99 -68.06
CA LEU B 558 -42.53 36.97 -67.09
C LEU B 558 -43.86 37.07 -67.83
N SER B 559 -44.78 36.14 -67.53
CA SER B 559 -46.09 36.12 -68.15
C SER B 559 -47.09 36.88 -67.28
N SER B 560 -48.01 37.58 -67.94
CA SER B 560 -49.03 38.34 -67.23
C SER B 560 -50.14 37.41 -66.74
N ASP B 561 -50.85 37.87 -65.71
CA ASP B 561 -51.94 37.12 -65.08
C ASP B 561 -51.44 35.76 -64.60
N THR B 562 -50.28 35.75 -63.95
CA THR B 562 -49.68 34.54 -63.42
C THR B 562 -49.04 34.83 -62.08
N LEU B 563 -49.38 34.04 -61.07
CA LEU B 563 -48.78 34.18 -59.76
C LEU B 563 -47.40 33.54 -59.74
N TYR B 564 -46.43 34.26 -59.19
CA TYR B 564 -45.04 33.82 -59.19
C TYR B 564 -44.47 33.87 -57.78
N MET B 565 -43.75 32.82 -57.40
CA MET B 565 -43.08 32.72 -56.12
C MET B 565 -41.57 32.75 -56.32
N VAL B 566 -40.89 33.62 -55.60
CA VAL B 566 -39.45 33.81 -55.75
C VAL B 566 -38.74 33.30 -54.50
N ARG B 567 -37.50 32.85 -54.70
CA ARG B 567 -36.65 32.40 -53.60
C ARG B 567 -35.21 32.73 -53.95
N MET B 568 -34.53 33.44 -53.05
CA MET B 568 -33.15 33.87 -53.25
C MET B 568 -32.28 33.30 -52.15
N ALA B 569 -31.15 32.70 -52.55
CA ALA B 569 -30.20 32.12 -51.62
C ALA B 569 -28.83 32.72 -51.83
N ALA B 570 -28.08 32.86 -50.74
CA ALA B 570 -26.73 33.40 -50.76
C ALA B 570 -25.74 32.27 -50.51
N TYR B 571 -24.83 32.05 -51.45
CA TYR B 571 -23.86 30.97 -51.39
C TYR B 571 -22.49 31.52 -51.05
N THR B 572 -21.81 30.85 -50.13
CA THR B 572 -20.47 31.22 -49.69
C THR B 572 -19.51 30.08 -50.09
N ASP B 573 -18.25 30.21 -49.69
CA ASP B 573 -17.25 29.19 -50.00
C ASP B 573 -17.53 27.87 -49.30
N GLU B 574 -18.37 27.87 -48.26
CA GLU B 574 -18.71 26.68 -47.50
C GLU B 574 -20.20 26.36 -47.63
N GLY B 575 -20.75 26.50 -48.82
CA GLY B 575 -22.14 26.22 -49.07
C GLY B 575 -22.99 27.47 -49.17
N GLY B 576 -24.29 27.27 -49.00
CA GLY B 576 -25.25 28.35 -49.08
C GLY B 576 -26.42 28.10 -48.16
N LYS B 577 -27.34 29.08 -48.12
CA LYS B 577 -28.52 28.99 -47.28
C LYS B 577 -29.68 29.66 -48.00
N ASP B 578 -30.81 28.96 -48.08
CA ASP B 578 -31.98 29.49 -48.74
C ASP B 578 -32.61 30.61 -47.90
N GLY B 579 -33.29 31.53 -48.58
CA GLY B 579 -33.94 32.64 -47.92
C GLY B 579 -35.43 32.46 -47.82
N PRO B 580 -36.12 33.47 -47.28
CA PRO B 580 -37.58 33.37 -47.15
C PRO B 580 -38.27 33.47 -48.51
N GLU B 581 -39.50 32.96 -48.53
CA GLU B 581 -40.29 32.94 -49.75
C GLU B 581 -41.14 34.20 -49.88
N PHE B 582 -41.34 34.64 -51.12
CA PHE B 582 -42.17 35.79 -51.42
C PHE B 582 -42.97 35.52 -52.69
N THR B 583 -44.18 36.08 -52.73
CA THR B 583 -45.08 35.91 -53.88
C THR B 583 -45.64 37.26 -54.28
N PHE B 584 -45.54 37.58 -55.56
CA PHE B 584 -46.02 38.84 -56.10
C PHE B 584 -47.01 38.58 -57.23
N THR B 585 -47.92 39.53 -57.42
CA THR B 585 -48.96 39.43 -58.44
C THR B 585 -48.57 40.27 -59.65
N THR B 586 -48.73 39.70 -60.84
CA THR B 586 -48.42 40.40 -62.07
C THR B 586 -49.71 40.85 -62.74
N PRO B 587 -50.08 42.14 -62.67
CA PRO B 587 -51.32 42.64 -63.28
C PRO B 587 -51.23 42.70 -64.80
N PRO C 6 31.74 -15.43 96.91
CA PRO C 6 31.10 -15.52 95.60
C PRO C 6 31.84 -16.46 94.64
N LEU C 7 31.12 -17.06 93.72
CA LEU C 7 31.72 -17.98 92.75
C LEU C 7 32.43 -17.18 91.67
N PRO C 8 33.75 -17.29 91.54
CA PRO C 8 34.46 -16.52 90.51
C PRO C 8 34.23 -17.06 89.11
N LEU C 9 33.08 -16.74 88.52
CA LEU C 9 32.74 -17.17 87.16
C LEU C 9 33.46 -16.26 86.15
N THR C 10 34.78 -16.45 86.08
CA THR C 10 35.61 -15.66 85.18
C THR C 10 35.81 -16.43 83.88
N PRO C 11 35.29 -15.93 82.76
CA PRO C 11 35.48 -16.64 81.49
C PRO C 11 36.93 -16.61 81.04
N GLU C 12 37.35 -17.69 80.37
CA GLU C 12 38.71 -17.84 79.88
C GLU C 12 38.66 -18.03 78.37
N ILE C 13 39.29 -17.11 77.64
CA ILE C 13 39.31 -17.17 76.19
C ILE C 13 40.32 -18.23 75.74
N HIS C 14 39.86 -19.18 74.94
CA HIS C 14 40.70 -20.27 74.48
C HIS C 14 41.34 -19.98 73.13
N LYS C 15 40.52 -19.74 72.11
CA LYS C 15 41.01 -19.54 70.75
C LYS C 15 40.25 -18.39 70.10
N VAL C 16 41.00 -17.56 69.37
CA VAL C 16 40.43 -16.44 68.61
C VAL C 16 40.84 -16.60 67.15
N SER C 17 39.89 -16.34 66.25
CA SER C 17 40.12 -16.43 64.82
C SER C 17 39.61 -15.17 64.13
N PHE C 18 39.96 -15.03 62.85
CA PHE C 18 39.57 -13.89 62.06
C PHE C 18 39.04 -14.34 60.71
N GLN C 19 38.33 -13.43 60.04
CA GLN C 19 37.81 -13.68 58.70
C GLN C 19 37.85 -12.35 57.95
N LEU C 20 38.92 -12.13 57.18
CA LEU C 20 39.12 -10.83 56.54
C LEU C 20 38.14 -10.58 55.40
N LYS C 21 37.50 -11.63 54.87
CA LYS C 21 36.57 -11.42 53.75
C LYS C 21 35.28 -10.78 54.23
N LEU C 22 34.78 -11.17 55.40
CA LEU C 22 33.54 -10.65 55.94
C LEU C 22 33.74 -9.69 57.10
N GLN C 23 34.99 -9.42 57.49
CA GLN C 23 35.31 -8.55 58.62
C GLN C 23 34.61 -9.03 59.90
N GLU C 24 34.91 -10.27 60.27
CA GLU C 24 34.33 -10.89 61.44
C GLU C 24 35.43 -11.43 62.35
N VAL C 25 35.15 -11.45 63.64
CA VAL C 25 36.09 -11.93 64.65
C VAL C 25 35.40 -13.04 65.43
N ASN C 26 35.75 -14.28 65.13
CA ASN C 26 35.18 -15.42 65.84
C ASN C 26 35.90 -15.61 67.17
N LEU C 27 35.12 -15.66 68.25
CA LEU C 27 35.66 -15.76 69.61
C LEU C 27 35.03 -16.94 70.32
N GLU C 28 35.87 -17.77 70.94
CA GLU C 28 35.41 -18.93 71.71
C GLU C 28 36.01 -18.88 73.10
N TRP C 29 35.20 -19.21 74.10
CA TRP C 29 35.65 -19.17 75.48
C TRP C 29 34.77 -20.08 76.32
N THR C 30 35.37 -20.66 77.36
CA THR C 30 34.66 -21.49 78.33
C THR C 30 34.95 -20.98 79.72
N VAL C 31 34.22 -21.52 80.70
CA VAL C 31 34.38 -21.17 82.10
C VAL C 31 34.59 -22.43 82.92
N PRO C 32 35.71 -22.58 83.64
CA PRO C 32 35.91 -23.79 84.46
C PRO C 32 35.24 -23.73 85.82
N ALA C 33 34.73 -22.57 86.23
CA ALA C 33 34.18 -22.40 87.57
C ALA C 33 32.73 -22.86 87.68
N LEU C 34 32.22 -23.63 86.73
CA LEU C 34 30.85 -24.11 86.81
C LEU C 34 30.79 -25.40 87.63
N THR C 35 29.72 -25.55 88.40
CA THR C 35 29.50 -26.73 89.24
C THR C 35 28.30 -27.55 88.81
N HIS C 36 27.18 -26.90 88.49
CA HIS C 36 25.98 -27.61 88.07
C HIS C 36 26.12 -28.08 86.62
N GLU C 37 25.04 -28.60 86.05
CA GLU C 37 25.08 -29.15 84.70
C GLU C 37 24.69 -28.11 83.64
N GLU C 38 23.62 -27.35 83.88
CA GLU C 38 23.13 -26.40 82.90
C GLU C 38 22.55 -25.19 83.61
N LEU C 39 23.05 -24.01 83.27
CA LEU C 39 22.57 -22.76 83.85
C LEU C 39 22.55 -21.69 82.77
N ASN C 40 21.75 -20.66 83.01
CA ASN C 40 21.68 -19.51 82.13
C ASN C 40 22.65 -18.43 82.58
N MET C 41 23.37 -17.85 81.63
CA MET C 41 24.40 -16.86 81.94
C MET C 41 24.25 -15.64 81.04
N ILE C 42 24.84 -14.53 81.48
CA ILE C 42 24.88 -13.29 80.73
C ILE C 42 26.33 -12.87 80.61
N PHE C 43 26.79 -12.68 79.37
CA PHE C 43 28.18 -12.35 79.09
C PHE C 43 28.25 -10.91 78.58
N GLN C 44 28.68 -9.99 79.44
CA GLN C 44 28.90 -8.61 79.04
C GLN C 44 30.24 -8.49 78.34
N ILE C 45 30.22 -7.98 77.12
CA ILE C 45 31.41 -7.92 76.27
C ILE C 45 31.80 -6.46 76.08
N GLU C 46 33.10 -6.18 76.21
CA GLU C 46 33.64 -4.84 76.04
C GLU C 46 34.75 -4.88 75.00
N ILE C 47 34.71 -3.94 74.06
CA ILE C 47 35.65 -3.89 72.95
C ILE C 47 36.38 -2.55 72.98
N SER C 48 37.68 -2.60 72.71
CA SER C 48 38.52 -1.41 72.69
C SER C 48 39.22 -1.29 71.33
N ARG C 49 39.90 -0.17 71.14
CA ARG C 49 40.58 0.11 69.87
C ARG C 49 41.81 0.98 70.12
N LEU C 50 42.96 0.50 69.64
CA LEU C 50 44.23 1.22 69.64
C LEU C 50 44.84 1.33 71.04
N ASN C 51 44.08 0.94 72.06
CA ASN C 51 44.54 0.80 73.44
C ASN C 51 43.38 0.29 74.27
N ILE C 52 43.69 -0.23 75.46
CA ILE C 52 42.68 -0.86 76.31
C ILE C 52 41.82 0.13 77.05
N SER C 53 42.00 1.43 76.84
CA SER C 53 41.23 2.45 77.54
C SER C 53 40.21 3.15 76.65
N ASN C 54 40.08 2.74 75.39
CA ASN C 54 39.16 3.37 74.44
C ASN C 54 37.96 2.44 74.26
N THR C 55 36.98 2.56 75.15
CA THR C 55 35.78 1.74 75.05
C THR C 55 34.91 2.25 73.91
N ILE C 56 34.58 1.36 72.98
CA ILE C 56 33.80 1.73 71.80
C ILE C 56 32.51 0.92 71.65
N TRP C 57 32.35 -0.17 72.37
CA TRP C 57 31.16 -1.00 72.23
C TRP C 57 30.96 -1.82 73.50
N VAL C 58 29.71 -1.87 73.96
CA VAL C 58 29.32 -2.67 75.12
C VAL C 58 28.03 -3.40 74.76
N GLU C 59 28.04 -4.72 74.90
CA GLU C 59 26.90 -5.54 74.55
C GLU C 59 26.65 -6.59 75.63
N ASN C 60 25.40 -7.05 75.72
CA ASN C 60 25.01 -8.09 76.66
C ASN C 60 24.56 -9.31 75.87
N TYR C 61 25.22 -10.44 76.10
CA TYR C 61 24.94 -11.69 75.40
C TYR C 61 24.49 -12.73 76.42
N SER C 62 23.20 -13.06 76.41
CA SER C 62 22.63 -14.04 77.31
C SER C 62 22.35 -15.32 76.55
N THR C 63 22.95 -16.42 76.99
CA THR C 63 22.77 -17.71 76.34
C THR C 63 23.07 -18.81 77.35
N THR C 64 22.19 -19.80 77.43
CA THR C 64 22.38 -20.91 78.35
C THR C 64 23.60 -21.73 77.95
N VAL C 65 24.49 -21.98 78.92
CA VAL C 65 25.71 -22.74 78.69
C VAL C 65 25.68 -23.99 79.56
N LYS C 66 26.13 -25.11 79.00
CA LYS C 66 26.17 -26.38 79.69
C LYS C 66 27.60 -26.71 80.12
N ARG C 67 27.76 -27.87 80.75
CA ARG C 67 29.08 -28.31 81.18
C ARG C 67 29.92 -28.72 79.98
N GLU C 68 31.16 -28.23 79.92
CA GLU C 68 32.16 -28.49 78.89
C GLU C 68 31.78 -27.86 77.56
N GLU C 69 30.61 -27.23 77.44
CA GLU C 69 30.19 -26.62 76.20
C GLU C 69 30.93 -25.30 75.97
N ALA C 70 31.49 -25.14 74.79
CA ALA C 70 32.22 -23.91 74.44
C ALA C 70 31.26 -22.90 73.84
N VAL C 71 31.36 -21.66 74.31
CA VAL C 71 30.49 -20.58 73.86
C VAL C 71 31.14 -19.89 72.67
N ARG C 72 30.37 -19.75 71.58
CA ARG C 72 30.83 -19.10 70.36
C ARG C 72 30.09 -17.79 70.17
N TRP C 73 30.83 -16.74 69.79
CA TRP C 73 30.26 -15.43 69.56
C TRP C 73 31.01 -14.74 68.43
N ASN C 74 30.32 -13.83 67.75
CA ASN C 74 30.89 -13.13 66.61
C ASN C 74 30.62 -11.64 66.73
N TRP C 75 31.48 -10.85 66.09
CA TRP C 75 31.34 -9.40 66.07
C TRP C 75 31.83 -8.87 64.73
N THR C 76 31.18 -7.82 64.27
CA THR C 76 31.49 -7.21 62.97
C THR C 76 32.08 -5.83 63.19
N SER C 77 33.16 -5.53 62.46
CA SER C 77 33.80 -4.23 62.49
C SER C 77 33.60 -3.52 61.17
N ASP C 78 33.32 -2.22 61.23
CA ASP C 78 33.08 -1.45 60.01
C ASP C 78 34.38 -1.24 59.24
N ILE C 79 35.42 -0.80 59.92
CA ILE C 79 36.72 -0.55 59.30
C ILE C 79 37.42 -1.89 59.09
N PRO C 80 38.26 -2.03 58.06
CA PRO C 80 38.94 -3.30 57.84
C PRO C 80 39.83 -3.68 59.01
N LEU C 81 39.91 -4.98 59.28
CA LEU C 81 40.66 -5.47 60.42
C LEU C 81 42.17 -5.38 60.21
N GLU C 82 42.64 -5.36 58.97
CA GLU C 82 44.08 -5.31 58.70
C GLU C 82 44.68 -3.93 58.94
N CYS C 83 43.91 -2.98 59.44
CA CYS C 83 44.39 -1.61 59.64
C CYS C 83 44.73 -1.29 61.09
N VAL C 84 43.91 -1.76 62.03
CA VAL C 84 44.10 -1.45 63.45
C VAL C 84 43.74 -2.68 64.27
N LYS C 85 44.38 -2.79 65.44
CA LYS C 85 44.13 -3.86 66.38
C LYS C 85 43.02 -3.47 67.36
N HIS C 86 42.57 -4.46 68.13
CA HIS C 86 41.51 -4.24 69.12
C HIS C 86 41.87 -4.99 70.40
N PHE C 87 41.01 -4.84 71.41
CA PHE C 87 41.17 -5.54 72.68
C PHE C 87 39.78 -5.87 73.21
N ILE C 88 39.58 -7.12 73.61
CA ILE C 88 38.28 -7.62 74.03
C ILE C 88 38.41 -8.32 75.38
N ARG C 89 37.46 -8.06 76.27
CA ARG C 89 37.38 -8.73 77.55
C ARG C 89 35.92 -8.98 77.90
N ILE C 90 35.65 -10.13 78.51
CA ILE C 90 34.28 -10.55 78.82
C ILE C 90 34.21 -10.98 80.28
N ARG C 91 33.07 -10.69 80.91
CA ARG C 91 32.76 -11.16 82.25
C ARG C 91 31.36 -11.78 82.24
N ALA C 92 31.13 -12.69 83.18
CA ALA C 92 29.91 -13.47 83.22
C ALA C 92 28.97 -12.97 84.31
N LEU C 93 27.71 -13.41 84.22
CA LEU C 93 26.68 -13.06 85.18
C LEU C 93 25.56 -14.07 85.07
N VAL C 94 24.99 -14.45 86.20
CA VAL C 94 23.93 -15.46 86.27
C VAL C 94 22.62 -14.76 86.62
N ASP C 95 21.54 -15.16 85.93
CA ASP C 95 20.20 -14.64 86.19
C ASP C 95 19.45 -15.65 87.05
N ASP C 96 19.79 -15.67 88.33
CA ASP C 96 19.18 -16.59 89.29
C ASP C 96 18.15 -15.81 90.10
N THR C 97 16.93 -15.72 89.56
CA THR C 97 15.84 -15.02 90.23
C THR C 97 15.10 -15.90 91.24
N LYS C 98 15.53 -17.15 91.43
CA LYS C 98 14.90 -18.05 92.38
C LYS C 98 15.75 -18.33 93.60
N SER C 99 17.07 -18.11 93.53
CA SER C 99 17.96 -18.34 94.66
C SER C 99 19.12 -17.37 94.57
N LEU C 100 19.58 -16.90 95.72
CA LEU C 100 20.65 -15.92 95.84
C LEU C 100 20.36 -14.70 94.96
N PRO C 101 19.39 -13.85 95.34
CA PRO C 101 19.05 -12.70 94.50
C PRO C 101 20.08 -11.58 94.60
N GLN C 102 21.35 -11.90 94.36
CA GLN C 102 22.44 -10.93 94.38
C GLN C 102 23.24 -11.10 93.10
N SER C 103 22.83 -10.40 92.05
CA SER C 103 23.48 -10.49 90.75
C SER C 103 24.70 -9.58 90.75
N SER C 104 25.85 -10.16 91.10
CA SER C 104 27.12 -9.43 91.14
C SER C 104 28.01 -9.88 90.00
N TRP C 105 28.62 -8.91 89.32
CA TRP C 105 29.49 -9.21 88.20
C TRP C 105 30.81 -9.80 88.70
N GLY C 106 31.40 -10.66 87.87
CA GLY C 106 32.68 -11.28 88.19
C GLY C 106 33.86 -10.42 87.73
N ASN C 107 35.05 -10.99 87.90
CA ASN C 107 36.27 -10.30 87.52
C ASN C 107 36.39 -10.24 85.99
N TRP C 108 37.04 -9.19 85.51
CA TRP C 108 37.26 -9.02 84.08
C TRP C 108 38.38 -9.93 83.60
N SER C 109 38.24 -10.45 82.39
CA SER C 109 39.24 -11.32 81.82
C SER C 109 40.43 -10.51 81.30
N SER C 110 41.45 -11.24 80.85
CA SER C 110 42.63 -10.58 80.31
C SER C 110 42.35 -10.00 78.93
N TRP C 111 43.03 -8.90 78.62
CA TRP C 111 42.86 -8.22 77.34
C TRP C 111 43.51 -9.06 76.24
N LYS C 112 42.70 -9.83 75.52
CA LYS C 112 43.21 -10.66 74.42
C LYS C 112 43.43 -9.77 73.20
N GLU C 113 44.69 -9.63 72.79
CA GLU C 113 45.03 -8.76 71.67
C GLU C 113 44.50 -9.36 70.37
N VAL C 114 43.67 -8.59 69.66
CA VAL C 114 43.16 -8.98 68.35
C VAL C 114 43.94 -8.18 67.32
N ASN C 115 44.93 -8.82 66.70
CA ASN C 115 45.84 -8.16 65.78
C ASN C 115 45.70 -8.78 64.40
N ALA C 116 45.56 -7.92 63.38
CA ALA C 116 45.44 -8.40 62.01
C ALA C 116 46.26 -7.58 61.03
N LYS C 117 47.11 -6.67 61.49
CA LYS C 117 47.98 -5.90 60.61
C LYS C 117 49.02 -6.81 60.00
N VAL C 118 48.92 -7.05 58.69
CA VAL C 118 49.77 -8.01 58.02
C VAL C 118 51.20 -7.50 57.89
N SER C 119 51.39 -6.41 57.14
CA SER C 119 52.71 -5.86 56.87
C SER C 119 52.54 -4.57 56.08
N VAL C 120 53.67 -3.89 55.85
CA VAL C 120 53.68 -2.67 55.05
C VAL C 120 55.10 -2.45 54.55
N GLU C 121 55.22 -2.06 53.28
CA GLU C 121 56.54 -1.78 52.74
C GLU C 121 56.85 -0.29 52.79
N PRO C 122 58.10 0.08 53.04
CA PRO C 122 58.44 1.51 53.13
C PRO C 122 58.23 2.27 51.83
N ASP C 123 58.20 1.59 50.69
CA ASP C 123 58.02 2.25 49.40
C ASP C 123 56.74 1.80 48.69
N LYS C 124 55.80 1.21 49.42
CA LYS C 124 54.55 0.74 48.84
C LYS C 124 53.39 1.20 49.73
N SER C 125 52.18 0.83 49.32
CA SER C 125 50.98 1.19 50.05
C SER C 125 49.89 0.18 49.76
N LEU C 126 48.99 0.00 50.73
CA LEU C 126 47.89 -0.94 50.62
C LEU C 126 46.56 -0.23 50.85
N ILE C 127 45.49 -0.85 50.38
CA ILE C 127 44.14 -0.29 50.52
C ILE C 127 43.17 -1.44 50.71
N PHE C 128 42.23 -1.25 51.63
CA PHE C 128 41.22 -2.25 51.95
C PHE C 128 39.87 -1.56 52.15
N PRO C 129 38.77 -2.19 51.73
CA PRO C 129 38.74 -3.49 51.04
C PRO C 129 38.91 -3.36 49.54
N LYS C 130 39.03 -4.50 48.85
CA LYS C 130 39.25 -4.53 47.41
C LYS C 130 38.04 -5.18 46.74
N ASP C 131 37.45 -4.48 45.77
CA ASP C 131 36.32 -4.97 44.99
C ASP C 131 35.14 -5.33 45.89
N LYS C 132 34.63 -4.32 46.60
CA LYS C 132 33.51 -4.49 47.51
C LYS C 132 32.19 -4.38 46.74
N VAL C 133 31.29 -5.31 47.00
CA VAL C 133 29.96 -5.32 46.40
C VAL C 133 28.97 -4.77 47.43
N LEU C 134 28.26 -3.70 47.07
CA LEU C 134 27.35 -3.03 47.96
C LEU C 134 26.00 -2.84 47.27
N GLU C 135 25.05 -2.29 48.01
CA GLU C 135 23.73 -1.96 47.51
C GLU C 135 23.60 -0.45 47.35
N GLU C 136 22.87 -0.03 46.31
CA GLU C 136 22.71 1.38 46.03
C GLU C 136 22.00 2.09 47.19
N GLY C 137 22.73 2.99 47.85
CA GLY C 137 22.19 3.75 48.97
C GLY C 137 22.78 3.42 50.32
N SER C 138 23.79 2.55 50.38
CA SER C 138 24.41 2.16 51.64
C SER C 138 25.67 2.98 51.88
N ASN C 139 26.31 2.73 53.02
CA ASN C 139 27.55 3.40 53.41
C ASN C 139 28.71 2.42 53.38
N VAL C 140 29.92 2.98 53.44
CA VAL C 140 31.14 2.18 53.40
C VAL C 140 32.27 3.00 54.00
N THR C 141 33.25 2.32 54.57
CA THR C 141 34.44 2.96 55.15
C THR C 141 35.67 2.25 54.61
N ILE C 142 36.44 2.95 53.78
CA ILE C 142 37.63 2.40 53.15
C ILE C 142 38.86 2.90 53.89
N CYS C 143 39.70 1.97 54.31
CA CYS C 143 40.94 2.30 55.01
C CYS C 143 42.13 2.19 54.06
N LEU C 144 43.14 3.02 54.31
CA LEU C 144 44.34 3.05 53.50
C LEU C 144 45.56 3.08 54.41
N MET C 145 46.52 2.21 54.14
CA MET C 145 47.75 2.11 54.93
C MET C 145 48.94 2.25 54.01
N TYR C 146 49.73 3.30 54.22
CA TYR C 146 50.92 3.56 53.43
C TYR C 146 52.17 3.31 54.26
N GLY C 147 53.32 3.30 53.58
CA GLY C 147 54.59 3.05 54.22
C GLY C 147 55.08 4.24 55.02
N GLN C 148 56.38 4.21 55.33
CA GLN C 148 57.00 5.30 56.09
C GLN C 148 57.51 6.42 55.19
N ASN C 149 58.03 6.07 54.01
CA ASN C 149 58.56 7.09 53.12
C ASN C 149 57.47 7.86 52.39
N VAL C 150 56.30 7.24 52.18
CA VAL C 150 55.21 7.91 51.49
C VAL C 150 54.66 9.03 52.35
N TYR C 151 54.36 10.16 51.73
CA TYR C 151 53.88 11.34 52.44
C TYR C 151 52.86 12.08 51.58
N ASN C 152 51.88 12.69 52.25
CA ASN C 152 50.85 13.50 51.61
C ASN C 152 50.07 12.68 50.58
N VAL C 153 49.38 11.65 51.07
CA VAL C 153 48.52 10.83 50.22
C VAL C 153 47.19 11.53 50.04
N SER C 154 46.71 11.58 48.79
CA SER C 154 45.46 12.26 48.46
C SER C 154 44.65 11.37 47.53
N CYS C 155 43.53 10.86 48.02
CA CYS C 155 42.65 10.00 47.25
C CYS C 155 41.53 10.81 46.62
N LYS C 156 41.02 10.33 45.49
CA LYS C 156 39.97 11.00 44.76
C LYS C 156 39.00 9.99 44.17
N LEU C 157 37.77 10.42 43.97
CA LEU C 157 36.78 9.64 43.24
C LEU C 157 37.03 9.85 41.75
N GLN C 158 36.07 9.50 40.89
CA GLN C 158 36.22 9.70 39.45
C GLN C 158 36.76 11.08 39.12
N ASP C 159 36.00 12.12 39.46
CA ASP C 159 36.51 13.50 39.40
C ASP C 159 35.89 14.32 40.54
N GLU C 160 36.55 14.29 41.70
CA GLU C 160 36.22 15.10 42.87
C GLU C 160 37.23 14.83 43.98
N PRO C 161 37.45 15.78 44.88
CA PRO C 161 38.30 15.50 46.05
C PRO C 161 37.54 14.69 47.09
N ILE C 162 38.33 14.07 47.98
CA ILE C 162 37.80 13.27 49.08
C ILE C 162 38.50 13.71 50.36
N HIS C 163 37.73 14.14 51.36
CA HIS C 163 38.27 14.60 52.63
C HIS C 163 38.46 13.40 53.54
N GLY C 164 39.68 12.87 53.57
CA GLY C 164 39.99 11.71 54.39
C GLY C 164 40.40 12.09 55.80
N GLU C 165 40.12 11.18 56.73
CA GLU C 165 40.45 11.35 58.14
C GLU C 165 41.61 10.44 58.50
N GLN C 166 42.58 10.98 59.22
CA GLN C 166 43.77 10.23 59.63
C GLN C 166 43.49 9.57 60.97
N LEU C 167 43.22 8.27 60.93
CA LEU C 167 42.97 7.53 62.17
C LEU C 167 44.23 7.42 63.02
N ASP C 168 45.38 7.23 62.39
CA ASP C 168 46.65 7.12 63.09
C ASP C 168 47.70 7.87 62.29
N SER C 169 48.97 7.66 62.64
CA SER C 169 50.05 8.39 61.98
C SER C 169 50.32 7.87 60.57
N HIS C 170 50.09 6.58 60.32
CA HIS C 170 50.41 5.98 59.02
C HIS C 170 49.20 5.40 58.32
N VAL C 171 47.98 5.65 58.80
CA VAL C 171 46.77 5.17 58.15
C VAL C 171 45.83 6.35 57.92
N SER C 172 44.87 6.14 57.02
CA SER C 172 43.89 7.16 56.70
C SER C 172 42.57 6.48 56.35
N LEU C 173 41.48 7.04 56.85
CA LEU C 173 40.14 6.50 56.64
C LEU C 173 39.39 7.34 55.63
N LEU C 174 38.67 6.68 54.73
CA LEU C 174 37.82 7.33 53.74
C LEU C 174 36.38 6.92 53.98
N LYS C 175 35.50 7.90 54.11
CA LYS C 175 34.09 7.67 54.38
C LYS C 175 33.25 8.12 53.20
N LEU C 176 32.36 7.25 52.73
CA LEU C 176 31.47 7.54 51.61
C LEU C 176 30.04 7.35 52.08
N ASN C 177 29.20 8.35 51.84
CA ASN C 177 27.81 8.32 52.27
C ASN C 177 26.88 8.29 51.06
N ASN C 178 25.83 7.47 51.17
CA ASN C 178 24.79 7.28 50.16
C ASN C 178 25.39 7.22 48.75
N VAL C 179 26.24 6.20 48.54
CA VAL C 179 26.85 6.00 47.23
C VAL C 179 25.77 5.73 46.21
N VAL C 180 25.96 6.27 45.01
CA VAL C 180 24.98 6.16 43.94
C VAL C 180 25.51 5.23 42.86
N PHE C 181 24.59 4.71 42.06
CA PHE C 181 24.94 3.81 40.97
C PHE C 181 25.44 4.61 39.78
N LEU C 182 26.65 4.28 39.31
CA LEU C 182 27.26 4.95 38.17
C LEU C 182 27.24 4.10 36.91
N SER C 183 27.73 2.87 36.99
CA SER C 183 27.73 1.96 35.84
C SER C 183 27.89 0.54 36.36
N ASP C 184 27.54 -0.42 35.50
CA ASP C 184 27.62 -1.83 35.88
C ASP C 184 29.06 -2.32 35.96
N THR C 185 30.04 -1.51 35.58
CA THR C 185 31.44 -1.90 35.63
C THR C 185 32.16 -1.41 36.88
N GLY C 186 31.48 -0.67 37.74
CA GLY C 186 32.05 -0.22 38.99
C GLY C 186 32.60 1.20 38.89
N THR C 187 32.80 1.79 40.07
CA THR C 187 33.33 3.15 40.18
C THR C 187 34.79 3.08 40.62
N ASN C 188 35.69 3.60 39.80
CA ASN C 188 37.12 3.53 40.08
C ASN C 188 37.50 4.58 41.11
N ILE C 189 38.25 4.15 42.14
CA ILE C 189 38.75 5.06 43.16
C ILE C 189 40.26 5.14 43.05
N ASN C 190 40.75 6.13 42.32
CA ASN C 190 42.19 6.31 42.11
C ASN C 190 42.77 7.21 43.18
N CYS C 191 43.89 6.80 43.76
CA CYS C 191 44.55 7.55 44.82
C CYS C 191 46.03 7.67 44.48
N GLN C 192 46.48 8.88 44.19
CA GLN C 192 47.86 9.15 43.82
C GLN C 192 48.56 9.92 44.93
N ALA C 193 49.80 9.53 45.22
CA ALA C 193 50.58 10.18 46.26
C ALA C 193 51.23 11.45 45.72
N THR C 194 51.20 12.52 46.54
CA THR C 194 51.83 13.77 46.13
C THR C 194 53.34 13.68 46.17
N LYS C 195 53.89 13.25 47.31
CA LYS C 195 55.32 13.09 47.48
C LYS C 195 55.69 11.61 47.49
N GLY C 196 56.99 11.35 47.38
CA GLY C 196 57.49 9.99 47.34
C GLY C 196 57.35 9.37 45.97
N PRO C 197 57.09 8.06 45.92
CA PRO C 197 56.91 7.38 44.63
C PRO C 197 55.67 7.88 43.93
N LYS C 198 55.85 8.40 42.71
CA LYS C 198 54.76 8.94 41.91
C LYS C 198 54.14 7.80 41.11
N ARG C 199 52.99 7.32 41.57
CA ARG C 199 52.26 6.26 40.88
C ARG C 199 50.79 6.37 41.28
N ILE C 200 49.98 5.48 40.70
CA ILE C 200 48.54 5.46 40.93
C ILE C 200 48.15 4.09 41.46
N PHE C 201 47.43 4.07 42.58
CA PHE C 201 46.94 2.83 43.17
C PHE C 201 45.53 3.05 43.69
N GLY C 202 44.71 2.01 43.60
CA GLY C 202 43.35 2.10 44.05
C GLY C 202 42.59 0.82 43.74
N THR C 203 41.32 0.83 44.11
CA THR C 203 40.42 -0.31 43.92
C THR C 203 39.13 0.16 43.27
N VAL C 204 38.36 -0.80 42.80
CA VAL C 204 37.06 -0.55 42.17
C VAL C 204 35.96 -0.84 43.17
N LEU C 205 34.98 0.06 43.25
CA LEU C 205 33.85 -0.08 44.15
C LEU C 205 32.64 -0.48 43.32
N PHE C 206 32.19 -1.72 43.48
CA PHE C 206 31.05 -2.24 42.73
C PHE C 206 29.76 -1.87 43.46
N VAL C 207 28.87 -1.15 42.78
CA VAL C 207 27.58 -0.74 43.33
C VAL C 207 26.50 -1.40 42.49
N SER C 208 25.56 -2.08 43.16
CA SER C 208 24.48 -2.79 42.50
C SER C 208 23.14 -2.17 42.83
N LYS C 209 22.15 -2.43 42.00
CA LYS C 209 20.81 -1.91 42.19
C LYS C 209 20.05 -2.76 43.21
N VAL C 210 18.83 -2.32 43.52
CA VAL C 210 17.98 -3.00 44.48
C VAL C 210 17.10 -4.01 43.76
N LEU C 211 17.00 -5.21 44.31
CA LEU C 211 16.19 -6.26 43.72
C LEU C 211 14.72 -6.01 44.02
N GLU C 212 13.88 -6.06 42.98
CA GLU C 212 12.46 -5.80 43.10
C GLU C 212 11.69 -7.12 43.20
N GLU C 213 10.42 -6.98 43.57
CA GLU C 213 9.53 -8.14 43.71
C GLU C 213 8.83 -8.42 42.39
N PRO C 214 8.68 -9.69 42.02
CA PRO C 214 7.94 -10.02 40.79
C PRO C 214 6.50 -9.52 40.86
N LYS C 215 6.05 -8.90 39.76
CA LYS C 215 4.74 -8.27 39.70
C LYS C 215 3.84 -9.02 38.73
N ASN C 216 2.56 -9.14 39.11
CA ASN C 216 1.54 -9.85 38.33
C ASN C 216 2.00 -11.27 37.98
N VAL C 217 2.17 -12.08 39.02
CA VAL C 217 2.54 -13.48 38.86
C VAL C 217 1.26 -14.28 38.67
N SER C 218 1.10 -14.86 37.48
CA SER C 218 -0.07 -15.66 37.16
C SER C 218 0.34 -16.81 36.25
N CYS C 219 -0.40 -17.92 36.34
CA CYS C 219 -0.08 -19.12 35.59
C CYS C 219 -1.35 -19.61 34.91
N GLU C 220 -1.18 -20.59 34.01
CA GLU C 220 -2.30 -21.06 33.20
C GLU C 220 -2.02 -22.50 32.76
N THR C 221 -3.08 -23.17 32.31
CA THR C 221 -2.99 -24.52 31.78
C THR C 221 -3.63 -24.57 30.40
N ARG C 222 -3.14 -25.48 29.56
CA ARG C 222 -3.62 -25.63 28.20
C ARG C 222 -4.19 -27.01 27.92
N ASP C 223 -3.48 -28.08 28.30
CA ASP C 223 -3.92 -29.44 28.00
C ASP C 223 -3.74 -30.36 29.20
N PHE C 224 -3.83 -29.81 30.41
CA PHE C 224 -3.71 -30.56 31.66
C PHE C 224 -2.37 -31.29 31.78
N LYS C 225 -1.35 -30.80 31.09
CA LYS C 225 -0.03 -31.41 31.13
C LYS C 225 1.07 -30.41 31.46
N THR C 226 0.96 -29.16 31.00
CA THR C 226 1.97 -28.15 31.24
C THR C 226 1.32 -26.91 31.83
N LEU C 227 2.09 -26.20 32.67
CA LEU C 227 1.65 -24.96 33.29
C LEU C 227 2.63 -23.86 32.91
N ASP C 228 2.23 -22.99 31.99
CA ASP C 228 3.10 -21.91 31.51
C ASP C 228 2.88 -20.68 32.40
N CYS C 229 3.60 -20.65 33.52
CA CYS C 229 3.52 -19.54 34.45
C CYS C 229 4.47 -18.43 34.04
N SER C 230 4.03 -17.19 34.23
CA SER C 230 4.79 -16.02 33.80
C SER C 230 4.73 -14.94 34.88
N TRP C 231 5.70 -14.03 34.83
CA TRP C 231 5.81 -12.94 35.80
C TRP C 231 6.66 -11.84 35.18
N GLU C 232 6.92 -10.80 35.97
CA GLU C 232 7.77 -9.70 35.55
C GLU C 232 9.11 -9.77 36.27
N PRO C 233 10.23 -9.75 35.55
CA PRO C 233 11.53 -9.85 36.22
C PRO C 233 11.93 -8.58 36.96
N GLY C 234 11.50 -7.42 36.50
CA GLY C 234 11.87 -6.17 37.15
C GLY C 234 13.12 -5.54 36.56
N VAL C 235 14.01 -5.07 37.42
CA VAL C 235 15.24 -4.42 36.99
C VAL C 235 16.39 -5.42 37.06
N ASP C 236 17.30 -5.33 36.11
CA ASP C 236 18.44 -6.23 36.06
C ASP C 236 19.51 -5.77 37.05
N THR C 237 20.03 -6.71 37.83
CA THR C 237 21.04 -6.45 38.85
C THR C 237 22.24 -7.37 38.66
N THR C 238 22.71 -7.48 37.42
CA THR C 238 23.84 -8.33 37.08
C THR C 238 25.04 -7.46 36.69
N LEU C 239 26.18 -7.72 37.32
CA LEU C 239 27.40 -6.97 37.03
C LEU C 239 28.14 -7.61 35.85
N THR C 240 29.27 -7.02 35.48
CA THR C 240 30.01 -7.46 34.30
C THR C 240 31.20 -8.36 34.63
N TRP C 241 31.89 -8.11 35.74
CA TRP C 241 33.04 -8.92 36.11
C TRP C 241 32.56 -10.21 36.78
N ARG C 242 33.49 -10.96 37.38
CA ARG C 242 33.18 -12.22 38.02
C ARG C 242 32.56 -12.06 39.40
N LYS C 243 32.06 -10.87 39.74
CA LYS C 243 31.50 -10.64 41.07
C LYS C 243 30.09 -11.19 41.19
N GLN C 244 29.16 -10.68 40.38
CA GLN C 244 27.78 -11.10 40.41
C GLN C 244 27.34 -11.45 38.99
N ARG C 245 26.99 -12.71 38.78
CA ARG C 245 26.61 -13.20 37.45
C ARG C 245 25.18 -13.72 37.39
N PHE C 246 24.74 -14.50 38.37
CA PHE C 246 23.47 -15.20 38.30
C PHE C 246 22.40 -14.46 39.09
N GLN C 247 21.17 -14.49 38.57
CA GLN C 247 19.98 -13.99 39.25
C GLN C 247 18.91 -15.07 39.07
N ASN C 248 18.86 -16.00 40.02
CA ASN C 248 18.05 -17.20 39.88
C ASN C 248 16.61 -16.94 40.31
N TYR C 249 15.69 -17.68 39.68
CA TYR C 249 14.27 -17.63 40.00
C TYR C 249 13.81 -19.04 40.33
N THR C 250 13.38 -19.25 41.57
CA THR C 250 12.96 -20.55 42.06
C THR C 250 11.46 -20.56 42.33
N LEU C 251 10.76 -21.52 41.73
CA LEU C 251 9.33 -21.72 41.91
C LEU C 251 9.14 -23.10 42.54
N CYS C 252 8.75 -23.15 43.81
CA CYS C 252 8.80 -24.39 44.56
C CYS C 252 7.45 -24.62 45.23
N GLU C 253 6.73 -25.65 44.78
CA GLU C 253 5.40 -25.95 45.28
C GLU C 253 5.48 -26.65 46.64
N SER C 254 4.40 -26.56 47.40
CA SER C 254 4.35 -27.09 48.75
C SER C 254 3.85 -28.53 48.79
N PHE C 255 2.75 -28.84 48.11
CA PHE C 255 2.16 -30.17 48.20
C PHE C 255 2.99 -31.23 47.50
N SER C 256 3.94 -30.84 46.65
CA SER C 256 4.76 -31.79 45.91
C SER C 256 6.24 -31.73 46.26
N LYS C 257 6.71 -30.62 46.80
CA LYS C 257 8.12 -30.43 47.16
C LYS C 257 9.02 -30.64 45.95
N ARG C 258 8.76 -29.86 44.91
CA ARG C 258 9.51 -29.92 43.66
C ARG C 258 9.89 -28.51 43.22
N CYS C 259 11.18 -28.29 42.97
CA CYS C 259 11.67 -27.00 42.54
C CYS C 259 13.10 -27.09 42.02
N GLU C 260 13.35 -26.41 40.90
CA GLU C 260 14.64 -26.38 40.27
C GLU C 260 14.86 -24.99 39.67
N VAL C 261 16.12 -24.68 39.37
CA VAL C 261 16.46 -23.36 38.83
C VAL C 261 15.93 -23.27 37.40
N SER C 262 15.14 -22.23 37.13
CA SER C 262 14.59 -22.01 35.80
C SER C 262 15.65 -21.45 34.87
N ASN C 263 15.57 -21.83 33.59
CA ASN C 263 16.53 -21.36 32.60
C ASN C 263 16.15 -20.02 31.99
N TYR C 264 14.92 -19.55 32.20
CA TYR C 264 14.47 -18.27 31.67
C TYR C 264 14.32 -17.26 32.81
N ARG C 265 14.06 -16.01 32.42
CA ARG C 265 13.95 -14.91 33.38
C ARG C 265 12.51 -14.56 33.71
N ASN C 266 11.60 -14.61 32.73
CA ASN C 266 10.21 -14.24 32.97
C ASN C 266 9.24 -15.31 32.48
N SER C 267 9.66 -16.56 32.42
CA SER C 267 8.79 -17.64 31.97
C SER C 267 9.35 -18.97 32.45
N TYR C 268 8.47 -19.97 32.50
CA TYR C 268 8.85 -21.32 32.91
C TYR C 268 7.72 -22.27 32.53
N THR C 269 8.08 -23.45 32.06
CA THR C 269 7.13 -24.47 31.65
C THR C 269 7.15 -25.59 32.70
N TRP C 270 6.12 -25.62 33.54
CA TRP C 270 6.03 -26.61 34.61
C TRP C 270 5.46 -27.91 34.10
N GLN C 271 5.98 -29.02 34.59
CA GLN C 271 5.51 -30.36 34.25
C GLN C 271 4.82 -30.95 35.48
N ILE C 272 3.54 -31.29 35.34
CA ILE C 272 2.74 -31.82 36.43
C ILE C 272 2.80 -33.34 36.38
N THR C 273 2.95 -33.96 37.56
CA THR C 273 2.94 -35.41 37.67
C THR C 273 1.51 -35.93 37.69
N GLU C 274 1.36 -37.19 37.27
CA GLU C 274 0.04 -37.81 37.25
C GLU C 274 -0.48 -38.02 38.68
N GLY C 275 -1.80 -38.17 38.77
CA GLY C 275 -2.43 -38.36 40.07
C GLY C 275 -3.76 -37.63 40.19
N SER C 276 -4.06 -36.79 39.20
CA SER C 276 -5.30 -36.00 39.18
C SER C 276 -5.46 -35.17 40.44
N GLN C 277 -4.36 -34.58 40.91
CA GLN C 277 -4.39 -33.73 42.09
C GLN C 277 -4.80 -32.32 41.68
N GLU C 278 -5.88 -31.82 42.27
CA GLU C 278 -6.42 -30.50 41.95
C GLU C 278 -6.22 -29.59 43.16
N MET C 279 -5.01 -29.01 43.25
CA MET C 279 -4.65 -28.04 44.26
C MET C 279 -3.25 -27.53 43.92
N TYR C 280 -3.00 -26.26 44.21
CA TYR C 280 -1.71 -25.66 43.91
C TYR C 280 -1.42 -24.54 44.90
N ASN C 281 -0.18 -24.53 45.41
CA ASN C 281 0.27 -23.49 46.34
C ASN C 281 1.76 -23.27 46.07
N PHE C 282 2.04 -22.29 45.21
CA PHE C 282 3.40 -22.03 44.75
C PHE C 282 4.05 -20.91 45.56
N THR C 283 5.37 -20.80 45.39
CA THR C 283 6.14 -19.74 46.06
C THR C 283 7.33 -19.42 45.17
N LEU C 284 7.20 -18.35 44.38
CA LEU C 284 8.28 -17.91 43.51
C LEU C 284 9.30 -17.12 44.33
N THR C 285 10.58 -17.41 44.12
CA THR C 285 11.66 -16.80 44.88
C THR C 285 12.76 -16.33 43.94
N ALA C 286 13.11 -15.05 44.04
CA ALA C 286 14.22 -14.47 43.30
C ALA C 286 15.33 -14.13 44.29
N GLU C 287 16.52 -14.66 44.05
CA GLU C 287 17.64 -14.51 44.97
C GLU C 287 18.90 -14.13 44.22
N ASN C 288 19.67 -13.22 44.81
CA ASN C 288 20.99 -12.87 44.30
C ASN C 288 22.01 -12.98 45.43
N GLN C 289 23.24 -12.50 45.20
CA GLN C 289 24.27 -12.60 46.22
C GLN C 289 24.04 -11.67 47.40
N LEU C 290 23.06 -10.78 47.33
CA LEU C 290 22.80 -9.81 48.39
C LEU C 290 21.55 -10.11 49.20
N ARG C 291 20.40 -10.27 48.54
CA ARG C 291 19.13 -10.43 49.24
C ARG C 291 18.35 -11.56 48.60
N LYS C 292 17.09 -11.70 48.98
CA LYS C 292 16.25 -12.80 48.50
C LYS C 292 14.80 -12.39 48.66
N ARG C 293 14.10 -12.22 47.54
CA ARG C 293 12.69 -11.87 47.53
C ARG C 293 11.84 -13.09 47.22
N SER C 294 10.61 -13.10 47.74
CA SER C 294 9.72 -14.23 47.58
C SER C 294 8.28 -13.74 47.48
N VAL C 295 7.50 -14.42 46.64
CA VAL C 295 6.09 -14.10 46.44
C VAL C 295 5.32 -15.41 46.34
N ASN C 296 4.13 -15.44 46.95
CA ASN C 296 3.31 -16.64 46.99
C ASN C 296 2.00 -16.41 46.25
N ILE C 297 1.59 -17.39 45.46
CA ILE C 297 0.33 -17.35 44.72
C ILE C 297 -0.47 -18.60 45.05
N ASN C 298 -1.77 -18.51 44.81
CA ASN C 298 -2.69 -19.62 45.08
C ASN C 298 -3.79 -19.61 44.02
N PHE C 299 -3.96 -20.74 43.34
CA PHE C 299 -4.97 -20.87 42.31
C PHE C 299 -5.44 -22.32 42.24
N ASN C 300 -6.36 -22.57 41.33
CA ASN C 300 -6.91 -23.90 41.10
C ASN C 300 -6.64 -24.33 39.67
N LEU C 301 -6.56 -25.65 39.46
CA LEU C 301 -6.27 -26.15 38.12
C LEU C 301 -7.48 -26.04 37.19
N THR C 302 -8.66 -26.38 37.70
CA THR C 302 -9.87 -26.35 36.89
C THR C 302 -10.43 -24.95 36.69
N HIS C 303 -9.97 -23.97 37.48
CA HIS C 303 -10.49 -22.61 37.40
C HIS C 303 -9.65 -21.70 36.51
N ARG C 304 -8.60 -22.21 35.90
CA ARG C 304 -7.73 -21.42 35.03
C ARG C 304 -7.42 -22.19 33.75
N VAL C 305 -8.45 -22.77 33.14
CA VAL C 305 -8.29 -23.57 31.94
C VAL C 305 -8.54 -22.68 30.72
N HIS C 306 -7.59 -22.71 29.78
CA HIS C 306 -7.67 -21.96 28.53
C HIS C 306 -7.75 -22.96 27.38
N PRO C 307 -8.96 -23.33 26.95
CA PRO C 307 -9.07 -24.32 25.87
C PRO C 307 -8.49 -23.81 24.56
N LYS C 308 -7.91 -24.74 23.80
CA LYS C 308 -7.33 -24.42 22.51
C LYS C 308 -8.37 -24.55 21.41
N ALA C 309 -7.93 -24.36 20.17
CA ALA C 309 -8.85 -24.46 19.04
C ALA C 309 -9.28 -25.92 18.85
N PRO C 310 -10.55 -26.17 18.52
CA PRO C 310 -11.00 -27.54 18.32
C PRO C 310 -10.33 -28.19 17.12
N GLN C 311 -10.31 -29.52 17.13
CA GLN C 311 -9.71 -30.32 16.07
C GLN C 311 -10.75 -31.30 15.54
N ASP C 312 -10.35 -32.05 14.51
CA ASP C 312 -11.21 -33.05 13.89
C ASP C 312 -12.52 -32.44 13.38
N VAL C 313 -12.43 -31.21 12.87
CA VAL C 313 -13.60 -30.50 12.39
C VAL C 313 -13.97 -31.03 11.00
N THR C 314 -15.19 -31.57 10.88
CA THR C 314 -15.68 -32.12 9.63
C THR C 314 -17.17 -31.81 9.50
N LEU C 315 -17.59 -31.48 8.28
CA LEU C 315 -18.98 -31.14 8.01
C LEU C 315 -19.53 -32.07 6.95
N LYS C 316 -20.81 -32.45 7.09
CA LYS C 316 -21.49 -33.30 6.14
C LYS C 316 -22.85 -32.72 5.81
N ILE C 317 -23.28 -32.94 4.57
CA ILE C 317 -24.56 -32.43 4.08
C ILE C 317 -25.55 -33.58 4.01
N ILE C 318 -26.66 -33.46 4.72
CA ILE C 318 -27.70 -34.48 4.73
C ILE C 318 -28.96 -33.90 4.12
N GLY C 319 -28.79 -32.95 3.18
CA GLY C 319 -29.92 -32.32 2.53
C GLY C 319 -29.70 -30.84 2.30
N ALA C 320 -30.57 -30.23 1.49
CA ALA C 320 -30.45 -28.81 1.19
C ALA C 320 -30.84 -27.91 2.35
N THR C 321 -31.54 -28.44 3.36
CA THR C 321 -31.96 -27.66 4.51
C THR C 321 -31.42 -28.18 5.83
N LYS C 322 -30.65 -29.28 5.82
CA LYS C 322 -30.13 -29.88 7.04
C LYS C 322 -28.65 -30.22 6.84
N ALA C 323 -27.88 -30.08 7.92
CA ALA C 323 -26.45 -30.35 7.87
C ALA C 323 -25.95 -30.60 9.29
N ASN C 324 -24.95 -31.46 9.41
CA ASN C 324 -24.35 -31.80 10.70
C ASN C 324 -23.00 -31.09 10.84
N MET C 325 -22.60 -30.85 12.08
CA MET C 325 -21.34 -30.20 12.42
C MET C 325 -20.61 -31.09 13.42
N THR C 326 -19.55 -31.76 12.96
CA THR C 326 -18.79 -32.70 13.79
C THR C 326 -17.45 -32.08 14.18
N TRP C 327 -17.10 -32.20 15.45
CA TRP C 327 -15.80 -31.73 15.94
C TRP C 327 -15.46 -32.51 17.20
N LYS C 328 -14.16 -32.45 17.56
CA LYS C 328 -13.65 -33.16 18.72
C LYS C 328 -12.66 -32.29 19.47
N VAL C 329 -12.67 -32.39 20.79
CA VAL C 329 -11.80 -31.60 21.64
C VAL C 329 -11.02 -32.55 22.56
N HIS C 330 -10.09 -31.99 23.32
CA HIS C 330 -9.23 -32.73 24.24
C HIS C 330 -9.71 -32.47 25.66
N SER C 331 -10.17 -33.53 26.33
CA SER C 331 -10.68 -33.43 27.69
C SER C 331 -9.99 -34.45 28.58
N HIS C 332 -9.72 -34.05 29.82
CA HIS C 332 -9.09 -34.90 30.83
C HIS C 332 -10.06 -35.04 32.00
N GLY C 333 -10.86 -36.09 31.97
CA GLY C 333 -11.84 -36.33 33.00
C GLY C 333 -13.26 -36.18 32.47
N ASN C 334 -14.17 -36.99 33.02
CA ASN C 334 -15.56 -36.96 32.58
C ASN C 334 -16.35 -35.80 33.16
N ASN C 335 -15.91 -35.24 34.30
CA ASN C 335 -16.63 -34.13 34.89
C ASN C 335 -16.41 -32.83 34.13
N TYR C 336 -15.24 -32.67 33.51
CA TYR C 336 -14.92 -31.45 32.79
C TYR C 336 -15.66 -31.44 31.46
N THR C 337 -16.70 -30.62 31.35
CA THR C 337 -17.48 -30.47 30.15
C THR C 337 -17.28 -29.07 29.57
N LEU C 338 -17.17 -28.99 28.25
CA LEU C 338 -16.91 -27.73 27.58
C LEU C 338 -18.22 -27.09 27.13
N LEU C 339 -18.29 -25.76 27.27
CA LEU C 339 -19.43 -24.97 26.81
C LEU C 339 -19.00 -24.25 25.53
N CYS C 340 -19.33 -24.83 24.39
CA CYS C 340 -18.94 -24.27 23.10
C CYS C 340 -20.06 -23.39 22.55
N GLN C 341 -19.71 -22.60 21.54
CA GLN C 341 -20.65 -21.69 20.88
C GLN C 341 -20.57 -21.91 19.38
N VAL C 342 -21.68 -22.29 18.78
CA VAL C 342 -21.77 -22.47 17.34
C VAL C 342 -22.26 -21.19 16.71
N LYS C 343 -21.67 -20.83 15.56
CA LYS C 343 -21.99 -19.59 14.86
C LYS C 343 -22.20 -19.89 13.39
N LEU C 344 -23.43 -19.72 12.91
CA LEU C 344 -23.78 -19.93 11.52
C LEU C 344 -24.02 -18.56 10.87
N GLN C 345 -23.13 -18.19 9.95
CA GLN C 345 -23.18 -16.88 9.30
C GLN C 345 -23.33 -17.06 7.81
N TYR C 346 -24.22 -16.28 7.20
CA TYR C 346 -24.43 -16.28 5.76
C TYR C 346 -24.85 -14.89 5.33
N GLY C 347 -24.13 -14.31 4.38
CA GLY C 347 -24.41 -12.96 3.94
C GLY C 347 -24.26 -11.95 5.06
N GLU C 348 -25.39 -11.41 5.52
CA GLU C 348 -25.41 -10.48 6.63
C GLU C 348 -26.12 -11.01 7.87
N VAL C 349 -26.76 -12.17 7.77
CA VAL C 349 -27.47 -12.78 8.89
C VAL C 349 -26.52 -13.69 9.64
N ILE C 350 -26.55 -13.60 10.97
CA ILE C 350 -25.70 -14.40 11.84
C ILE C 350 -26.59 -15.18 12.81
N HIS C 351 -26.40 -16.50 12.87
CA HIS C 351 -27.18 -17.38 13.72
C HIS C 351 -26.24 -18.04 14.72
N GLU C 352 -26.45 -17.77 16.00
CA GLU C 352 -25.61 -18.31 17.06
C GLU C 352 -26.48 -18.98 18.12
N HIS C 353 -25.88 -19.92 18.85
CA HIS C 353 -26.57 -20.67 19.89
C HIS C 353 -25.55 -21.06 20.95
N ASN C 354 -25.97 -21.96 21.84
CA ASN C 354 -25.11 -22.49 22.91
C ASN C 354 -25.19 -24.00 22.93
N VAL C 355 -24.04 -24.65 23.08
CA VAL C 355 -23.96 -26.10 23.12
C VAL C 355 -22.98 -26.52 24.22
N SER C 356 -23.27 -27.67 24.83
CA SER C 356 -22.43 -28.25 25.87
C SER C 356 -22.00 -29.64 25.44
N VAL C 357 -20.69 -29.89 25.46
CA VAL C 357 -20.12 -31.16 25.02
C VAL C 357 -19.24 -31.72 26.13
N HIS C 358 -19.02 -33.04 26.06
CA HIS C 358 -18.10 -33.73 26.96
C HIS C 358 -16.77 -34.00 26.29
N MET C 359 -16.77 -34.73 25.18
CA MET C 359 -15.58 -34.96 24.37
C MET C 359 -15.81 -34.65 22.91
N SER C 360 -17.01 -34.94 22.38
CA SER C 360 -17.34 -34.65 20.99
C SER C 360 -18.85 -34.76 20.79
N ALA C 361 -19.45 -33.74 20.18
CA ALA C 361 -20.88 -33.75 19.91
C ALA C 361 -21.15 -32.96 18.64
N ASN C 362 -22.41 -33.02 18.19
CA ASN C 362 -22.83 -32.38 16.96
C ASN C 362 -23.97 -31.41 17.23
N TYR C 363 -24.34 -30.66 16.19
CA TYR C 363 -25.42 -29.69 16.26
C TYR C 363 -26.17 -29.73 14.93
N LEU C 364 -27.38 -30.28 14.94
CA LEU C 364 -28.16 -30.45 13.73
C LEU C 364 -28.76 -29.11 13.30
N PHE C 365 -28.31 -28.60 12.17
CA PHE C 365 -28.87 -27.37 11.61
C PHE C 365 -30.12 -27.67 10.82
N SER C 366 -31.03 -26.69 10.78
CA SER C 366 -32.29 -26.83 10.07
C SER C 366 -32.66 -25.48 9.45
N ASP C 367 -33.63 -25.55 8.52
CA ASP C 367 -34.15 -24.36 7.85
C ASP C 367 -33.03 -23.60 7.12
N LEU C 368 -32.27 -24.32 6.31
CA LEU C 368 -31.21 -23.72 5.52
C LEU C 368 -31.71 -23.37 4.13
N ASP C 369 -31.18 -22.27 3.58
CA ASP C 369 -31.63 -21.86 2.26
C ASP C 369 -30.77 -22.52 1.18
N PRO C 370 -31.40 -23.02 0.12
CA PRO C 370 -30.64 -23.65 -0.97
C PRO C 370 -29.79 -22.64 -1.71
N ASP C 371 -28.87 -23.17 -2.53
CA ASP C 371 -27.92 -22.39 -3.33
C ASP C 371 -27.37 -21.19 -2.56
N THR C 372 -26.86 -21.47 -1.37
CA THR C 372 -26.31 -20.45 -0.50
C THR C 372 -25.07 -20.98 0.20
N LYS C 373 -23.99 -20.21 0.17
CA LYS C 373 -22.75 -20.59 0.82
C LYS C 373 -22.79 -20.18 2.29
N TYR C 374 -22.50 -21.13 3.17
CA TYR C 374 -22.53 -20.90 4.61
C TYR C 374 -21.12 -21.03 5.20
N LYS C 375 -20.89 -20.30 6.29
CA LYS C 375 -19.62 -20.32 6.99
C LYS C 375 -19.88 -20.63 8.46
N ALA C 376 -19.23 -21.66 8.98
CA ALA C 376 -19.39 -22.09 10.36
C ALA C 376 -18.23 -21.60 11.21
N PHE C 377 -18.55 -21.09 12.40
CA PHE C 377 -17.56 -20.63 13.36
C PHE C 377 -17.85 -21.27 14.70
N VAL C 378 -16.87 -22.02 15.22
CA VAL C 378 -17.04 -22.76 16.47
C VAL C 378 -15.88 -22.43 17.39
N ARG C 379 -16.19 -22.10 18.64
CA ARG C 379 -15.20 -21.90 19.68
C ARG C 379 -15.75 -22.43 20.99
N CYS C 380 -14.85 -22.82 21.89
CA CYS C 380 -15.22 -23.44 23.15
C CYS C 380 -14.55 -22.74 24.32
N ALA C 381 -15.12 -22.95 25.49
CA ALA C 381 -14.59 -22.41 26.73
C ALA C 381 -15.13 -23.23 27.90
N SER C 382 -14.59 -22.98 29.08
CA SER C 382 -15.00 -23.72 30.26
C SER C 382 -16.46 -23.44 30.58
N ALA C 383 -17.14 -24.46 31.13
CA ALA C 383 -18.57 -24.35 31.37
C ALA C 383 -18.87 -23.59 32.67
N ASN C 384 -18.41 -24.11 33.80
CA ASN C 384 -18.72 -23.50 35.08
C ASN C 384 -17.84 -22.29 35.36
N HIS C 385 -16.53 -22.49 35.42
CA HIS C 385 -15.58 -21.44 35.76
C HIS C 385 -14.91 -20.97 34.47
N PHE C 386 -15.55 -20.02 33.80
CA PHE C 386 -15.04 -19.51 32.54
C PHE C 386 -13.78 -18.68 32.77
N TRP C 387 -12.73 -18.96 32.01
CA TRP C 387 -11.47 -18.22 32.08
C TRP C 387 -11.19 -17.45 30.80
N LYS C 388 -11.17 -18.13 29.65
CA LYS C 388 -10.90 -17.48 28.38
C LYS C 388 -11.61 -18.25 27.27
N TRP C 389 -11.71 -17.62 26.11
CA TRP C 389 -12.32 -18.21 24.94
C TRP C 389 -11.25 -18.75 24.00
N SER C 390 -11.56 -19.86 23.33
CA SER C 390 -10.63 -20.49 22.41
C SER C 390 -10.62 -19.71 21.09
N ASP C 391 -9.90 -20.23 20.10
CA ASP C 391 -9.81 -19.60 18.79
C ASP C 391 -10.96 -20.06 17.90
N TRP C 392 -11.34 -19.19 16.97
CA TRP C 392 -12.43 -19.49 16.05
C TRP C 392 -11.97 -20.48 14.98
N THR C 393 -12.84 -21.43 14.66
CA THR C 393 -12.60 -22.42 13.61
C THR C 393 -13.58 -22.16 12.48
N GLN C 394 -13.06 -21.84 11.30
CA GLN C 394 -13.88 -21.48 10.14
C GLN C 394 -13.90 -22.64 9.15
N LYS C 395 -15.10 -22.94 8.66
CA LYS C 395 -15.27 -23.98 7.65
C LYS C 395 -16.40 -23.58 6.72
N GLU C 396 -16.12 -23.55 5.42
CA GLU C 396 -17.08 -23.13 4.41
C GLU C 396 -17.61 -24.33 3.65
N PHE C 397 -18.87 -24.25 3.24
CA PHE C 397 -19.51 -25.29 2.47
C PHE C 397 -20.68 -24.70 1.70
N SER C 398 -21.07 -25.38 0.63
CA SER C 398 -22.14 -24.94 -0.24
C SER C 398 -23.23 -26.00 -0.30
N THR C 399 -24.47 -25.59 -0.08
CA THR C 399 -25.61 -26.50 -0.13
C THR C 399 -25.99 -26.79 -1.58
N PRO C 400 -26.45 -28.03 -1.86
CA PRO C 400 -26.85 -28.35 -3.24
C PRO C 400 -28.17 -27.71 -3.63
N GLU C 401 -28.65 -28.00 -4.83
CA GLU C 401 -29.88 -27.44 -5.35
C GLU C 401 -31.04 -28.41 -5.18
N THR C 402 -32.25 -27.90 -5.42
CA THR C 402 -33.47 -28.69 -5.27
C THR C 402 -34.48 -28.24 -6.33
N ALA C 403 -35.35 -29.15 -6.73
CA ALA C 403 -36.38 -28.84 -7.71
C ALA C 403 -37.32 -27.76 -7.16
N PRO C 404 -37.90 -26.95 -8.04
CA PRO C 404 -38.80 -25.88 -7.57
C PRO C 404 -40.05 -26.46 -6.93
N SER C 405 -40.72 -25.60 -6.15
CA SER C 405 -41.92 -25.99 -5.42
C SER C 405 -43.16 -25.17 -5.76
N GLN C 406 -43.01 -24.01 -6.40
CA GLN C 406 -44.12 -23.15 -6.73
C GLN C 406 -44.50 -23.32 -8.21
N ALA C 407 -45.78 -23.10 -8.50
CA ALA C 407 -46.29 -23.27 -9.86
C ALA C 407 -46.02 -22.02 -10.69
N LEU C 408 -45.75 -22.23 -11.97
CA LEU C 408 -45.49 -21.15 -12.91
C LEU C 408 -46.78 -20.71 -13.56
N ASP C 409 -47.07 -19.42 -13.50
CA ASP C 409 -48.29 -18.88 -14.09
C ASP C 409 -48.17 -18.83 -15.61
N VAL C 410 -49.19 -19.34 -16.30
CA VAL C 410 -49.17 -19.43 -17.74
C VAL C 410 -50.34 -18.65 -18.33
N TRP C 411 -50.20 -18.28 -19.59
CA TRP C 411 -51.25 -17.58 -20.32
C TRP C 411 -51.02 -17.80 -21.81
N ARG C 412 -52.10 -17.66 -22.59
CA ARG C 412 -52.08 -17.95 -24.01
C ARG C 412 -52.73 -16.82 -24.78
N GLN C 413 -52.58 -16.88 -26.10
CA GLN C 413 -53.21 -15.91 -27.02
C GLN C 413 -53.47 -16.64 -28.32
N VAL C 414 -54.75 -16.83 -28.65
CA VAL C 414 -55.14 -17.60 -29.82
C VAL C 414 -55.73 -16.67 -30.88
N TRP C 415 -55.65 -17.11 -32.13
CA TRP C 415 -56.23 -16.40 -33.25
C TRP C 415 -56.44 -17.39 -34.39
N SER C 416 -57.04 -16.91 -35.47
CA SER C 416 -57.30 -17.72 -36.66
C SER C 416 -56.28 -17.37 -37.74
N GLU C 417 -55.56 -18.38 -38.21
CA GLU C 417 -54.54 -18.19 -39.25
C GLU C 417 -54.40 -19.48 -40.03
N ASN C 418 -54.52 -19.39 -41.36
CA ASN C 418 -54.44 -20.54 -42.25
C ASN C 418 -55.47 -21.61 -41.90
N GLY C 419 -56.61 -21.19 -41.33
CA GLY C 419 -57.65 -22.10 -40.93
C GLY C 419 -57.38 -22.89 -39.68
N ARG C 420 -56.17 -22.80 -39.11
CA ARG C 420 -55.82 -23.53 -37.91
C ARG C 420 -55.76 -22.58 -36.71
N ARG C 421 -55.94 -23.14 -35.53
CA ARG C 421 -55.92 -22.37 -34.29
C ARG C 421 -54.48 -22.22 -33.83
N ILE C 422 -53.89 -21.06 -34.10
CA ILE C 422 -52.51 -20.77 -33.71
C ILE C 422 -52.51 -20.20 -32.31
N VAL C 423 -51.80 -20.86 -31.40
CA VAL C 423 -51.73 -20.46 -30.00
C VAL C 423 -50.30 -20.07 -29.67
N THR C 424 -50.15 -18.99 -28.92
CA THR C 424 -48.84 -18.51 -28.47
C THR C 424 -48.83 -18.49 -26.95
N LEU C 425 -47.94 -19.28 -26.35
CA LEU C 425 -47.85 -19.39 -24.91
C LEU C 425 -46.79 -18.45 -24.36
N PHE C 426 -47.17 -17.65 -23.36
CA PHE C 426 -46.26 -16.72 -22.71
C PHE C 426 -46.10 -17.11 -21.25
N TRP C 427 -44.90 -16.88 -20.72
CA TRP C 427 -44.61 -17.19 -19.32
C TRP C 427 -43.55 -16.22 -18.80
N LYS C 428 -43.68 -15.86 -17.52
CA LYS C 428 -42.80 -14.93 -16.82
C LYS C 428 -41.65 -15.70 -16.16
N PRO C 429 -40.47 -15.07 -16.07
CA PRO C 429 -39.34 -15.76 -15.44
C PRO C 429 -39.54 -15.90 -13.94
N LEU C 430 -39.06 -17.01 -13.40
CA LEU C 430 -39.20 -17.28 -11.97
C LEU C 430 -38.18 -16.48 -11.17
N LEU C 431 -38.49 -16.28 -9.90
CA LEU C 431 -37.62 -15.53 -9.01
C LEU C 431 -36.45 -16.40 -8.56
N LYS C 432 -35.59 -15.83 -7.72
CA LYS C 432 -34.42 -16.56 -7.22
C LYS C 432 -34.83 -17.62 -6.21
N SER C 433 -35.48 -17.19 -5.11
CA SER C 433 -35.89 -18.11 -4.07
C SER C 433 -37.08 -18.97 -4.49
N GLN C 434 -37.73 -18.66 -5.60
CA GLN C 434 -38.87 -19.45 -6.08
C GLN C 434 -38.44 -20.55 -7.03
N ALA C 435 -37.26 -20.47 -7.62
CA ALA C 435 -36.76 -21.49 -8.53
C ALA C 435 -35.88 -22.52 -7.86
N ASN C 436 -35.21 -22.15 -6.76
CA ASN C 436 -34.33 -23.05 -6.01
C ASN C 436 -33.21 -23.61 -6.88
N GLY C 437 -32.77 -22.85 -7.85
CA GLY C 437 -31.71 -23.28 -8.75
C GLY C 437 -31.83 -22.61 -10.09
N LYS C 438 -30.88 -22.95 -10.97
CA LYS C 438 -30.85 -22.40 -12.31
C LYS C 438 -31.82 -23.15 -13.22
N ILE C 439 -32.66 -22.41 -13.93
CA ILE C 439 -33.62 -23.00 -14.85
C ILE C 439 -32.89 -23.41 -16.12
N ILE C 440 -33.05 -24.67 -16.52
CA ILE C 440 -32.37 -25.19 -17.70
C ILE C 440 -33.32 -25.10 -18.89
N SER C 441 -34.46 -25.77 -18.80
CA SER C 441 -35.44 -25.79 -19.89
C SER C 441 -36.83 -25.94 -19.30
N TYR C 442 -37.83 -25.77 -20.16
CA TYR C 442 -39.23 -25.90 -19.79
C TYR C 442 -39.86 -27.05 -20.57
N ASN C 443 -40.66 -27.86 -19.89
CA ASN C 443 -41.35 -28.98 -20.49
C ASN C 443 -42.78 -28.58 -20.82
N ILE C 444 -43.17 -28.78 -22.08
CA ILE C 444 -44.50 -28.45 -22.57
C ILE C 444 -45.18 -29.75 -22.99
N VAL C 445 -46.19 -30.16 -22.23
CA VAL C 445 -46.95 -31.37 -22.50
C VAL C 445 -48.36 -30.96 -22.90
N VAL C 446 -48.71 -31.16 -24.16
CA VAL C 446 -50.02 -30.82 -24.69
C VAL C 446 -50.78 -32.10 -24.93
N GLU C 447 -51.94 -32.24 -24.29
CA GLU C 447 -52.76 -33.44 -24.37
C GLU C 447 -54.10 -33.11 -25.00
N ASN C 448 -54.51 -33.93 -25.97
CA ASN C 448 -55.80 -33.77 -26.63
C ASN C 448 -56.86 -34.58 -25.91
N GLU C 449 -58.06 -34.00 -25.80
CA GLU C 449 -59.17 -34.71 -25.15
C GLU C 449 -59.73 -35.79 -26.07
N ALA C 450 -59.72 -35.56 -27.38
CA ALA C 450 -60.24 -36.55 -28.31
C ALA C 450 -59.30 -37.74 -28.44
N LYS C 451 -57.99 -37.52 -28.27
CA LYS C 451 -57.00 -38.59 -28.35
C LYS C 451 -56.00 -38.42 -27.22
N PRO C 452 -56.30 -38.96 -26.04
CA PRO C 452 -55.36 -38.85 -24.91
C PRO C 452 -54.12 -39.71 -25.06
N THR C 453 -54.07 -40.61 -26.04
CA THR C 453 -52.89 -41.44 -26.23
C THR C 453 -51.80 -40.71 -27.00
N GLU C 454 -52.17 -39.95 -28.03
CA GLU C 454 -51.22 -39.21 -28.84
C GLU C 454 -51.01 -37.84 -28.20
N SER C 455 -49.93 -37.73 -27.44
CA SER C 455 -49.57 -36.48 -26.76
C SER C 455 -48.22 -36.01 -27.28
N GLU C 456 -48.13 -34.71 -27.56
CA GLU C 456 -46.91 -34.11 -28.08
C GLU C 456 -46.07 -33.54 -26.94
N HIS C 457 -44.75 -33.64 -27.08
CA HIS C 457 -43.81 -33.14 -26.09
C HIS C 457 -42.90 -32.11 -26.74
N TYR C 458 -42.83 -30.93 -26.15
CA TYR C 458 -41.99 -29.84 -26.65
C TYR C 458 -41.08 -29.35 -25.54
N CYS C 459 -39.87 -28.94 -25.91
CA CYS C 459 -38.88 -28.45 -24.96
C CYS C 459 -38.38 -27.09 -25.42
N VAL C 460 -38.65 -26.06 -24.62
CA VAL C 460 -38.20 -24.70 -24.88
C VAL C 460 -37.08 -24.38 -23.91
N TRP C 461 -35.90 -24.10 -24.43
CA TRP C 461 -34.73 -23.86 -23.58
C TRP C 461 -34.72 -22.43 -23.06
N ALA C 462 -34.14 -22.26 -21.88
CA ALA C 462 -34.02 -20.95 -21.28
C ALA C 462 -33.00 -20.11 -22.06
N PRO C 463 -33.13 -18.77 -22.03
CA PRO C 463 -34.20 -18.00 -21.37
C PRO C 463 -35.32 -17.58 -22.30
N ALA C 464 -35.70 -18.46 -23.23
CA ALA C 464 -36.79 -18.14 -24.15
C ALA C 464 -38.12 -18.11 -23.40
N LEU C 465 -38.90 -17.05 -23.64
CA LEU C 465 -40.17 -16.85 -22.96
C LEU C 465 -41.36 -16.87 -23.90
N SER C 466 -41.20 -17.40 -25.12
CA SER C 466 -42.30 -17.43 -26.08
C SER C 466 -42.10 -18.59 -27.03
N THR C 467 -43.22 -19.18 -27.46
CA THR C 467 -43.21 -20.27 -28.43
C THR C 467 -44.52 -20.27 -29.18
N ASN C 468 -44.53 -20.89 -30.35
CA ASN C 468 -45.69 -20.95 -31.21
C ASN C 468 -46.05 -22.40 -31.49
N LEU C 469 -47.34 -22.73 -31.36
CA LEU C 469 -47.85 -24.06 -31.63
C LEU C 469 -48.98 -23.98 -32.66
N SER C 470 -49.07 -25.00 -33.51
CA SER C 470 -50.07 -25.09 -34.55
C SER C 470 -51.03 -26.22 -34.21
N LEU C 471 -52.26 -25.87 -33.84
CA LEU C 471 -53.27 -26.84 -33.47
C LEU C 471 -54.56 -26.56 -34.25
N ASP C 472 -55.43 -27.56 -34.28
CA ASP C 472 -56.71 -27.43 -34.96
C ASP C 472 -57.77 -26.95 -33.96
N LEU C 473 -59.03 -27.01 -34.37
CA LEU C 473 -60.14 -26.57 -33.52
C LEU C 473 -60.46 -27.55 -32.40
N GLN C 474 -59.74 -28.65 -32.29
CA GLN C 474 -60.00 -29.62 -31.23
C GLN C 474 -59.52 -29.06 -29.90
N PRO C 475 -60.22 -29.34 -28.80
CA PRO C 475 -59.79 -28.84 -27.50
C PRO C 475 -58.56 -29.58 -27.00
N TYR C 476 -57.53 -28.82 -26.64
CA TYR C 476 -56.28 -29.37 -26.14
C TYR C 476 -56.09 -29.02 -24.67
N LYS C 477 -55.25 -29.80 -23.99
CA LYS C 477 -54.90 -29.57 -22.60
C LYS C 477 -53.40 -29.49 -22.50
N ILE C 478 -52.89 -28.36 -22.01
CA ILE C 478 -51.47 -28.09 -21.97
C ILE C 478 -50.94 -28.31 -20.56
N ARG C 479 -49.64 -28.57 -20.46
CA ARG C 479 -48.98 -28.76 -19.17
C ARG C 479 -47.56 -28.20 -19.29
N ILE C 480 -47.26 -27.18 -18.48
CA ILE C 480 -45.97 -26.51 -18.51
C ILE C 480 -45.32 -26.62 -17.14
N THR C 481 -44.02 -26.92 -17.13
CA THR C 481 -43.25 -27.01 -15.90
C THR C 481 -41.80 -26.67 -16.22
N THR C 482 -41.04 -26.41 -15.16
CA THR C 482 -39.63 -26.06 -15.28
C THR C 482 -38.75 -27.25 -14.92
N ASN C 483 -37.67 -27.43 -15.67
CA ASN C 483 -36.74 -28.53 -15.46
C ASN C 483 -35.37 -27.94 -15.12
N ASN C 484 -34.82 -28.32 -13.98
CA ASN C 484 -33.49 -27.92 -13.56
C ASN C 484 -32.61 -29.15 -13.40
N SER C 485 -31.41 -28.95 -12.85
CA SER C 485 -30.46 -30.04 -12.68
C SER C 485 -30.88 -31.05 -11.62
N MET C 486 -32.02 -30.87 -10.97
CA MET C 486 -32.47 -31.76 -9.91
C MET C 486 -33.73 -32.53 -10.29
N GLY C 487 -34.80 -31.84 -10.67
CA GLY C 487 -36.04 -32.50 -11.00
C GLY C 487 -37.03 -31.63 -11.74
N ALA C 488 -38.31 -31.79 -11.43
CA ALA C 488 -39.39 -31.06 -12.09
C ALA C 488 -40.19 -30.27 -11.06
N SER C 489 -40.84 -29.21 -11.54
CA SER C 489 -41.65 -28.32 -10.72
C SER C 489 -43.13 -28.69 -10.84
N PRO C 490 -43.95 -28.25 -9.89
CA PRO C 490 -45.40 -28.48 -10.02
C PRO C 490 -45.95 -27.87 -11.30
N GLU C 491 -46.74 -28.66 -12.02
CA GLU C 491 -47.26 -28.22 -13.31
C GLU C 491 -48.56 -27.44 -13.14
N SER C 492 -48.80 -26.54 -14.08
CA SER C 492 -50.03 -25.76 -14.13
C SER C 492 -50.97 -26.35 -15.17
N LEU C 493 -52.26 -26.37 -14.86
CA LEU C 493 -53.26 -27.00 -15.71
C LEU C 493 -54.03 -25.93 -16.46
N MET C 494 -54.07 -26.06 -17.79
CA MET C 494 -54.83 -25.16 -18.65
C MET C 494 -55.42 -25.97 -19.80
N VAL C 495 -56.62 -25.59 -20.22
CA VAL C 495 -57.34 -26.31 -21.27
C VAL C 495 -57.87 -25.31 -22.28
N LEU C 496 -58.07 -25.77 -23.51
CA LEU C 496 -58.62 -24.97 -24.58
C LEU C 496 -60.06 -25.40 -24.87
N SER C 497 -60.85 -24.47 -25.39
CA SER C 497 -62.24 -24.71 -25.74
C SER C 497 -62.45 -24.49 -27.23
N ASN C 498 -63.71 -24.62 -27.64
CA ASN C 498 -64.08 -24.46 -29.05
C ASN C 498 -64.29 -23.00 -29.44
N ASP C 499 -63.99 -22.05 -28.56
CA ASP C 499 -64.17 -20.64 -28.88
C ASP C 499 -63.05 -20.16 -29.81
N SER C 500 -63.42 -19.34 -30.77
CA SER C 500 -62.47 -18.78 -31.72
C SER C 500 -61.82 -17.50 -31.23
N GLY C 501 -62.24 -16.97 -30.09
CA GLY C 501 -61.70 -15.73 -29.57
C GLY C 501 -62.35 -14.48 -30.11
N HIS C 502 -63.34 -14.61 -31.00
CA HIS C 502 -64.03 -13.46 -31.58
C HIS C 502 -65.43 -13.27 -31.01
N GLU C 503 -65.61 -13.57 -29.72
CA GLU C 503 -66.91 -13.41 -29.09
C GLU C 503 -67.24 -11.92 -28.96
N GLU C 504 -68.39 -11.53 -29.50
CA GLU C 504 -68.81 -10.13 -29.49
C GLU C 504 -69.35 -9.76 -28.12
N VAL C 505 -68.59 -8.97 -27.37
CA VAL C 505 -69.00 -8.49 -26.06
C VAL C 505 -69.07 -6.97 -26.11
N LYS C 506 -69.49 -6.38 -24.99
CA LYS C 506 -69.64 -4.93 -24.91
C LYS C 506 -68.28 -4.28 -24.69
N GLU C 507 -68.09 -3.12 -25.31
CA GLU C 507 -66.85 -2.35 -25.20
C GLU C 507 -67.08 -1.17 -24.26
N LYS C 508 -66.27 -1.09 -23.21
CA LYS C 508 -66.37 -0.03 -22.21
C LYS C 508 -65.09 0.78 -22.20
N THR C 509 -65.21 2.09 -22.24
CA THR C 509 -64.07 3.00 -22.22
C THR C 509 -63.92 3.57 -20.81
N ILE C 510 -62.72 3.44 -20.26
CA ILE C 510 -62.42 3.91 -18.91
C ILE C 510 -61.36 5.00 -18.97
N LYS C 511 -61.38 5.88 -17.98
CA LYS C 511 -60.38 6.94 -17.85
C LYS C 511 -59.36 6.50 -16.82
N GLY C 512 -58.16 6.13 -17.28
CA GLY C 512 -57.15 5.59 -16.41
C GLY C 512 -56.45 6.64 -15.57
N ILE C 513 -55.81 6.17 -14.51
CA ILE C 513 -55.02 7.01 -13.62
C ILE C 513 -53.57 6.99 -14.11
N LYS C 514 -52.80 7.99 -13.68
CA LYS C 514 -51.43 8.13 -14.14
C LYS C 514 -50.59 6.87 -13.89
N ASP C 515 -50.90 6.14 -12.81
CA ASP C 515 -50.17 4.91 -12.51
C ASP C 515 -51.12 3.81 -12.05
N ALA C 516 -52.37 3.84 -12.50
CA ALA C 516 -53.36 2.84 -12.12
C ALA C 516 -54.49 2.83 -13.14
N PHE C 517 -55.34 1.82 -13.03
CA PHE C 517 -56.49 1.67 -13.92
C PHE C 517 -57.66 1.11 -13.13
N ASN C 518 -58.86 1.61 -13.43
CA ASN C 518 -60.09 1.19 -12.75
C ASN C 518 -60.77 0.13 -13.62
N ILE C 519 -60.31 -1.10 -13.50
CA ILE C 519 -60.85 -2.23 -14.26
C ILE C 519 -61.98 -2.85 -13.44
N SER C 520 -63.18 -2.87 -14.02
CA SER C 520 -64.35 -3.43 -13.36
C SER C 520 -65.07 -4.36 -14.32
N TRP C 521 -65.20 -5.63 -13.93
CA TRP C 521 -65.87 -6.64 -14.74
C TRP C 521 -67.08 -7.19 -13.99
N GLU C 522 -68.13 -7.50 -14.75
CA GLU C 522 -69.35 -8.02 -14.17
C GLU C 522 -69.34 -9.54 -14.21
N PRO C 523 -69.56 -10.23 -13.08
CA PRO C 523 -69.56 -11.69 -13.10
C PRO C 523 -70.74 -12.24 -13.88
N VAL C 524 -70.48 -13.31 -14.63
CA VAL C 524 -71.51 -13.96 -15.42
C VAL C 524 -71.90 -15.33 -14.86
N SER C 525 -71.02 -16.00 -14.13
CA SER C 525 -71.29 -17.31 -13.56
C SER C 525 -71.07 -17.27 -12.05
N GLY C 526 -71.67 -18.23 -11.36
CA GLY C 526 -71.57 -18.31 -9.92
C GLY C 526 -70.57 -19.35 -9.44
N ASP C 527 -70.05 -20.14 -10.37
CA ASP C 527 -69.07 -21.19 -10.07
C ASP C 527 -67.82 -20.92 -10.89
N THR C 528 -66.91 -20.14 -10.34
CA THR C 528 -65.66 -19.79 -11.01
C THR C 528 -64.50 -19.93 -10.04
N MET C 529 -63.28 -19.98 -10.59
CA MET C 529 -62.07 -20.10 -9.80
C MET C 529 -61.21 -18.85 -9.82
N GLY C 530 -61.47 -17.91 -10.72
CA GLY C 530 -60.69 -16.70 -10.77
C GLY C 530 -60.80 -16.04 -12.14
N TYR C 531 -60.19 -14.86 -12.23
CA TYR C 531 -60.18 -14.08 -13.46
C TYR C 531 -58.75 -13.79 -13.87
N VAL C 532 -58.56 -13.60 -15.18
CA VAL C 532 -57.28 -13.21 -15.75
C VAL C 532 -57.53 -12.07 -16.72
N VAL C 533 -56.74 -10.99 -16.59
CA VAL C 533 -56.84 -9.83 -17.47
C VAL C 533 -55.51 -9.65 -18.18
N ASP C 534 -55.57 -9.16 -19.42
CA ASP C 534 -54.38 -8.90 -20.21
C ASP C 534 -54.63 -7.67 -21.08
N TRP C 535 -53.54 -7.01 -21.47
CA TRP C 535 -53.62 -5.79 -22.25
C TRP C 535 -52.44 -5.72 -23.20
N CYS C 536 -52.64 -4.97 -24.29
CA CYS C 536 -51.60 -4.79 -25.30
C CYS C 536 -51.51 -3.31 -25.66
N ALA C 537 -50.29 -2.82 -25.81
CA ALA C 537 -50.07 -1.43 -26.22
C ALA C 537 -50.40 -1.30 -27.70
N HIS C 538 -51.53 -0.66 -28.01
CA HIS C 538 -52.00 -0.55 -29.39
C HIS C 538 -51.23 0.57 -30.09
N SER C 539 -50.22 0.19 -30.86
CA SER C 539 -49.43 1.15 -31.63
C SER C 539 -49.29 0.69 -33.07
N GLN C 540 -48.43 1.35 -33.84
CA GLN C 540 -48.34 1.10 -35.28
C GLN C 540 -47.38 -0.04 -35.61
N ASP C 541 -46.12 0.08 -35.20
CA ASP C 541 -45.09 -0.84 -35.67
C ASP C 541 -44.41 -1.60 -34.54
N GLN C 542 -45.18 -2.14 -33.60
CA GLN C 542 -44.62 -2.90 -32.50
C GLN C 542 -45.48 -4.13 -32.24
N ARG C 543 -44.87 -5.13 -31.60
CA ARG C 543 -45.58 -6.31 -31.12
C ARG C 543 -45.78 -6.19 -29.62
N CYS C 544 -47.03 -6.24 -29.18
CA CYS C 544 -47.34 -5.99 -27.78
C CYS C 544 -46.82 -7.12 -26.89
N ASP C 545 -46.37 -6.75 -25.69
CA ASP C 545 -45.93 -7.72 -24.70
C ASP C 545 -47.13 -8.09 -23.84
N LEU C 546 -47.62 -9.33 -24.02
CA LEU C 546 -48.82 -9.78 -23.31
C LEU C 546 -48.52 -9.92 -21.83
N GLN C 547 -49.01 -8.98 -21.03
CA GLN C 547 -48.84 -9.00 -19.58
C GLN C 547 -50.17 -9.39 -18.93
N TRP C 548 -50.10 -10.30 -17.96
CA TRP C 548 -51.30 -10.80 -17.30
C TRP C 548 -51.02 -11.01 -15.82
N LYS C 549 -52.09 -11.13 -15.05
CA LYS C 549 -52.00 -11.37 -13.62
C LYS C 549 -53.15 -12.27 -13.20
N ASN C 550 -52.89 -13.11 -12.20
CA ASN C 550 -53.89 -14.05 -11.70
C ASN C 550 -54.68 -13.42 -10.57
N LEU C 551 -56.01 -13.47 -10.68
CA LEU C 551 -56.91 -12.96 -9.66
C LEU C 551 -57.80 -14.09 -9.15
N GLY C 552 -58.41 -13.85 -7.99
CA GLY C 552 -59.24 -14.84 -7.35
C GLY C 552 -60.69 -14.77 -7.81
N PRO C 553 -61.52 -15.72 -7.34
CA PRO C 553 -62.92 -15.71 -7.72
C PRO C 553 -63.79 -14.82 -6.83
N ASN C 554 -63.24 -14.22 -5.78
CA ASN C 554 -64.00 -13.40 -4.85
C ASN C 554 -63.75 -11.92 -5.05
N THR C 555 -63.10 -11.51 -6.13
CA THR C 555 -62.82 -10.12 -6.42
C THR C 555 -63.60 -9.66 -7.64
N THR C 556 -63.82 -8.35 -7.71
CA THR C 556 -64.55 -7.74 -8.82
C THR C 556 -63.82 -6.57 -9.47
N SER C 557 -62.92 -5.89 -8.76
CA SER C 557 -62.20 -4.76 -9.32
C SER C 557 -60.82 -4.70 -8.68
N THR C 558 -59.79 -4.51 -9.50
CA THR C 558 -58.42 -4.42 -9.03
C THR C 558 -57.67 -3.41 -9.87
N THR C 559 -56.84 -2.60 -9.20
CA THR C 559 -56.04 -1.58 -9.87
C THR C 559 -54.66 -2.15 -10.20
N ILE C 560 -54.30 -2.10 -11.47
CA ILE C 560 -53.01 -2.62 -11.92
C ILE C 560 -51.98 -1.49 -11.91
N THR C 561 -50.74 -1.86 -11.58
CA THR C 561 -49.64 -0.91 -11.52
C THR C 561 -48.51 -1.39 -12.43
N SER C 562 -47.95 -0.47 -13.21
CA SER C 562 -46.87 -0.78 -14.12
C SER C 562 -46.17 0.51 -14.53
N ASP C 563 -44.85 0.47 -14.64
CA ASP C 563 -44.07 1.65 -15.00
C ASP C 563 -43.95 1.85 -16.50
N ASP C 564 -44.30 0.85 -17.31
CA ASP C 564 -44.22 0.98 -18.76
C ASP C 564 -45.39 1.74 -19.36
N PHE C 565 -46.39 2.11 -18.56
CA PHE C 565 -47.54 2.84 -19.06
C PHE C 565 -47.14 4.28 -19.36
N LYS C 566 -47.28 4.69 -20.62
CA LYS C 566 -46.95 6.05 -21.00
C LYS C 566 -48.16 6.74 -21.62
N PRO C 567 -48.32 8.04 -21.40
CA PRO C 567 -49.45 8.75 -22.01
C PRO C 567 -49.31 8.85 -23.52
N GLY C 568 -50.40 8.56 -24.22
CA GLY C 568 -50.43 8.60 -25.68
C GLY C 568 -50.70 7.28 -26.36
N VAL C 569 -50.74 6.17 -25.62
CA VAL C 569 -51.00 4.86 -26.20
C VAL C 569 -52.20 4.25 -25.51
N ARG C 570 -53.03 3.56 -26.29
CA ARG C 570 -54.22 2.91 -25.79
C ARG C 570 -53.93 1.45 -25.45
N TYR C 571 -54.48 0.99 -24.33
CA TYR C 571 -54.33 -0.39 -23.87
C TYR C 571 -55.69 -1.05 -23.90
N ASN C 572 -55.85 -2.05 -24.77
CA ASN C 572 -57.11 -2.78 -24.89
C ASN C 572 -57.13 -3.90 -23.86
N PHE C 573 -57.83 -3.68 -22.75
CA PHE C 573 -57.91 -4.66 -21.70
C PHE C 573 -58.96 -5.73 -22.05
N ARG C 574 -58.62 -6.98 -21.77
CA ARG C 574 -59.51 -8.11 -22.01
C ARG C 574 -59.62 -8.92 -20.74
N ILE C 575 -60.84 -9.10 -20.24
CA ILE C 575 -61.09 -9.81 -19.00
C ILE C 575 -61.55 -11.22 -19.34
N PHE C 576 -60.83 -12.22 -18.83
CA PHE C 576 -61.14 -13.63 -19.06
C PHE C 576 -61.49 -14.28 -17.73
N GLU C 577 -62.58 -15.03 -17.72
CA GLU C 577 -63.04 -15.73 -16.52
C GLU C 577 -62.70 -17.22 -16.63
N ARG C 578 -62.08 -17.75 -15.58
CA ARG C 578 -61.70 -19.16 -15.54
C ARG C 578 -62.74 -19.93 -14.73
N SER C 579 -63.32 -20.94 -15.34
CA SER C 579 -64.33 -21.77 -14.68
C SER C 579 -63.64 -22.83 -13.82
N VAL C 580 -64.42 -23.78 -13.31
CA VAL C 580 -63.86 -24.85 -12.50
C VAL C 580 -63.03 -25.82 -13.33
N GLU C 581 -63.29 -25.90 -14.64
CA GLU C 581 -62.56 -26.78 -15.53
C GLU C 581 -61.35 -26.09 -16.17
N HIS C 582 -60.85 -25.01 -15.57
CA HIS C 582 -59.69 -24.28 -16.07
C HIS C 582 -59.90 -23.77 -17.49
N LYS C 583 -61.14 -23.43 -17.84
CA LYS C 583 -61.49 -22.92 -19.16
C LYS C 583 -61.65 -21.41 -19.09
N ALA C 584 -60.92 -20.71 -19.96
CA ALA C 584 -60.96 -19.25 -20.00
C ALA C 584 -61.97 -18.78 -21.05
N ARG C 585 -62.88 -17.92 -20.63
CA ARG C 585 -63.92 -17.38 -21.51
C ARG C 585 -63.85 -15.85 -21.49
N LEU C 586 -64.03 -15.26 -22.67
CA LEU C 586 -64.01 -13.80 -22.80
C LEU C 586 -65.37 -13.25 -22.40
N VAL C 587 -65.39 -12.34 -21.41
CA VAL C 587 -66.61 -11.78 -20.87
C VAL C 587 -66.71 -10.28 -21.11
N GLU C 588 -65.60 -9.55 -20.96
CA GLU C 588 -65.61 -8.10 -21.06
C GLU C 588 -64.33 -7.61 -21.71
N LYS C 589 -64.45 -6.52 -22.46
CA LYS C 589 -63.32 -5.84 -23.09
C LYS C 589 -63.32 -4.39 -22.66
N GLN C 590 -62.14 -3.88 -22.30
CA GLN C 590 -62.00 -2.50 -21.84
C GLN C 590 -60.83 -1.84 -22.56
N ARG C 591 -60.86 -0.51 -22.57
CA ARG C 591 -59.79 0.27 -23.19
C ARG C 591 -59.76 1.65 -22.56
N GLY C 592 -58.58 2.24 -22.50
CA GLY C 592 -58.42 3.55 -21.92
C GLY C 592 -56.99 4.02 -22.04
N TYR C 593 -56.77 5.28 -21.67
CA TYR C 593 -55.47 5.90 -21.69
C TYR C 593 -55.04 6.28 -20.28
N THR C 594 -53.74 6.24 -20.03
CA THR C 594 -53.21 6.67 -18.74
C THR C 594 -53.39 8.17 -18.55
N GLN C 595 -53.08 8.95 -19.58
CA GLN C 595 -53.27 10.39 -19.54
C GLN C 595 -53.51 10.86 -20.97
N GLU C 596 -54.74 11.27 -21.26
CA GLU C 596 -55.08 11.71 -22.62
C GLU C 596 -54.38 13.02 -22.94
N LEU C 597 -53.76 13.08 -24.11
CA LEU C 597 -53.02 14.25 -24.57
C LEU C 597 -53.68 14.81 -25.83
N ALA C 598 -53.10 15.88 -26.34
CA ALA C 598 -53.62 16.51 -27.55
C ALA C 598 -53.32 15.64 -28.77
N PRO C 599 -54.17 15.71 -29.80
CA PRO C 599 -53.90 14.94 -31.02
C PRO C 599 -52.59 15.37 -31.68
N LEU C 600 -51.99 14.43 -32.40
CA LEU C 600 -50.70 14.68 -33.05
C LEU C 600 -50.78 14.83 -34.56
N VAL C 601 -51.87 14.38 -35.18
CA VAL C 601 -52.03 14.44 -36.64
C VAL C 601 -53.42 14.96 -36.95
N ASN C 602 -53.51 15.85 -37.94
CA ASN C 602 -54.78 16.40 -38.39
C ASN C 602 -55.26 15.68 -39.65
N PRO C 603 -56.57 15.50 -39.80
CA PRO C 603 -57.07 14.80 -41.00
C PRO C 603 -56.98 15.69 -42.23
N LYS C 604 -56.75 15.04 -43.37
CA LYS C 604 -56.67 15.76 -44.64
C LYS C 604 -58.06 16.21 -45.07
N VAL C 605 -58.18 17.49 -45.41
CA VAL C 605 -59.45 18.07 -45.81
C VAL C 605 -59.52 18.13 -47.32
N GLU C 606 -60.74 17.99 -47.86
CA GLU C 606 -60.96 18.05 -49.30
C GLU C 606 -62.36 18.60 -49.53
N ILE C 607 -62.48 19.53 -50.48
CA ILE C 607 -63.73 20.21 -50.77
C ILE C 607 -64.47 19.41 -51.85
N PRO C 608 -65.69 18.93 -51.59
CA PRO C 608 -66.44 18.22 -52.63
C PRO C 608 -67.16 19.16 -53.58
N TYR C 609 -67.63 20.30 -53.07
CA TYR C 609 -68.42 21.22 -53.87
C TYR C 609 -68.15 22.64 -53.40
N SER C 610 -68.24 23.58 -54.33
CA SER C 610 -67.98 24.99 -54.05
C SER C 610 -69.04 25.85 -54.72
N THR C 611 -69.82 26.56 -53.92
CA THR C 611 -70.83 27.48 -54.40
C THR C 611 -70.42 28.92 -54.11
N PRO C 612 -70.92 29.89 -54.89
CA PRO C 612 -70.55 31.29 -54.63
C PRO C 612 -71.01 31.81 -53.28
N ASN C 613 -71.90 31.10 -52.57
CA ASN C 613 -72.39 31.56 -51.27
C ASN C 613 -72.06 30.61 -50.13
N SER C 614 -71.51 29.42 -50.40
CA SER C 614 -71.18 28.46 -49.36
C SER C 614 -70.26 27.41 -49.95
N PHE C 615 -69.59 26.67 -49.05
CA PHE C 615 -68.73 25.58 -49.44
C PHE C 615 -68.82 24.46 -48.41
N VAL C 616 -68.73 23.23 -48.90
CA VAL C 616 -68.85 22.03 -48.07
C VAL C 616 -67.45 21.51 -47.77
N LEU C 617 -67.26 20.97 -46.57
CA LEU C 617 -65.97 20.41 -46.16
C LEU C 617 -66.17 18.98 -45.69
N ARG C 618 -65.18 18.14 -45.96
CA ARG C 618 -65.24 16.74 -45.57
C ARG C 618 -63.82 16.20 -45.44
N TRP C 619 -63.66 15.19 -44.59
CA TRP C 619 -62.37 14.54 -44.38
C TRP C 619 -62.61 13.07 -44.12
N PRO C 620 -61.68 12.19 -44.48
CA PRO C 620 -61.88 10.75 -44.25
C PRO C 620 -61.89 10.43 -42.77
N ASP C 621 -62.28 9.19 -42.48
CA ASP C 621 -62.39 8.74 -41.10
C ASP C 621 -61.02 8.65 -40.45
N TYR C 622 -60.95 9.08 -39.19
CA TYR C 622 -59.70 9.05 -38.44
C TYR C 622 -59.47 7.67 -37.83
N ASP C 623 -58.23 7.46 -37.38
CA ASP C 623 -57.85 6.21 -36.73
C ASP C 623 -58.08 6.33 -35.23
N SER C 624 -59.16 5.72 -34.74
CA SER C 624 -59.50 5.75 -33.33
C SER C 624 -58.70 4.75 -32.50
N ASP C 625 -57.75 4.04 -33.12
CA ASP C 625 -56.95 3.04 -32.42
C ASP C 625 -55.48 3.42 -32.30
N PHE C 626 -54.98 4.33 -33.14
CA PHE C 626 -53.58 4.74 -33.13
C PHE C 626 -53.46 6.23 -32.79
N GLN C 627 -54.24 6.67 -31.80
CA GLN C 627 -54.25 8.06 -31.36
C GLN C 627 -53.82 8.15 -29.90
N ALA C 628 -53.62 9.38 -29.44
CA ALA C 628 -53.20 9.65 -28.07
C ALA C 628 -54.37 9.85 -27.12
N GLY C 629 -55.60 9.78 -27.60
CA GLY C 629 -56.75 9.97 -26.74
C GLY C 629 -58.03 9.88 -27.54
N PHE C 630 -59.11 9.61 -26.83
CA PHE C 630 -60.42 9.47 -27.47
C PHE C 630 -60.87 10.83 -28.02
N ILE C 631 -61.15 10.87 -29.32
CA ILE C 631 -61.55 12.11 -29.98
C ILE C 631 -63.03 12.36 -29.68
N LYS C 632 -63.33 13.55 -29.16
CA LYS C 632 -64.70 13.93 -28.86
C LYS C 632 -65.38 14.70 -29.99
N GLY C 633 -64.60 15.27 -30.90
CA GLY C 633 -65.15 16.02 -32.01
C GLY C 633 -64.10 16.70 -32.86
N TYR C 634 -64.45 17.83 -33.45
CA TYR C 634 -63.52 18.58 -34.29
C TYR C 634 -63.72 20.08 -34.06
N LEU C 635 -62.62 20.83 -34.07
CA LEU C 635 -62.64 22.27 -33.93
C LEU C 635 -62.09 22.89 -35.20
N VAL C 636 -62.94 23.57 -35.95
CA VAL C 636 -62.55 24.24 -37.18
C VAL C 636 -62.42 25.74 -36.89
N TYR C 637 -61.55 26.40 -37.65
CA TYR C 637 -61.33 27.84 -37.51
C TYR C 637 -61.26 28.44 -38.90
N VAL C 638 -62.29 29.18 -39.27
CA VAL C 638 -62.35 29.83 -40.57
C VAL C 638 -61.81 31.25 -40.45
N LYS C 639 -61.23 31.74 -41.54
CA LYS C 639 -60.65 33.08 -41.58
C LYS C 639 -61.11 33.77 -42.84
N SER C 640 -61.61 35.00 -42.70
CA SER C 640 -62.11 35.76 -43.84
C SER C 640 -61.85 37.25 -43.58
N LYS C 641 -62.27 38.08 -44.53
CA LYS C 641 -62.09 39.52 -44.45
C LYS C 641 -63.39 40.28 -44.18
N GLU C 642 -64.54 39.71 -44.50
CA GLU C 642 -65.82 40.38 -44.32
C GLU C 642 -66.89 39.53 -43.66
N MET C 643 -66.78 38.21 -43.65
CA MET C 643 -67.81 37.35 -43.09
C MET C 643 -67.94 37.59 -41.58
N GLN C 644 -69.17 37.43 -41.09
CA GLN C 644 -69.48 37.57 -39.68
C GLN C 644 -69.76 36.20 -39.08
N CYS C 645 -69.53 36.08 -37.78
CA CYS C 645 -69.71 34.82 -37.06
C CYS C 645 -71.16 34.72 -36.58
N ASN C 646 -71.98 34.04 -37.37
CA ASN C 646 -73.37 33.81 -37.00
C ASN C 646 -73.46 32.67 -35.99
N GLN C 647 -74.46 32.76 -35.11
CA GLN C 647 -74.64 31.73 -34.09
C GLN C 647 -74.85 30.37 -34.73
N PRO C 648 -74.37 29.29 -34.08
CA PRO C 648 -73.66 29.31 -32.79
C PRO C 648 -72.14 29.32 -32.93
N TRP C 649 -71.59 30.17 -33.79
CA TRP C 649 -70.15 30.28 -33.96
C TRP C 649 -69.61 31.38 -33.06
N GLU C 650 -68.59 31.04 -32.28
CA GLU C 650 -67.96 32.01 -31.37
C GLU C 650 -67.07 32.96 -32.16
N ARG C 651 -67.23 34.25 -31.92
CA ARG C 651 -66.45 35.28 -32.59
C ARG C 651 -65.26 35.67 -31.73
N THR C 652 -64.09 35.74 -32.35
CA THR C 652 -62.87 36.15 -31.66
C THR C 652 -62.08 37.08 -32.58
N LEU C 653 -61.77 38.27 -32.09
CA LEU C 653 -61.09 39.28 -32.89
C LEU C 653 -59.60 39.00 -32.96
N LEU C 654 -59.00 39.40 -34.08
CA LEU C 654 -57.56 39.26 -34.32
C LEU C 654 -56.94 40.63 -34.53
N PRO C 655 -55.73 40.87 -34.00
CA PRO C 655 -55.10 42.18 -34.18
C PRO C 655 -54.78 42.53 -35.64
N ASP C 656 -54.91 41.58 -36.57
CA ASP C 656 -54.64 41.83 -37.98
C ASP C 656 -55.87 42.36 -38.71
N ASN C 657 -56.83 42.93 -37.99
CA ASN C 657 -58.05 43.50 -38.59
C ASN C 657 -58.81 42.44 -39.39
N SER C 658 -59.01 41.27 -38.80
CA SER C 658 -59.70 40.15 -39.44
C SER C 658 -60.80 39.64 -38.52
N VAL C 659 -61.39 38.52 -38.91
CA VAL C 659 -62.47 37.88 -38.18
C VAL C 659 -62.16 36.39 -38.05
N LEU C 660 -62.45 35.82 -36.88
CA LEU C 660 -62.19 34.42 -36.59
C LEU C 660 -63.41 33.82 -35.92
N CYS C 661 -64.05 32.86 -36.59
CA CYS C 661 -65.21 32.16 -36.07
C CYS C 661 -64.83 30.74 -35.67
N LYS C 662 -65.35 30.30 -34.52
CA LYS C 662 -65.04 28.99 -33.97
C LYS C 662 -66.29 28.12 -33.98
N TYR C 663 -66.11 26.86 -34.36
CA TYR C 663 -67.20 25.88 -34.41
C TYR C 663 -66.73 24.61 -33.71
N ASP C 664 -67.44 24.23 -32.65
CA ASP C 664 -67.15 22.99 -31.93
C ASP C 664 -68.10 21.93 -32.48
N ILE C 665 -67.55 21.02 -33.30
CA ILE C 665 -68.35 19.94 -33.89
C ILE C 665 -68.60 18.90 -32.80
N ASN C 666 -69.79 18.93 -32.23
CA ASN C 666 -70.15 18.00 -31.16
C ASN C 666 -70.42 16.63 -31.78
N GLY C 667 -69.56 15.66 -31.46
CA GLY C 667 -69.69 14.32 -32.01
C GLY C 667 -68.57 13.97 -32.96
N SER C 668 -67.92 12.83 -32.70
CA SER C 668 -66.82 12.36 -33.54
C SER C 668 -67.28 11.50 -34.71
N GLU C 669 -68.59 11.47 -34.98
CA GLU C 669 -69.14 10.68 -36.08
C GLU C 669 -69.25 11.49 -37.36
N THR C 670 -69.96 12.61 -37.32
CA THR C 670 -70.15 13.42 -38.51
C THR C 670 -68.83 14.03 -38.97
N LYS C 671 -68.58 13.98 -40.27
CA LYS C 671 -67.36 14.53 -40.86
C LYS C 671 -67.66 15.56 -41.94
N THR C 672 -68.89 16.04 -42.04
CA THR C 672 -69.30 16.98 -43.08
C THR C 672 -69.96 18.18 -42.42
N LEU C 673 -69.55 19.38 -42.82
CA LEU C 673 -70.10 20.62 -42.31
C LEU C 673 -70.17 21.65 -43.42
N THR C 674 -71.23 22.46 -43.41
CA THR C 674 -71.44 23.50 -44.40
C THR C 674 -71.65 24.83 -43.70
N VAL C 675 -70.84 25.82 -44.04
CA VAL C 675 -70.93 27.16 -43.48
C VAL C 675 -71.55 28.08 -44.54
N GLU C 676 -72.39 29.01 -44.10
CA GLU C 676 -73.12 29.90 -44.98
C GLU C 676 -72.70 31.35 -44.72
N ASN C 677 -73.42 32.28 -45.36
CA ASN C 677 -73.15 33.72 -45.29
C ASN C 677 -71.75 34.03 -45.84
N LEU C 678 -71.58 33.73 -47.12
CA LEU C 678 -70.35 34.03 -47.84
C LEU C 678 -70.67 34.90 -49.06
N GLN C 679 -69.67 35.70 -49.46
CA GLN C 679 -69.83 36.52 -50.65
C GLN C 679 -68.90 36.03 -51.76
N PRO C 680 -69.34 36.06 -53.01
CA PRO C 680 -68.54 35.51 -54.11
C PRO C 680 -67.41 36.45 -54.50
N GLU C 681 -66.48 35.91 -55.30
CA GLU C 681 -65.27 36.62 -55.72
C GLU C 681 -64.52 37.18 -54.52
N SER C 682 -64.30 36.31 -53.52
CA SER C 682 -63.66 36.69 -52.28
C SER C 682 -62.52 35.73 -51.98
N LEU C 683 -61.87 35.94 -50.84
CA LEU C 683 -60.77 35.10 -50.37
C LEU C 683 -61.15 34.51 -49.01
N TYR C 684 -60.80 33.23 -48.81
CA TYR C 684 -61.14 32.53 -47.58
C TYR C 684 -60.01 31.60 -47.19
N GLU C 685 -59.75 31.52 -45.89
CA GLU C 685 -58.74 30.63 -45.33
C GLU C 685 -59.35 29.84 -44.18
N PHE C 686 -58.90 28.61 -44.01
CA PHE C 686 -59.44 27.74 -42.96
C PHE C 686 -58.46 26.60 -42.72
N PHE C 687 -58.66 25.91 -41.59
CA PHE C 687 -57.89 24.73 -41.27
C PHE C 687 -58.67 23.92 -40.23
N VAL C 688 -58.54 22.60 -40.32
CA VAL C 688 -59.28 21.68 -39.47
C VAL C 688 -58.30 20.96 -38.55
N THR C 689 -58.77 20.64 -37.34
CA THR C 689 -57.98 19.90 -36.37
C THR C 689 -58.91 19.28 -35.34
N PRO C 690 -58.62 18.08 -34.85
CA PRO C 690 -59.46 17.47 -33.81
C PRO C 690 -59.06 18.00 -32.43
N TYR C 691 -59.71 17.44 -31.41
CA TYR C 691 -59.44 17.84 -30.03
C TYR C 691 -59.76 16.68 -29.10
N THR C 692 -59.01 16.61 -28.00
CA THR C 692 -59.20 15.60 -26.97
C THR C 692 -59.61 16.29 -25.67
N SER C 693 -59.70 15.51 -24.59
CA SER C 693 -60.05 16.06 -23.29
C SER C 693 -58.98 16.99 -22.74
N ALA C 694 -57.76 16.92 -23.27
CA ALA C 694 -56.68 17.78 -22.81
C ALA C 694 -56.59 19.09 -23.58
N GLY C 695 -56.98 19.08 -24.86
CA GLY C 695 -56.94 20.27 -25.67
C GLY C 695 -56.93 19.97 -27.15
N PRO C 696 -56.97 21.02 -27.97
CA PRO C 696 -56.97 20.82 -29.43
C PRO C 696 -55.59 20.41 -29.93
N GLY C 697 -55.55 20.01 -31.19
CA GLY C 697 -54.33 19.58 -31.83
C GLY C 697 -53.41 20.74 -32.15
N PRO C 698 -52.34 20.48 -32.90
CA PRO C 698 -51.40 21.54 -33.25
C PRO C 698 -51.98 22.49 -34.27
N ASN C 699 -51.62 23.76 -34.14
CA ASN C 699 -52.08 24.80 -35.06
C ASN C 699 -51.34 24.66 -36.38
N GLU C 700 -52.05 24.27 -37.44
CA GLU C 700 -51.46 24.10 -38.75
C GLU C 700 -51.73 25.33 -39.62
N THR C 701 -51.20 25.30 -40.84
CA THR C 701 -51.40 26.40 -41.77
C THR C 701 -52.83 26.41 -42.30
N PHE C 702 -53.21 27.53 -42.91
CA PHE C 702 -54.55 27.70 -43.45
C PHE C 702 -54.58 27.16 -44.89
N THR C 703 -55.61 26.36 -45.19
CA THR C 703 -55.75 25.82 -46.52
C THR C 703 -56.18 26.90 -47.49
N LYS C 704 -55.51 26.97 -48.64
CA LYS C 704 -55.78 27.99 -49.65
C LYS C 704 -56.92 27.53 -50.55
N VAL C 705 -58.07 28.21 -50.44
CA VAL C 705 -59.23 27.93 -51.28
C VAL C 705 -59.73 29.24 -51.86
N THR C 706 -60.28 29.17 -53.07
CA THR C 706 -60.80 30.34 -53.77
C THR C 706 -62.26 30.09 -54.12
N THR C 707 -63.14 30.97 -53.65
CA THR C 707 -64.57 30.85 -53.92
C THR C 707 -64.92 31.67 -55.16
N PRO C 708 -65.53 31.05 -56.18
CA PRO C 708 -65.91 31.77 -57.40
C PRO C 708 -67.10 32.71 -57.19
C1 NAG D . 18.32 -68.44 -2.22
C2 NAG D . 19.20 -68.65 -0.98
C3 NAG D . 20.25 -67.54 -0.86
C4 NAG D . 19.62 -66.15 -0.85
C5 NAG D . 18.43 -66.11 -1.81
C6 NAG D . 18.36 -64.81 -2.59
C7 NAG D . 18.35 -69.80 1.02
C8 NAG D . 17.46 -69.70 2.22
N2 NAG D . 18.39 -68.72 0.23
O3 NAG D . 21.17 -67.65 -1.94
O4 NAG D . 19.19 -65.82 0.45
O5 NAG D . 18.57 -67.15 -2.77
O6 NAG D . 18.04 -65.04 -3.95
O7 NAG D . 18.99 -70.81 0.77
C1 NAG D . 20.32 -65.36 1.20
C2 NAG D . 20.06 -63.92 1.68
C3 NAG D . 21.22 -63.41 2.53
C4 NAG D . 21.51 -64.39 3.66
C5 NAG D . 21.73 -65.79 3.10
C6 NAG D . 21.92 -66.84 4.19
C7 NAG D . 20.69 -62.77 -0.42
C8 NAG D . 20.23 -61.81 -1.48
N2 NAG D . 19.80 -63.03 0.55
O3 NAG D . 20.89 -62.14 3.06
O4 NAG D . 22.68 -63.99 4.36
O5 NAG D . 20.58 -66.20 2.34
O6 NAG D . 21.68 -66.30 5.47
O7 NAG D . 21.80 -63.28 -0.46
C1 NAG E . -22.09 30.69 -56.92
C2 NAG E . -21.68 29.75 -58.04
C3 NAG E . -21.77 28.30 -57.57
C4 NAG E . -20.97 28.10 -56.29
C5 NAG E . -21.39 29.14 -55.24
C6 NAG E . -20.52 29.09 -54.00
C7 NAG E . -22.01 30.32 -60.41
C8 NAG E . -23.01 30.49 -61.52
N2 NAG E . -22.51 29.96 -59.22
O3 NAG E . -21.27 27.44 -58.59
O4 NAG E . -21.22 26.80 -55.77
O5 NAG E . -21.26 30.46 -55.78
O6 NAG E . -19.86 30.33 -53.77
O7 NAG E . -20.81 30.51 -60.58
C1 NAG E . -20.01 26.00 -55.83
C2 NAG E . -20.37 24.58 -55.41
C3 NAG E . -19.75 23.56 -56.37
C4 NAG E . -18.31 23.91 -56.71
C5 NAG E . -18.19 25.36 -57.17
C6 NAG E . -17.68 25.50 -58.59
C7 NAG E . -20.68 24.65 -52.97
C8 NAG E . -20.09 24.31 -51.63
N2 NAG E . -19.95 24.33 -54.04
O3 NAG E . -20.54 23.50 -57.55
O4 NAG E . -17.47 23.71 -55.58
O5 NAG E . -19.47 26.00 -57.13
O6 NAG E . -17.42 26.85 -58.93
O7 NAG E . -21.77 25.20 -53.08
C1 NAG F . 18.86 -54.50 -19.34
C2 NAG F . 18.09 -55.81 -19.58
C3 NAG F . 17.11 -55.66 -20.75
C4 NAG F . 17.77 -55.06 -21.97
C5 NAG F . 18.59 -53.83 -21.60
C6 NAG F . 18.22 -52.60 -22.41
C7 NAG F . 18.95 -58.07 -19.15
C8 NAG F . 19.97 -59.09 -19.53
N2 NAG F . 19.01 -56.91 -19.82
O3 NAG F . 16.01 -54.84 -20.33
O4 NAG F . 18.63 -56.02 -22.58
O5 NAG F . 18.36 -53.50 -20.23
O6 NAG F . 19.36 -52.03 -23.03
O7 NAG F . 18.12 -58.27 -18.28
C1 NAG F . 17.97 -56.63 -23.72
C2 NAG F . 17.76 -58.11 -23.41
C3 NAG F . 17.02 -58.79 -24.56
C4 NAG F . 15.73 -58.04 -24.88
C5 NAG F . 16.02 -56.57 -25.13
C6 NAG F . 14.78 -55.75 -25.35
C7 NAG F . 20.04 -58.89 -23.99
C8 NAG F . 21.24 -59.63 -23.49
N2 NAG F . 19.01 -58.78 -23.13
O3 NAG F . 16.73 -60.13 -24.20
O4 NAG F . 15.13 -58.61 -26.04
O5 NAG F . 16.71 -56.01 -24.00
O6 NAG F . 14.06 -55.57 -24.13
O7 NAG F . 19.99 -58.42 -25.12
C1 NAG G . 23.55 -16.56 -14.96
C2 NAG G . 23.38 -15.50 -16.04
C3 NAG G . 22.05 -14.76 -15.88
C4 NAG G . 21.83 -14.32 -14.43
C5 NAG G . 22.11 -15.45 -13.46
C6 NAG G . 20.95 -15.75 -12.54
C7 NAG G . 25.37 -14.48 -17.05
C8 NAG G . 26.45 -13.46 -16.89
N2 NAG G . 24.49 -14.57 -16.05
O3 NAG G . 20.99 -15.60 -16.29
O4 NAG G . 22.69 -13.22 -14.13
O5 NAG G . 22.37 -16.66 -14.19
O6 NAG G . 21.32 -15.61 -11.18
O7 NAG G . 25.29 -15.18 -18.05
C1 NAG G . 21.89 -12.10 -13.66
C2 NAG G . 21.34 -11.34 -14.87
C3 NAG G . 20.47 -10.18 -14.41
C4 NAG G . 19.38 -10.66 -13.46
C5 NAG G . 20.02 -11.45 -12.31
C6 NAG G . 18.99 -12.07 -11.39
C7 NAG G . 23.38 -10.01 -15.37
C8 NAG G . 24.39 -9.65 -16.42
N2 NAG G . 22.42 -10.87 -15.74
O3 NAG G . 19.86 -9.56 -15.55
O4 NAG G . 18.66 -9.57 -12.94
O5 NAG G . 20.81 -12.53 -12.82
O6 NAG G . 18.69 -13.40 -11.75
O7 NAG G . 23.44 -9.53 -14.23
C1 NAG H . 7.74 -75.00 -2.88
C2 NAG H . 6.70 -75.91 -2.21
C3 NAG H . 5.56 -76.24 -3.18
C4 NAG H . 6.09 -76.61 -4.57
C5 NAG H . 7.09 -75.58 -5.08
C6 NAG H . 6.66 -74.93 -6.37
C7 NAG H . 6.86 -77.76 -0.61
C8 NAG H . 7.60 -79.01 -0.22
N2 NAG H . 7.30 -77.13 -1.70
O3 NAG H . 4.68 -75.12 -3.28
O4 NAG H . 6.72 -77.88 -4.51
O5 NAG H . 7.23 -74.52 -4.11
O6 NAG H . 7.73 -74.88 -7.31
O7 NAG H . 5.90 -77.36 0.04
C1 NAG H . 5.79 -78.88 -5.02
C2 NAG H . 6.54 -79.81 -5.97
C3 NAG H . 5.62 -80.91 -6.48
C4 NAG H . 4.95 -81.62 -5.31
C5 NAG H . 4.26 -80.62 -4.39
C6 NAG H . 3.68 -81.26 -3.14
C7 NAG H . 6.45 -78.37 -7.99
C8 NAG H . 7.26 -77.69 -9.04
N2 NAG H . 7.14 -79.08 -7.08
O3 NAG H . 6.35 -81.83 -7.26
O4 NAG H . 3.98 -82.55 -5.79
O5 NAG H . 5.21 -79.64 -3.95
O6 NAG H . 4.49 -80.98 -2.01
O7 NAG H . 5.22 -78.27 -7.95
C1 NAG I . 43.89 5.73 74.15
C2 NAG I . 44.00 6.36 72.77
C3 NAG I . 42.66 6.97 72.34
C4 NAG I . 41.98 7.73 73.48
C5 NAG I . 41.95 6.90 74.76
C6 NAG I . 40.54 6.66 75.27
C7 NAG I . 45.63 7.79 71.61
C8 NAG I . 46.69 8.84 71.78
N2 NAG I . 45.04 7.38 72.74
O3 NAG I . 41.79 5.93 71.87
O4 NAG I . 42.68 8.95 73.73
O5 NAG I . 42.53 5.61 74.52
O6 NAG I . 39.59 6.75 74.22
O7 NAG I . 45.33 7.33 70.51
C1 NAG I . 42.20 9.96 72.82
C2 NAG I . 41.59 11.11 73.63
C3 NAG I . 41.13 12.24 72.71
C4 NAG I . 42.28 12.67 71.80
C5 NAG I . 42.85 11.46 71.06
C6 NAG I . 44.06 11.79 70.22
C7 NAG I . 39.34 10.11 74.00
C8 NAG I . 38.33 9.70 75.02
N2 NAG I . 40.48 10.65 74.47
O3 NAG I . 40.69 13.34 73.50
O4 NAG I . 41.82 13.63 70.86
O5 NAG I . 43.26 10.46 72.00
O6 NAG I . 44.39 13.17 70.32
O7 NAG I . 39.14 9.96 72.79
C1 NAG J . 24.83 6.42 56.14
C2 NAG J . 23.55 5.90 56.83
C3 NAG J . 23.45 6.41 58.28
C4 NAG J . 23.52 7.92 58.36
C5 NAG J . 24.42 8.48 57.26
C6 NAG J . 25.19 9.70 57.70
C7 NAG J . 21.65 5.41 55.36
C8 NAG J . 20.46 5.97 54.64
N2 NAG J . 22.36 6.28 56.08
O3 NAG J . 24.50 5.83 59.05
O4 NAG J . 22.22 8.49 58.24
O5 NAG J . 25.39 7.48 56.91
O6 NAG J . 26.20 9.37 58.65
O7 NAG J . 21.95 4.22 55.29
C1 NAG J . 21.54 8.33 59.50
C2 NAG J . 21.30 9.72 60.11
C3 NAG J . 20.51 9.59 61.41
C4 NAG J . 19.23 8.79 61.19
C5 NAG J . 19.56 7.45 60.54
C6 NAG J . 18.33 6.66 60.19
C7 NAG J . 23.53 10.02 61.14
C8 NAG J . 24.74 10.91 61.22
N2 NAG J . 22.55 10.43 60.33
O3 NAG J . 20.19 10.90 61.90
O4 NAG J . 18.57 8.57 62.43
O5 NAG J . 20.28 7.66 59.33
O6 NAG J . 17.48 7.38 59.31
O7 NAG J . 23.46 8.97 61.77
C1 NAG K . 22.17 -19.72 40.77
C2 NAG K . 22.87 -20.38 41.96
C3 NAG K . 23.24 -21.84 41.65
C4 NAG K . 24.03 -21.96 40.34
C5 NAG K . 23.45 -21.02 39.29
C6 NAG K . 23.32 -21.67 37.93
C7 NAG K . 24.02 -18.62 43.24
C8 NAG K . 25.33 -17.96 43.53
N2 NAG K . 24.05 -19.63 42.36
O3 NAG K . 22.06 -22.62 41.58
O4 NAG K . 25.40 -21.65 40.57
O5 NAG K . 22.15 -20.61 39.68
O6 NAG K . 22.39 -22.73 37.95
O7 NAG K . 22.97 -18.28 43.78
C1 NAG K . 26.05 -22.82 41.10
C2 NAG K . 27.13 -23.29 40.12
C3 NAG K . 27.89 -24.48 40.69
C4 NAG K . 28.42 -24.16 42.08
C5 NAG K . 27.29 -23.66 42.97
C6 NAG K . 27.77 -23.23 44.33
C7 NAG K . 25.65 -24.57 38.59
C8 NAG K . 25.21 -24.73 37.17
N2 NAG K . 26.56 -23.60 38.81
O3 NAG K . 28.97 -24.82 39.81
O4 NAG K . 29.00 -25.32 42.65
O5 NAG K . 26.65 -22.53 42.38
O6 NAG K . 28.60 -22.07 44.25
O7 NAG K . 25.21 -25.27 39.50
C1 NAG L . 1.18 -22.41 51.06
C2 NAG L . 1.36 -23.17 52.37
C3 NAG L . 2.78 -22.98 52.92
C4 NAG L . 3.17 -21.50 52.97
C5 NAG L . 2.76 -20.79 51.69
C6 NAG L . 3.89 -19.97 51.09
C7 NAG L . -0.71 -23.48 53.66
C8 NAG L . -1.62 -22.90 54.70
N2 NAG L . 0.37 -22.75 53.36
O3 NAG L . 3.70 -23.69 52.11
O4 NAG L . 2.54 -20.88 54.09
O5 NAG L . 2.38 -21.75 50.71
O6 NAG L . 4.83 -20.80 50.44
O7 NAG L . -0.94 -24.56 53.12
C1 NAG L . 3.31 -21.16 55.27
C2 NAG L . 3.77 -19.84 55.90
C3 NAG L . 4.52 -20.10 57.19
C4 NAG L . 3.70 -20.98 58.13
C5 NAG L . 3.26 -22.24 57.41
C6 NAG L . 2.34 -23.11 58.25
C7 NAG L . 5.73 -19.45 54.45
C8 NAG L . 6.39 -18.48 53.52
N2 NAG L . 4.56 -19.06 54.97
O3 NAG L . 4.83 -18.86 57.83
O4 NAG L . 4.46 -21.32 59.28
O5 NAG L . 2.54 -21.90 56.23
O6 NAG L . 1.33 -22.33 58.88
O7 NAG L . 6.23 -20.54 54.73
C1 NAG M . -10.35 -26.07 43.81
C2 NAG M . -11.54 -25.62 44.66
C3 NAG M . -12.68 -26.65 44.62
C4 NAG M . -12.14 -28.08 44.75
C5 NAG M . -11.00 -28.33 43.79
C6 NAG M . -11.29 -29.45 42.81
C7 NAG M . -11.63 -24.36 46.78
C8 NAG M . -11.10 -24.24 48.17
N2 NAG M . -11.13 -25.36 46.04
O3 NAG M . -13.40 -26.50 43.40
O4 NAG M . -11.70 -28.32 46.08
O5 NAG M . -10.74 -27.16 43.01
O6 NAG M . -11.57 -28.95 41.51
O7 NAG M . -12.47 -23.59 46.33
C1 NAG M . -12.84 -28.61 46.91
C2 NAG M . -12.78 -30.09 47.35
C3 NAG M . -13.94 -30.41 48.29
C4 NAG M . -13.98 -29.42 49.44
C5 NAG M . -14.00 -27.99 48.91
C6 NAG M . -13.92 -26.95 50.02
C7 NAG M . -13.75 -31.09 45.30
C8 NAG M . -13.54 -32.09 44.21
N2 NAG M . -12.76 -30.99 46.21
O3 NAG M . -13.79 -31.73 48.78
O4 NAG M . -15.14 -29.65 50.23
O5 NAG M . -12.87 -27.76 48.06
O6 NAG M . -13.11 -27.39 51.09
O7 NAG M . -14.77 -30.42 45.37
C1 NAG N . -25.61 -35.32 12.25
C2 NAG N . -25.26 -36.68 11.61
C3 NAG N . -24.85 -37.71 12.68
C4 NAG N . -25.55 -37.45 14.01
C5 NAG N . -26.89 -36.79 13.77
C6 NAG N . -27.71 -36.63 15.02
C7 NAG N . -26.14 -38.04 9.77
C8 NAG N . -27.37 -38.45 9.03
N2 NAG N . -26.34 -37.18 10.78
O3 NAG N . -23.44 -37.67 12.84
O4 NAG N . -25.77 -38.66 14.71
O5 NAG N . -26.70 -35.48 13.22
O6 NAG N . -26.91 -36.74 16.18
O7 NAG N . -25.03 -38.45 9.48
C1 NAG N . -24.55 -39.26 15.21
C2 NAG N . -24.72 -39.61 16.69
C3 NAG N . -23.48 -40.32 17.21
C4 NAG N . -23.14 -41.52 16.33
C5 NAG N . -23.02 -41.07 14.88
C6 NAG N . -22.78 -42.22 13.93
C7 NAG N . -24.20 -37.39 17.64
C8 NAG N . -24.70 -36.28 18.52
N2 NAG N . -25.02 -38.44 17.49
O3 NAG N . -23.72 -40.77 18.55
O4 NAG N . -21.90 -42.10 16.75
O5 NAG N . -24.23 -40.43 14.46
O6 NAG N . -23.62 -43.32 14.22
O7 NAG N . -23.10 -37.33 17.09
C1 NAG O . 19.04 14.28 7.42
C2 NAG O . 19.92 14.59 8.63
C3 NAG O . 19.09 15.20 9.76
C4 NAG O . 17.76 14.47 9.94
C5 NAG O . 17.01 14.34 8.62
C6 NAG O . 15.69 15.05 8.61
C7 NAG O . 21.94 13.23 8.96
C8 NAG O . 22.49 11.94 9.49
N2 NAG O . 20.62 13.41 9.09
O3 NAG O . 18.85 16.58 9.49
O4 NAG O . 17.99 13.18 10.48
O5 NAG O . 17.79 14.93 7.56
O6 NAG O . 15.34 15.51 7.32
O7 NAG O . 22.66 14.08 8.44
C1 NAG P . 18.11 -33.04 2.47
C2 NAG P . 18.62 -34.34 3.08
C3 NAG P . 17.51 -35.05 3.86
C4 NAG P . 16.89 -34.09 4.87
C5 NAG P . 16.45 -32.80 4.20
C6 NAG P . 15.93 -31.78 5.17
C7 NAG P . 18.49 -35.73 1.04
C8 NAG P . 19.26 -36.62 0.11
N2 NAG P . 19.18 -35.22 2.07
O3 NAG P . 18.04 -36.20 4.52
O4 NAG P . 15.77 -34.71 5.50
O5 NAG P . 17.56 -32.21 3.50
O6 NAG P . 15.42 -30.64 4.50
O7 NAG P . 17.31 -35.49 0.86
C1 NAG Q . -5.41 67.04 -18.83
C2 NAG Q . -6.64 66.48 -18.12
C3 NAG Q . -7.62 67.62 -17.76
C4 NAG Q . -7.85 68.56 -18.94
C5 NAG Q . -6.53 69.00 -19.56
C6 NAG Q . -6.35 70.50 -19.57
C7 NAG Q . -8.11 64.54 -18.46
C8 NAG Q . -8.71 63.59 -19.45
N2 NAG Q . -7.31 65.49 -18.95
O3 NAG Q . -7.10 68.34 -16.65
O4 NAG Q . -8.64 67.91 -19.94
O5 NAG Q . -5.44 68.46 -18.81
O6 NAG Q . -7.49 71.16 -20.09
O7 NAG Q . -8.34 64.45 -17.25
C1 NAG R . 28.98 -17.16 64.79
C2 NAG R . 27.52 -17.58 64.89
C3 NAG R . 27.21 -18.68 63.88
C4 NAG R . 28.32 -19.73 63.82
C5 NAG R . 29.68 -19.08 63.61
C6 NAG R . 30.33 -19.47 62.30
C7 NAG R . 26.43 -17.29 67.07
C8 NAG R . 26.18 -17.89 68.42
N2 NAG R . 27.19 -18.01 66.23
O3 NAG R . 27.01 -18.11 62.59
O4 NAG R . 28.34 -20.48 65.02
O5 NAG R . 29.54 -17.66 63.59
O6 NAG R . 30.12 -18.48 61.31
O7 NAG R . 25.96 -16.20 66.75
C1 NAG S . 38.08 -9.96 91.69
C2 NAG S . 39.33 -9.23 92.20
C3 NAG S . 38.95 -8.20 93.28
C4 NAG S . 37.98 -8.80 94.30
C5 NAG S . 36.81 -9.47 93.62
C6 NAG S . 35.48 -8.87 94.00
C7 NAG S . 41.51 -10.34 92.13
C8 NAG S . 42.40 -11.35 92.78
N2 NAG S . 40.32 -10.17 92.70
O3 NAG S . 38.38 -7.05 92.67
O4 NAG S . 38.66 -9.74 95.12
O5 NAG S . 36.92 -9.33 92.19
O6 NAG S . 34.70 -8.52 92.86
O7 NAG S . 41.86 -9.71 91.14
C1 NAG T . -0.22 -7.19 35.17
C2 NAG T . 0.15 -5.95 36.00
C3 NAG T . 1.21 -5.12 35.29
C4 NAG T . 1.11 -5.23 33.77
C5 NAG T . 1.10 -6.68 33.29
C6 NAG T . 2.40 -7.10 32.63
C7 NAG T . -1.13 -4.36 37.36
C8 NAG T . -2.40 -3.60 37.50
N2 NAG T . -1.03 -5.16 36.28
O3 NAG T . 2.51 -5.54 35.72
O4 NAG T . -0.07 -4.58 33.31
O5 NAG T . 0.89 -7.57 34.39
O6 NAG T . 2.21 -7.49 31.28
O7 NAG T . -0.22 -4.26 38.18
C1 NAG U . -25.16 -18.49 25.81
C2 NAG U . -25.89 -17.45 24.96
C3 NAG U . -26.61 -16.42 25.84
C4 NAG U . -25.66 -15.84 26.90
C5 NAG U . -24.86 -16.94 27.57
C6 NAG U . -24.92 -16.88 29.08
C7 NAG U . -25.37 -16.22 22.90
C8 NAG U . -24.28 -15.58 22.08
N2 NAG U . -24.97 -16.79 24.04
O3 NAG U . -27.71 -17.04 26.48
O4 NAG U . -24.76 -14.92 26.28
O5 NAG U . -25.37 -18.22 27.18
O6 NAG U . -25.91 -17.77 29.59
O7 NAG U . -26.54 -16.22 22.54
#